data_5C6G
#
_entry.id   5C6G
#
_cell.length_a   112.240
_cell.length_b   88.810
_cell.length_c   116.000
_cell.angle_alpha   90.00
_cell.angle_beta   118.49
_cell.angle_gamma   90.00
#
_symmetry.space_group_name_H-M   'P 1 21 1'
#
loop_
_entity.id
_entity.type
_entity.pdbx_description
1 polymer AGR133Cp
2 polymer 'Sister chromatid cohesion protein 2'
3 water water
#
loop_
_entity_poly.entity_id
_entity_poly.type
_entity_poly.pdbx_seq_one_letter_code
_entity_poly.pdbx_strand_id
1 'polypeptide(L)'
;MVMAVNLHKHQKNLVYRLSQQYLAAARDLAADVRSEKQLQQYYTLVRQCVHGLRYVKDGFQLTVEEDIQVTLQLARVLLE
ETHEVELAEQYLGSLRTRLRTTPLTDARHAVEFQLLYDVPLAKEDRAELRQVVRHTTGLLEELADSDAWAWLFRYCRIIG
LEAGGARSNSAVLQEYLKLLQLVSAGPVGLHAFVLCSCVAFILDRVVELDRSLLTQLRALRKAGTAIPLQLQMWSLLLDL
LVAIQLDENIMDLLTDFKDFFSTHKDALKDGDDTVVLSIKEGVNVRLFVPLFNYHDCKNILLLFQSVSYLTTCYSKSSNF
STKFLPKVLKTSQELKETLQKRTSLVHVQSIRNIYDKVVDLCRFYQTWESLILSERVEGGIPRLQYSEYNILLEAISSQQ
AQQADLSHVGRLYSTLTKSKDPELRLIGIAHLYTLIVAELSSCSEGPEGISELTQKTTDAWEQLQHAYLSSSLVQNNVWK
CSVAILWAISRFEPFSGHPIHSSSNDQQTLYMQQLNEFFTDNALVGTPEAVPAKDFKLKKSLLLHFLLNYLGGTMLVSDV
QKRCDISSSCFQMGKQQYMPGMRYVAGIWHLMNSTVAMKTKEVAITRAKLEGLVDKMLNS
;
A,C
2 'polypeptide(L)'
;MSTFPGEDTRIPKRISEALSHQPLNHLVPKRELSRLLSKPVQISVQLESEDAFEEVPEELWQYPHPIDLDPLRLEESQPL
RFRRPRGARLDYREDSSEIADLPGMGQLARACLSGTQLVDSAAIVESIESNAKKRKQTLAIGDVEMVSPDKKTKVMASVS
PVSLNRVALGSQHLKTLERLMQYIGADESSAEFGDFEYWITLEDRATHILSEQCIDKL
;
B,D
#
# COMPACT_ATOMS: atom_id res chain seq x y z
N MET A 1 2.67 -37.72 -38.89
CA MET A 1 2.14 -36.49 -38.30
C MET A 1 1.71 -36.77 -36.85
N VAL A 2 1.90 -38.02 -36.40
CA VAL A 2 1.49 -38.41 -35.04
C VAL A 2 2.20 -37.61 -33.94
N MET A 3 3.47 -37.29 -34.15
CA MET A 3 4.23 -36.50 -33.23
C MET A 3 3.58 -35.12 -32.99
N ALA A 4 3.23 -34.44 -34.07
CA ALA A 4 2.59 -33.12 -34.01
C ALA A 4 1.22 -33.20 -33.32
N VAL A 5 0.52 -34.29 -33.58
CA VAL A 5 -0.80 -34.53 -33.04
C VAL A 5 -0.72 -34.75 -31.52
N ASN A 6 0.23 -35.58 -31.06
CA ASN A 6 0.50 -35.80 -29.62
C ASN A 6 0.93 -34.53 -28.91
N LEU A 7 1.83 -33.78 -29.55
CA LEU A 7 2.37 -32.53 -29.01
C LEU A 7 1.24 -31.60 -28.60
N HIS A 8 0.40 -31.20 -29.57
CA HIS A 8 -0.75 -30.35 -29.25
C HIS A 8 -1.84 -31.02 -28.40
N LYS A 9 -2.08 -32.32 -28.57
CA LYS A 9 -3.12 -33.00 -27.82
C LYS A 9 -2.78 -33.23 -26.33
N HIS A 10 -1.53 -33.65 -26.02
CA HIS A 10 -1.10 -33.98 -24.65
C HIS A 10 -0.12 -32.97 -24.06
N GLN A 11 -0.10 -31.77 -24.63
CA GLN A 11 0.73 -30.64 -24.20
C GLN A 11 0.71 -30.34 -22.71
N LYS A 12 -0.48 -30.38 -22.13
CA LYS A 12 -0.74 -30.00 -20.75
C LYS A 12 -0.09 -31.02 -19.80
N ASN A 13 -0.42 -32.29 -20.00
CA ASN A 13 0.11 -33.39 -19.23
C ASN A 13 1.62 -33.56 -19.37
N LEU A 14 2.10 -33.37 -20.60
CA LEU A 14 3.51 -33.45 -20.91
C LEU A 14 4.35 -32.41 -20.13
N VAL A 15 3.89 -31.16 -20.11
CA VAL A 15 4.54 -30.07 -19.37
C VAL A 15 4.43 -30.30 -17.88
N TYR A 16 3.32 -30.88 -17.44
CA TYR A 16 3.14 -31.16 -16.01
C TYR A 16 4.21 -32.18 -15.57
N ARG A 17 4.49 -33.14 -16.47
CA ARG A 17 5.47 -34.19 -16.20
C ARG A 17 6.93 -33.72 -16.34
N LEU A 18 7.22 -32.81 -17.27
CA LEU A 18 8.54 -32.19 -17.37
C LEU A 18 8.92 -31.47 -16.07
N SER A 19 7.95 -30.75 -15.53
CA SER A 19 8.05 -30.01 -14.27
C SER A 19 8.58 -30.87 -13.15
N GLN A 20 8.03 -32.07 -13.01
CA GLN A 20 8.47 -33.02 -11.99
C GLN A 20 9.91 -33.45 -12.23
N GLN A 21 10.35 -33.43 -13.47
CA GLN A 21 11.67 -33.90 -13.76
C GLN A 21 12.71 -32.87 -13.35
N TYR A 22 12.43 -31.59 -13.65
CA TYR A 22 13.31 -30.51 -13.24
C TYR A 22 13.47 -30.49 -11.70
N LEU A 23 12.36 -30.78 -11.03
CA LEU A 23 12.36 -30.81 -9.60
C LEU A 23 13.16 -31.99 -9.10
N ALA A 24 13.05 -33.15 -9.74
CA ALA A 24 13.88 -34.30 -9.34
C ALA A 24 15.38 -33.96 -9.48
N ALA A 25 15.72 -33.39 -10.62
CA ALA A 25 17.09 -32.99 -10.92
C ALA A 25 17.62 -31.91 -9.96
N ALA A 26 16.76 -31.05 -9.44
CA ALA A 26 17.18 -30.05 -8.46
C ALA A 26 17.45 -30.71 -7.09
N ARG A 27 16.58 -31.64 -6.71
CA ARG A 27 16.74 -32.41 -5.49
C ARG A 27 18.03 -33.24 -5.48
N ASP A 28 18.44 -33.72 -6.67
CA ASP A 28 19.68 -34.50 -6.86
C ASP A 28 20.90 -33.63 -6.69
N LEU A 29 20.80 -32.40 -7.22
CA LEU A 29 21.86 -31.42 -7.22
C LEU A 29 22.09 -30.73 -5.84
N ALA A 30 21.02 -30.56 -5.05
CA ALA A 30 20.99 -29.74 -3.80
C ALA A 30 22.15 -29.93 -2.80
N ALA A 31 22.36 -31.15 -2.32
CA ALA A 31 23.42 -31.45 -1.32
C ALA A 31 24.84 -31.33 -1.88
N ASP A 32 24.99 -31.07 -3.18
CA ASP A 32 26.33 -30.93 -3.76
C ASP A 32 26.62 -29.50 -4.12
N VAL A 33 25.63 -28.64 -3.90
CA VAL A 33 25.78 -27.23 -4.19
C VAL A 33 26.82 -26.64 -3.24
N ARG A 34 27.96 -26.26 -3.80
CA ARG A 34 29.11 -25.76 -3.03
C ARG A 34 29.66 -24.49 -3.65
N SER A 35 29.09 -24.05 -4.76
CA SER A 35 29.58 -22.86 -5.42
C SER A 35 28.45 -22.00 -6.03
N GLU A 36 28.76 -20.73 -6.24
CA GLU A 36 27.84 -19.80 -6.87
C GLU A 36 27.27 -20.30 -8.20
N LYS A 37 28.11 -20.94 -9.02
CA LYS A 37 27.66 -21.47 -10.30
C LYS A 37 26.58 -22.51 -10.06
N GLN A 38 26.84 -23.43 -9.13
CA GLN A 38 25.89 -24.48 -8.76
C GLN A 38 24.60 -23.96 -8.11
N LEU A 39 24.70 -22.81 -7.46
CA LEU A 39 23.55 -22.21 -6.83
C LEU A 39 22.64 -21.68 -7.91
N GLN A 40 23.22 -21.00 -8.89
CA GLN A 40 22.50 -20.51 -10.07
C GLN A 40 21.84 -21.60 -10.92
N GLN A 41 22.56 -22.70 -11.10
CA GLN A 41 22.06 -23.87 -11.80
C GLN A 41 20.87 -24.51 -11.08
N TYR A 42 21.03 -24.66 -9.76
CA TYR A 42 19.99 -25.18 -8.91
C TYR A 42 18.70 -24.38 -9.07
N TYR A 43 18.78 -23.05 -8.95
CA TYR A 43 17.57 -22.27 -9.06
C TYR A 43 17.13 -22.04 -10.51
N THR A 44 17.98 -22.36 -11.48
CA THR A 44 17.52 -22.41 -12.85
C THR A 44 16.64 -23.65 -13.07
N LEU A 45 16.98 -24.74 -12.43
CA LEU A 45 16.17 -25.94 -12.52
C LEU A 45 14.81 -25.78 -11.83
N VAL A 46 14.76 -25.20 -10.62
CA VAL A 46 13.47 -24.98 -9.96
C VAL A 46 12.70 -23.87 -10.70
N ARG A 47 13.36 -22.88 -11.29
CA ARG A 47 12.65 -21.92 -12.14
C ARG A 47 11.94 -22.62 -13.29
N GLN A 48 12.64 -23.61 -13.84
CA GLN A 48 12.11 -24.34 -14.99
C GLN A 48 10.87 -25.13 -14.56
N CYS A 49 10.92 -25.68 -13.35
CA CYS A 49 9.76 -26.35 -12.74
C CYS A 49 8.54 -25.43 -12.59
N VAL A 50 8.77 -24.19 -12.20
CA VAL A 50 7.73 -23.23 -11.84
C VAL A 50 7.02 -22.71 -13.12
N HIS A 51 7.80 -22.35 -14.14
CA HIS A 51 7.27 -22.08 -15.48
C HIS A 51 6.37 -23.20 -15.95
N GLY A 52 6.85 -24.43 -15.79
CA GLY A 52 6.10 -25.63 -16.07
C GLY A 52 4.74 -25.78 -15.39
N LEU A 53 4.70 -25.57 -14.07
CA LEU A 53 3.47 -25.63 -13.30
C LEU A 53 2.53 -24.48 -13.68
N ARG A 54 3.11 -23.30 -13.85
CA ARG A 54 2.42 -22.09 -14.20
C ARG A 54 1.79 -22.22 -15.61
N TYR A 55 2.55 -22.82 -16.54
CA TYR A 55 2.09 -23.14 -17.87
C TYR A 55 0.80 -23.98 -17.80
N VAL A 56 0.76 -24.95 -16.90
CA VAL A 56 -0.43 -25.79 -16.73
C VAL A 56 -1.58 -25.02 -16.09
N LYS A 57 -1.29 -24.36 -14.96
CA LYS A 57 -2.27 -23.53 -14.24
C LYS A 57 -2.81 -22.34 -15.06
N ASP A 58 -1.94 -21.57 -15.69
CA ASP A 58 -2.36 -20.33 -16.32
C ASP A 58 -3.02 -20.55 -17.70
N GLY A 59 -2.60 -21.60 -18.41
CA GLY A 59 -2.97 -21.75 -19.81
C GLY A 59 -3.99 -22.79 -20.21
N PHE A 60 -4.65 -23.46 -19.26
CA PHE A 60 -5.66 -24.47 -19.54
C PHE A 60 -6.82 -24.44 -18.57
N GLN A 61 -8.01 -24.75 -19.06
CA GLN A 61 -9.15 -24.96 -18.16
C GLN A 61 -9.03 -26.35 -17.51
N LEU A 62 -8.75 -26.40 -16.21
CA LEU A 62 -8.49 -27.67 -15.54
C LEU A 62 -9.72 -28.18 -14.82
N THR A 63 -9.79 -29.50 -14.66
CA THR A 63 -10.78 -30.10 -13.76
C THR A 63 -10.41 -29.72 -12.31
N VAL A 64 -11.34 -29.93 -11.40
CA VAL A 64 -11.12 -29.47 -10.06
C VAL A 64 -9.99 -30.33 -9.44
N GLU A 65 -9.94 -31.62 -9.76
CA GLU A 65 -8.89 -32.43 -9.16
C GLU A 65 -7.52 -32.03 -9.76
N GLU A 66 -7.48 -31.75 -11.05
CA GLU A 66 -6.28 -31.16 -11.65
C GLU A 66 -5.86 -29.81 -11.06
N ASP A 67 -6.81 -28.95 -10.78
CA ASP A 67 -6.53 -27.63 -10.22
C ASP A 67 -5.94 -27.73 -8.80
N ILE A 68 -6.45 -28.69 -8.01
CA ILE A 68 -6.02 -28.91 -6.63
C ILE A 68 -4.54 -29.36 -6.57
N GLN A 69 -4.26 -30.45 -7.25
CA GLN A 69 -2.94 -31.01 -7.36
C GLN A 69 -1.89 -29.97 -7.79
N VAL A 70 -2.15 -29.26 -8.90
CA VAL A 70 -1.13 -28.39 -9.49
C VAL A 70 -0.97 -27.11 -8.67
N THR A 71 -2.09 -26.56 -8.20
CA THR A 71 -2.08 -25.33 -7.39
C THR A 71 -1.36 -25.49 -6.03
N LEU A 72 -1.66 -26.56 -5.30
CA LEU A 72 -0.98 -26.84 -4.02
C LEU A 72 0.54 -27.12 -4.21
N GLN A 73 0.91 -27.75 -5.32
CA GLN A 73 2.31 -28.03 -5.57
C GLN A 73 3.04 -26.73 -5.94
N LEU A 74 2.42 -25.93 -6.81
CA LEU A 74 2.92 -24.61 -7.16
C LEU A 74 3.16 -23.71 -5.90
N ALA A 75 2.17 -23.67 -5.03
CA ALA A 75 2.22 -22.82 -3.84
C ALA A 75 3.33 -23.32 -2.92
N ARG A 76 3.44 -24.64 -2.82
CA ARG A 76 4.40 -25.26 -1.92
C ARG A 76 5.82 -24.94 -2.37
N VAL A 77 6.09 -25.06 -3.68
CA VAL A 77 7.40 -24.75 -4.26
C VAL A 77 7.69 -23.24 -4.16
N LEU A 78 6.71 -22.39 -4.49
CA LEU A 78 6.91 -20.94 -4.34
C LEU A 78 7.17 -20.51 -2.83
N LEU A 79 6.43 -21.03 -1.85
CA LEU A 79 6.63 -20.64 -0.44
C LEU A 79 7.99 -21.10 0.17
N GLU A 80 8.36 -22.35 -0.11
CA GLU A 80 9.62 -22.97 0.26
C GLU A 80 10.89 -22.36 -0.37
N GLU A 81 10.88 -22.15 -1.69
CA GLU A 81 12.12 -21.89 -2.43
C GLU A 81 12.23 -20.48 -3.01
N THR A 82 11.13 -19.72 -3.04
CA THR A 82 11.16 -18.34 -3.54
C THR A 82 10.71 -17.33 -2.49
N HIS A 83 10.76 -16.05 -2.85
CA HIS A 83 10.29 -14.95 -2.02
C HIS A 83 8.89 -14.50 -2.49
N GLU A 84 8.31 -15.26 -3.42
CA GLU A 84 7.02 -14.93 -4.00
C GLU A 84 5.82 -15.42 -3.18
N VAL A 85 5.65 -14.87 -1.98
CA VAL A 85 4.58 -15.27 -1.09
C VAL A 85 3.24 -14.66 -1.51
N GLU A 86 3.26 -13.45 -2.03
CA GLU A 86 2.10 -12.81 -2.65
C GLU A 86 1.54 -13.63 -3.82
N LEU A 87 2.41 -14.08 -4.72
CA LEU A 87 2.01 -14.92 -5.84
C LEU A 87 1.37 -16.22 -5.35
N ALA A 88 1.99 -16.84 -4.35
CA ALA A 88 1.47 -18.05 -3.78
C ALA A 88 0.08 -17.84 -3.19
N GLU A 89 -0.09 -16.73 -2.48
CA GLU A 89 -1.39 -16.37 -1.90
C GLU A 89 -2.45 -16.16 -2.97
N GLN A 90 -2.10 -15.42 -4.02
CA GLN A 90 -3.00 -15.28 -5.14
C GLN A 90 -3.48 -16.63 -5.69
N TYR A 91 -2.55 -17.55 -6.00
CA TYR A 91 -2.94 -18.86 -6.54
C TYR A 91 -3.81 -19.68 -5.56
N LEU A 92 -3.44 -19.68 -4.28
CA LEU A 92 -4.22 -20.38 -3.26
C LEU A 92 -5.63 -19.75 -3.10
N GLY A 93 -5.67 -18.43 -3.22
CA GLY A 93 -6.89 -17.66 -3.15
C GLY A 93 -7.86 -18.06 -4.23
N SER A 94 -7.36 -18.17 -5.46
CA SER A 94 -8.16 -18.60 -6.60
C SER A 94 -8.76 -19.99 -6.37
N LEU A 95 -7.99 -20.89 -5.75
CA LEU A 95 -8.49 -22.24 -5.53
C LEU A 95 -9.55 -22.25 -4.43
N ARG A 96 -9.31 -21.48 -3.37
CA ARG A 96 -10.25 -21.30 -2.26
C ARG A 96 -11.65 -20.92 -2.77
N THR A 97 -11.69 -19.95 -3.68
CA THR A 97 -12.91 -19.51 -4.36
C THR A 97 -13.59 -20.62 -5.19
N ARG A 98 -12.85 -21.31 -6.06
CA ARG A 98 -13.42 -22.43 -6.81
C ARG A 98 -13.94 -23.53 -5.88
N LEU A 99 -13.28 -23.75 -4.73
CA LEU A 99 -13.65 -24.88 -3.88
C LEU A 99 -14.95 -24.68 -3.10
N ARG A 100 -15.35 -23.42 -2.86
CA ARG A 100 -16.64 -23.07 -2.26
C ARG A 100 -17.87 -23.50 -3.08
N THR A 101 -17.74 -23.62 -4.41
CA THR A 101 -18.88 -24.01 -5.25
C THR A 101 -18.91 -25.51 -5.53
N THR A 102 -18.26 -26.28 -4.67
CA THR A 102 -18.12 -27.74 -4.79
C THR A 102 -18.39 -28.41 -3.43
N PRO A 103 -18.63 -29.73 -3.43
CA PRO A 103 -18.70 -30.48 -2.15
C PRO A 103 -17.34 -30.96 -1.63
N LEU A 104 -16.24 -30.45 -2.17
CA LEU A 104 -14.91 -30.97 -1.80
C LEU A 104 -14.40 -30.32 -0.49
N THR A 105 -14.95 -30.81 0.61
CA THR A 105 -14.71 -30.26 1.95
C THR A 105 -13.25 -30.35 2.43
N ASP A 106 -12.65 -31.53 2.31
CA ASP A 106 -11.27 -31.69 2.79
C ASP A 106 -10.25 -30.87 2.01
N ALA A 107 -10.47 -30.68 0.72
CA ALA A 107 -9.55 -29.93 -0.12
C ALA A 107 -9.55 -28.44 0.28
N ARG A 108 -10.75 -27.95 0.52
CA ARG A 108 -11.01 -26.59 0.93
C ARG A 108 -10.27 -26.25 2.20
N HIS A 109 -10.34 -27.14 3.17
CA HIS A 109 -9.59 -26.99 4.42
C HIS A 109 -8.09 -27.10 4.26
N ALA A 110 -7.63 -27.93 3.32
CA ALA A 110 -6.22 -28.07 3.01
C ALA A 110 -5.62 -26.78 2.50
N VAL A 111 -6.40 -26.04 1.71
CA VAL A 111 -5.99 -24.75 1.19
C VAL A 111 -6.01 -23.71 2.30
N GLU A 112 -7.07 -23.74 3.10
CA GLU A 112 -7.14 -22.87 4.25
C GLU A 112 -5.94 -23.08 5.19
N PHE A 113 -5.60 -24.34 5.44
CA PHE A 113 -4.42 -24.64 6.24
C PHE A 113 -3.12 -24.03 5.63
N GLN A 114 -2.99 -24.01 4.31
CA GLN A 114 -1.82 -23.41 3.69
C GLN A 114 -1.80 -21.89 3.90
N LEU A 115 -2.97 -21.28 3.88
CA LEU A 115 -3.12 -19.83 4.13
C LEU A 115 -2.93 -19.42 5.59
N LEU A 116 -3.23 -20.34 6.50
CA LEU A 116 -3.23 -20.08 7.93
C LEU A 116 -1.95 -20.55 8.63
N TYR A 117 -1.21 -21.46 8.00
CA TYR A 117 0.01 -21.98 8.65
C TYR A 117 1.23 -21.69 7.77
N ASP A 118 1.27 -22.28 6.56
CA ASP A 118 2.44 -22.21 5.69
C ASP A 118 2.76 -20.80 5.17
N VAL A 119 1.73 -20.05 4.78
CA VAL A 119 1.95 -18.66 4.32
C VAL A 119 2.47 -17.73 5.46
N PRO A 120 1.76 -17.64 6.62
CA PRO A 120 2.38 -16.78 7.65
C PRO A 120 3.79 -17.23 8.14
N LEU A 121 4.12 -18.50 8.01
CA LEU A 121 5.49 -18.93 8.25
C LEU A 121 6.48 -18.40 7.21
N ALA A 122 6.07 -18.39 5.95
CA ALA A 122 6.96 -17.97 4.86
C ALA A 122 7.24 -16.47 4.89
N LYS A 123 6.39 -15.74 5.61
CA LYS A 123 6.50 -14.28 5.77
C LYS A 123 7.49 -13.86 6.86
N GLU A 124 7.93 -14.80 7.71
CA GLU A 124 9.04 -14.57 8.63
C GLU A 124 8.84 -13.34 9.52
N ASP A 125 7.62 -13.21 10.02
CA ASP A 125 7.21 -12.05 10.77
C ASP A 125 6.25 -12.52 11.85
N ARG A 126 6.56 -12.27 13.12
CA ARG A 126 5.68 -12.68 14.20
C ARG A 126 4.30 -12.00 14.11
N ALA A 127 4.26 -10.71 13.75
CA ALA A 127 2.99 -9.97 13.62
C ALA A 127 2.02 -10.59 12.60
N GLU A 128 2.56 -11.19 11.55
CA GLU A 128 1.72 -11.91 10.60
C GLU A 128 1.10 -13.18 11.22
N LEU A 129 1.83 -13.84 12.12
CA LEU A 129 1.30 -15.03 12.80
C LEU A 129 0.18 -14.68 13.80
N ARG A 130 0.14 -13.43 14.27
CA ARG A 130 -0.86 -13.06 15.26
C ARG A 130 -2.23 -12.70 14.65
N GLN A 131 -2.27 -12.15 13.43
CA GLN A 131 -3.57 -11.83 12.82
C GLN A 131 -4.27 -13.12 12.37
N VAL A 132 -3.48 -14.18 12.22
CA VAL A 132 -3.97 -15.53 11.87
C VAL A 132 -5.00 -16.02 12.87
N VAL A 133 -4.72 -15.78 14.16
CA VAL A 133 -5.53 -16.26 15.25
C VAL A 133 -7.03 -15.91 15.08
N ARG A 134 -7.33 -14.80 14.41
CA ARG A 134 -8.70 -14.38 14.22
C ARG A 134 -9.41 -15.22 13.16
N HIS A 135 -8.70 -15.53 12.08
CA HIS A 135 -9.26 -16.38 11.03
C HIS A 135 -9.43 -17.83 11.44
N THR A 136 -8.59 -18.31 12.35
CA THR A 136 -8.72 -19.70 12.80
C THR A 136 -9.86 -19.87 13.79
N THR A 137 -10.08 -18.88 14.63
CA THR A 137 -11.19 -18.94 15.58
C THR A 137 -12.52 -19.06 14.82
N GLY A 138 -12.68 -18.25 13.76
CA GLY A 138 -13.83 -18.34 12.88
C GLY A 138 -14.12 -19.74 12.35
N LEU A 139 -13.07 -20.42 11.88
CA LEU A 139 -13.15 -21.79 11.37
C LEU A 139 -13.48 -22.80 12.43
N LEU A 140 -12.75 -22.70 13.55
CA LEU A 140 -12.97 -23.54 14.71
C LEU A 140 -14.41 -23.50 15.23
N GLU A 141 -14.97 -22.31 15.36
CA GLU A 141 -16.33 -22.15 15.86
C GLU A 141 -17.36 -23.01 15.13
N GLU A 142 -17.24 -23.03 13.79
CA GLU A 142 -18.14 -23.77 12.89
C GLU A 142 -18.01 -25.29 12.93
N LEU A 143 -16.93 -25.77 13.52
CA LEU A 143 -16.61 -27.21 13.44
C LEU A 143 -16.79 -27.89 14.76
N ALA A 144 -17.18 -29.15 14.67
CA ALA A 144 -17.36 -29.99 15.86
C ALA A 144 -16.01 -30.47 16.40
N ASP A 145 -16.02 -30.80 17.70
CA ASP A 145 -14.85 -31.31 18.42
C ASP A 145 -14.34 -32.65 17.88
N SER A 146 -15.20 -33.39 17.19
CA SER A 146 -14.82 -34.70 16.70
C SER A 146 -14.15 -34.60 15.33
N ASP A 147 -14.11 -33.39 14.77
CA ASP A 147 -13.61 -33.18 13.42
C ASP A 147 -12.09 -32.98 13.37
N ALA A 148 -11.42 -33.83 12.59
CA ALA A 148 -9.97 -33.78 12.39
C ALA A 148 -9.46 -32.40 12.07
N TRP A 149 -10.22 -31.67 11.25
CA TRP A 149 -9.82 -30.33 10.85
C TRP A 149 -9.91 -29.29 11.99
N ALA A 150 -10.80 -29.51 12.95
CA ALA A 150 -10.81 -28.68 14.16
C ALA A 150 -9.48 -28.79 14.92
N TRP A 151 -8.90 -29.99 14.95
CA TRP A 151 -7.62 -30.23 15.63
C TRP A 151 -6.48 -29.49 14.96
N LEU A 152 -6.48 -29.48 13.62
CA LEU A 152 -5.39 -28.88 12.88
C LEU A 152 -5.38 -27.35 12.96
N PHE A 153 -6.55 -26.75 12.77
CA PHE A 153 -6.70 -25.30 12.91
C PHE A 153 -6.48 -24.81 14.35
N ARG A 154 -6.85 -25.62 15.34
CA ARG A 154 -6.48 -25.34 16.72
C ARG A 154 -4.96 -25.37 16.93
N TYR A 155 -4.25 -26.23 16.18
CA TYR A 155 -2.80 -26.22 16.25
C TYR A 155 -2.23 -25.00 15.49
N CYS A 156 -2.89 -24.59 14.40
CA CYS A 156 -2.55 -23.32 13.72
C CYS A 156 -2.62 -22.14 14.70
N ARG A 157 -3.70 -22.14 15.48
CA ARG A 157 -3.89 -21.19 16.55
C ARG A 157 -2.78 -21.21 17.62
N ILE A 158 -2.45 -22.39 18.15
CA ILE A 158 -1.41 -22.43 19.20
C ILE A 158 -0.11 -21.81 18.62
N ILE A 159 0.16 -22.02 17.32
CA ILE A 159 1.35 -21.48 16.68
C ILE A 159 1.30 -19.95 16.57
N GLY A 160 0.13 -19.42 16.25
CA GLY A 160 -0.11 -17.99 16.20
C GLY A 160 0.01 -17.36 17.56
N LEU A 161 -0.53 -18.04 18.58
CA LEU A 161 -0.39 -17.66 19.98
C LEU A 161 1.04 -17.74 20.52
N GLU A 162 1.85 -18.65 19.97
CA GLU A 162 3.23 -18.80 20.44
C GLU A 162 4.08 -17.56 20.16
N ALA A 163 3.65 -16.76 19.17
CA ALA A 163 4.27 -15.46 18.89
C ALA A 163 3.81 -14.37 19.86
N GLY A 164 4.64 -14.05 20.85
CA GLY A 164 4.32 -12.99 21.78
C GLY A 164 4.04 -13.54 23.18
N GLY A 165 4.89 -14.44 23.64
CA GLY A 165 4.68 -15.17 24.88
C GLY A 165 4.76 -14.35 26.16
N ALA A 166 4.09 -13.20 26.15
CA ALA A 166 3.98 -12.36 27.32
C ALA A 166 2.58 -12.51 27.89
N ARG A 167 2.48 -13.18 29.03
CA ARG A 167 1.20 -13.58 29.62
C ARG A 167 0.40 -14.47 28.65
N SER A 168 0.94 -14.64 27.43
CA SER A 168 0.42 -15.55 26.41
C SER A 168 0.68 -17.00 26.78
N ASN A 169 1.75 -17.20 27.56
CA ASN A 169 2.04 -18.47 28.26
C ASN A 169 0.82 -19.20 28.84
N SER A 170 -0.06 -18.46 29.49
CA SER A 170 -1.28 -19.04 30.05
C SER A 170 -2.23 -19.60 28.97
N ALA A 171 -2.42 -18.85 27.89
CA ALA A 171 -3.34 -19.20 26.83
C ALA A 171 -2.86 -20.38 25.98
N VAL A 172 -1.60 -20.33 25.54
CA VAL A 172 -1.01 -21.42 24.76
C VAL A 172 -1.17 -22.75 25.50
N LEU A 173 -0.95 -22.71 26.82
CA LEU A 173 -0.94 -23.92 27.65
C LEU A 173 -2.35 -24.50 27.85
N GLN A 174 -3.31 -23.63 28.16
CA GLN A 174 -4.72 -24.01 28.12
C GLN A 174 -5.14 -24.59 26.76
N GLU A 175 -4.62 -23.99 25.69
CA GLU A 175 -4.89 -24.42 24.33
C GLU A 175 -4.32 -25.82 24.02
N TYR A 176 -3.15 -26.15 24.57
CA TYR A 176 -2.54 -27.45 24.32
C TYR A 176 -3.30 -28.54 25.07
N LEU A 177 -3.66 -28.25 26.32
CA LEU A 177 -4.44 -29.19 27.12
C LEU A 177 -5.83 -29.46 26.50
N LYS A 178 -6.43 -28.44 25.89
CA LYS A 178 -7.70 -28.66 25.20
C LYS A 178 -7.50 -29.55 23.98
N LEU A 179 -6.50 -29.24 23.15
CA LEU A 179 -6.16 -30.04 21.97
C LEU A 179 -5.80 -31.46 22.35
N LEU A 180 -5.02 -31.63 23.43
CA LEU A 180 -4.64 -32.95 23.92
C LEU A 180 -5.85 -33.73 24.34
N GLN A 181 -6.84 -33.05 24.90
CA GLN A 181 -8.06 -33.75 25.31
C GLN A 181 -8.88 -34.17 24.08
N LEU A 182 -9.05 -33.27 23.10
CA LEU A 182 -9.69 -33.59 21.82
C LEU A 182 -9.06 -34.74 21.09
N VAL A 183 -7.73 -34.81 21.14
CA VAL A 183 -7.03 -35.72 20.25
C VAL A 183 -6.70 -37.05 20.93
N SER A 184 -6.97 -37.15 22.22
CA SER A 184 -6.65 -38.37 22.95
C SER A 184 -7.57 -39.53 22.56
N ALA A 185 -8.72 -39.20 21.99
CA ALA A 185 -9.59 -40.22 21.45
C ALA A 185 -9.04 -40.64 20.10
N GLY A 186 -8.74 -39.65 19.26
CA GLY A 186 -8.27 -39.85 17.90
C GLY A 186 -6.99 -40.62 17.67
N PRO A 187 -6.27 -40.29 16.59
CA PRO A 187 -5.07 -41.05 16.22
C PRO A 187 -3.97 -40.85 17.24
N VAL A 188 -3.46 -41.97 17.71
CA VAL A 188 -2.43 -42.03 18.75
C VAL A 188 -1.15 -41.28 18.32
N GLY A 189 -0.80 -41.34 17.03
CA GLY A 189 0.33 -40.61 16.50
C GLY A 189 0.21 -39.09 16.54
N LEU A 190 -0.97 -38.56 16.22
CA LEU A 190 -1.23 -37.12 16.32
C LEU A 190 -1.19 -36.67 17.79
N HIS A 191 -1.72 -37.50 18.70
CA HIS A 191 -1.66 -37.22 20.12
C HIS A 191 -0.22 -37.13 20.62
N ALA A 192 0.62 -38.04 20.14
CA ALA A 192 2.06 -38.04 20.49
C ALA A 192 2.78 -36.77 20.02
N PHE A 193 2.51 -36.36 18.80
CA PHE A 193 3.11 -35.12 18.30
C PHE A 193 2.66 -33.86 19.09
N VAL A 194 1.39 -33.79 19.45
CA VAL A 194 0.87 -32.64 20.19
C VAL A 194 1.50 -32.61 21.59
N LEU A 195 1.50 -33.76 22.25
CA LEU A 195 2.14 -33.91 23.55
C LEU A 195 3.59 -33.44 23.53
N CYS A 196 4.38 -33.96 22.59
CA CYS A 196 5.78 -33.59 22.48
C CYS A 196 5.95 -32.09 22.27
N SER A 197 5.09 -31.48 21.43
CA SER A 197 5.14 -30.05 21.17
C SER A 197 4.89 -29.21 22.43
N CYS A 198 3.97 -29.67 23.27
CA CYS A 198 3.63 -28.98 24.52
C CYS A 198 4.81 -29.05 25.53
N VAL A 199 5.32 -30.23 25.84
CA VAL A 199 6.49 -30.33 26.72
C VAL A 199 7.70 -29.56 26.15
N ALA A 200 7.83 -29.47 24.82
CA ALA A 200 8.88 -28.66 24.25
C ALA A 200 8.65 -27.16 24.50
N PHE A 201 7.41 -26.72 24.30
CA PHE A 201 7.01 -25.35 24.57
C PHE A 201 7.20 -24.97 26.06
N ILE A 202 6.86 -25.88 26.95
CA ILE A 202 7.06 -25.64 28.37
C ILE A 202 8.56 -25.47 28.72
N LEU A 203 9.39 -26.35 28.17
CA LEU A 203 10.85 -26.33 28.34
C LEU A 203 11.44 -25.02 27.82
N ASP A 204 10.86 -24.52 26.74
CA ASP A 204 11.32 -23.31 26.07
C ASP A 204 11.01 -22.06 26.89
N ARG A 205 9.88 -22.08 27.59
CA ARG A 205 9.44 -20.96 28.44
C ARG A 205 9.88 -21.08 29.93
N VAL A 206 10.54 -22.20 30.26
CA VAL A 206 11.00 -22.62 31.60
C VAL A 206 9.95 -22.36 32.68
N VAL A 207 8.85 -23.06 32.51
CA VAL A 207 7.75 -23.02 33.43
C VAL A 207 7.57 -24.46 33.87
N GLU A 208 6.91 -24.65 35.00
CA GLU A 208 6.79 -25.95 35.62
C GLU A 208 5.97 -26.90 34.75
N LEU A 209 6.41 -28.14 34.71
CA LEU A 209 5.74 -29.18 33.97
C LEU A 209 4.93 -30.02 34.92
N ASP A 210 3.61 -29.96 34.79
CA ASP A 210 2.71 -30.77 35.60
C ASP A 210 3.10 -32.24 35.58
N ARG A 211 2.98 -32.91 36.71
CA ARG A 211 3.34 -34.32 36.82
C ARG A 211 2.58 -35.17 35.80
N SER A 212 1.30 -34.89 35.62
CA SER A 212 0.44 -35.68 34.76
C SER A 212 0.88 -35.62 33.30
N LEU A 213 1.43 -34.48 32.88
CA LEU A 213 1.98 -34.35 31.53
C LEU A 213 3.25 -35.19 31.31
N LEU A 214 4.09 -35.29 32.35
CA LEU A 214 5.30 -36.11 32.26
C LEU A 214 4.98 -37.62 32.30
N THR A 215 3.96 -37.98 33.07
CA THR A 215 3.45 -39.35 33.05
C THR A 215 2.96 -39.69 31.65
N GLN A 216 2.14 -38.81 31.08
CA GLN A 216 1.69 -39.02 29.72
C GLN A 216 2.84 -39.08 28.75
N LEU A 217 3.85 -38.24 28.96
CA LEU A 217 5.05 -38.22 28.13
C LEU A 217 5.81 -39.54 28.14
N ARG A 218 5.98 -40.12 29.32
CA ARG A 218 6.74 -41.36 29.47
C ARG A 218 5.96 -42.55 28.92
N ALA A 219 4.64 -42.50 29.04
CA ALA A 219 3.78 -43.54 28.49
C ALA A 219 3.93 -43.71 26.96
N LEU A 220 4.50 -42.72 26.28
CA LEU A 220 4.65 -42.80 24.82
C LEU A 220 5.62 -43.87 24.34
N ARG A 221 6.59 -44.24 25.18
CA ARG A 221 7.59 -45.23 24.78
C ARG A 221 7.28 -46.63 25.29
N LYS A 222 6.12 -46.77 25.94
CA LYS A 222 5.58 -48.06 26.38
C LYS A 222 5.60 -49.13 25.29
N ALA A 223 5.63 -50.38 25.72
CA ALA A 223 5.66 -51.52 24.81
C ALA A 223 4.45 -51.55 23.88
N THR A 225 2.68 -50.16 21.87
CA THR A 225 2.07 -48.94 21.34
C THR A 225 2.40 -48.80 19.84
N ALA A 226 1.52 -48.16 19.08
CA ALA A 226 1.77 -47.97 17.65
C ALA A 226 2.34 -46.59 17.33
N ILE A 227 2.85 -45.91 18.37
CA ILE A 227 3.50 -44.60 18.20
C ILE A 227 4.70 -44.70 17.26
N PRO A 228 4.78 -43.82 16.23
CA PRO A 228 5.96 -43.80 15.35
C PRO A 228 7.26 -43.65 16.16
N LEU A 229 8.28 -44.43 15.80
CA LEU A 229 9.51 -44.52 16.55
C LEU A 229 10.21 -43.15 16.71
N GLN A 230 10.14 -42.31 15.68
CA GLN A 230 10.74 -40.99 15.75
C GLN A 230 10.09 -40.10 16.83
N LEU A 231 8.80 -40.30 17.09
CA LEU A 231 8.13 -39.56 18.17
C LEU A 231 8.39 -40.17 19.54
N GLN A 232 8.59 -41.49 19.60
CA GLN A 232 8.99 -42.12 20.86
C GLN A 232 10.36 -41.64 21.34
N MET A 233 11.28 -41.49 20.42
CA MET A 233 12.61 -40.95 20.65
C MET A 233 12.55 -39.53 21.16
N TRP A 234 11.84 -38.68 20.44
CA TRP A 234 11.62 -37.28 20.82
C TRP A 234 11.10 -37.23 22.27
N SER A 235 10.12 -38.07 22.57
CA SER A 235 9.54 -38.19 23.90
C SER A 235 10.61 -38.52 24.99
N LEU A 236 11.60 -39.31 24.61
CA LEU A 236 12.66 -39.74 25.50
C LEU A 236 13.69 -38.62 25.68
N LEU A 237 14.09 -38.01 24.57
CA LEU A 237 14.91 -36.79 24.57
C LEU A 237 14.32 -35.67 25.43
N LEU A 238 13.02 -35.39 25.26
CA LEU A 238 12.34 -34.37 26.03
C LEU A 238 12.27 -34.70 27.53
N ASP A 239 12.23 -35.99 27.88
CA ASP A 239 12.22 -36.42 29.29
C ASP A 239 13.60 -36.16 29.92
N LEU A 240 14.65 -36.48 29.16
CA LEU A 240 16.02 -36.21 29.55
C LEU A 240 16.24 -34.74 29.85
N LEU A 241 15.79 -33.91 28.91
CA LEU A 241 15.90 -32.45 29.04
C LEU A 241 15.21 -31.88 30.29
N VAL A 242 14.15 -32.53 30.72
CA VAL A 242 13.42 -32.07 31.90
C VAL A 242 14.25 -32.35 33.12
N ALA A 243 14.86 -33.53 33.17
CA ALA A 243 15.75 -33.86 34.29
C ALA A 243 17.01 -32.99 34.24
N ILE A 244 17.49 -32.65 33.06
CA ILE A 244 18.68 -31.83 32.98
C ILE A 244 18.40 -30.38 33.41
N GLN A 245 17.27 -29.79 32.98
CA GLN A 245 16.84 -28.48 33.45
C GLN A 245 16.61 -28.44 34.99
N LEU A 246 16.24 -29.56 35.59
CA LEU A 246 16.10 -29.59 37.04
C LEU A 246 17.38 -30.05 37.75
N ASP A 247 18.49 -30.11 37.01
CA ASP A 247 19.79 -30.57 37.50
C ASP A 247 19.66 -31.89 38.26
N GLU A 248 18.83 -32.79 37.73
CA GLU A 248 18.60 -34.10 38.37
C GLU A 248 19.53 -35.18 37.84
N ASN A 249 19.66 -36.25 38.63
CA ASN A 249 20.41 -37.42 38.18
C ASN A 249 19.77 -38.10 36.95
N ILE A 250 20.56 -38.36 35.91
CA ILE A 250 20.00 -38.93 34.68
C ILE A 250 20.40 -40.38 34.40
N MET A 251 20.79 -41.11 35.45
CA MET A 251 21.24 -42.51 35.31
C MET A 251 20.19 -43.44 34.72
N ASP A 252 19.02 -43.43 35.34
CA ASP A 252 17.88 -44.24 34.87
C ASP A 252 17.46 -43.91 33.43
N LEU A 253 17.41 -42.62 33.10
CA LEU A 253 17.03 -42.23 31.74
C LEU A 253 18.08 -42.67 30.74
N LEU A 254 19.34 -42.71 31.16
CA LEU A 254 20.39 -43.24 30.29
C LEU A 254 20.21 -44.74 30.02
N THR A 255 19.67 -45.47 30.99
CA THR A 255 19.38 -46.89 30.77
C THR A 255 18.19 -47.08 29.80
N ASP A 256 17.14 -46.26 29.97
CA ASP A 256 16.00 -46.25 29.07
C ASP A 256 16.42 -46.03 27.62
N PHE A 257 17.42 -45.18 27.43
CA PHE A 257 18.02 -45.01 26.12
C PHE A 257 18.72 -46.30 25.67
N LYS A 258 19.39 -46.96 26.60
CA LYS A 258 20.11 -48.20 26.30
C LYS A 258 19.13 -49.29 25.88
N ASP A 259 17.97 -49.34 26.52
CA ASP A 259 16.94 -50.29 26.14
C ASP A 259 16.41 -49.94 24.76
N PHE A 260 16.00 -48.69 24.61
CA PHE A 260 15.39 -48.21 23.37
C PHE A 260 16.32 -48.45 22.18
N PHE A 261 17.62 -48.17 22.33
CA PHE A 261 18.54 -48.34 21.20
C PHE A 261 18.78 -49.80 20.84
N SER A 262 18.55 -50.69 21.79
CA SER A 262 18.78 -52.12 21.56
C SER A 262 17.50 -52.82 21.14
N THR A 263 16.42 -52.59 21.88
CA THR A 263 15.09 -53.10 21.52
C THR A 263 14.69 -52.74 20.09
N HIS A 264 15.11 -51.58 19.60
CA HIS A 264 14.65 -51.09 18.29
C HIS A 264 15.76 -50.87 17.29
N LYS A 265 16.69 -51.81 17.19
CA LYS A 265 17.87 -51.58 16.36
C LYS A 265 17.58 -51.81 14.88
N ASP A 266 18.37 -51.13 14.04
CA ASP A 266 18.34 -51.16 12.57
C ASP A 266 17.27 -50.22 12.00
N ALA A 267 16.29 -49.87 12.84
CA ALA A 267 15.26 -48.92 12.46
C ALA A 267 15.68 -47.51 12.88
N ASP A 270 18.00 -48.85 8.02
CA ASP A 270 16.68 -48.25 7.82
C ASP A 270 16.54 -46.94 8.60
N GLY A 271 15.36 -46.33 8.52
CA GLY A 271 15.05 -45.11 9.24
C GLY A 271 14.59 -43.94 8.38
N ASP A 272 13.29 -43.68 8.39
CA ASP A 272 12.74 -42.56 7.62
C ASP A 272 12.86 -41.20 8.36
N ASP A 273 13.05 -40.12 7.61
CA ASP A 273 13.19 -38.80 8.22
C ASP A 273 11.85 -38.07 8.29
N THR A 274 10.82 -38.72 7.76
CA THR A 274 9.48 -38.16 7.77
C THR A 274 8.49 -39.17 8.38
N VAL A 275 7.65 -38.68 9.29
CA VAL A 275 6.55 -39.43 9.88
C VAL A 275 5.23 -39.08 9.18
N VAL A 276 4.50 -40.07 8.67
CA VAL A 276 3.20 -39.74 8.07
C VAL A 276 2.05 -40.26 8.93
N LEU A 277 1.25 -39.32 9.41
CA LEU A 277 0.12 -39.60 10.29
C LEU A 277 -1.19 -39.49 9.49
N SER A 278 -2.02 -40.52 9.52
CA SER A 278 -3.32 -40.39 8.88
C SER A 278 -4.33 -39.82 9.87
N ILE A 279 -4.76 -38.59 9.65
CA ILE A 279 -5.68 -38.01 10.62
C ILE A 279 -7.15 -38.32 10.31
N LYS A 280 -7.47 -38.48 9.03
CA LYS A 280 -8.74 -39.06 8.58
C LYS A 280 -8.64 -39.49 7.12
N GLU A 281 -9.64 -40.24 6.68
CA GLU A 281 -9.69 -40.75 5.32
C GLU A 281 -9.42 -39.63 4.35
N GLY A 282 -8.36 -39.80 3.57
CA GLY A 282 -7.96 -38.80 2.62
C GLY A 282 -7.01 -37.71 3.03
N VAL A 283 -6.63 -37.57 4.32
CA VAL A 283 -5.63 -36.54 4.62
C VAL A 283 -4.62 -36.95 5.67
N ASN A 284 -3.37 -36.61 5.36
CA ASN A 284 -2.21 -36.95 6.18
C ASN A 284 -1.55 -35.70 6.70
N VAL A 285 -0.94 -35.83 7.88
CA VAL A 285 0.04 -34.84 8.29
C VAL A 285 1.42 -35.49 8.22
N ARG A 286 2.34 -34.71 7.65
CA ARG A 286 3.70 -35.15 7.39
C ARG A 286 4.68 -34.37 8.24
N LEU A 287 5.38 -35.07 9.12
CA LEU A 287 6.44 -34.50 9.99
C LEU A 287 7.86 -34.85 9.50
N PHE A 288 8.57 -33.83 9.00
CA PHE A 288 9.98 -33.93 8.61
C PHE A 288 10.84 -33.88 9.86
N VAL A 289 11.38 -35.02 10.29
CA VAL A 289 12.18 -35.09 11.53
C VAL A 289 13.57 -35.76 11.31
N PRO A 290 14.51 -35.05 10.68
CA PRO A 290 15.78 -35.65 10.22
C PRO A 290 16.87 -35.83 11.30
N LEU A 291 16.53 -35.48 12.53
CA LEU A 291 17.37 -35.74 13.71
C LEU A 291 16.97 -36.98 14.48
N PHE A 292 15.78 -37.48 14.27
CA PHE A 292 15.33 -38.62 15.05
C PHE A 292 15.70 -39.92 14.35
N ASN A 293 16.96 -40.30 14.51
CA ASN A 293 17.53 -41.53 13.98
C ASN A 293 18.72 -41.94 14.87
N TYR A 294 19.20 -43.19 14.75
CA TYR A 294 20.20 -43.77 15.64
C TYR A 294 21.46 -42.91 15.79
N HIS A 295 22.06 -42.50 14.67
CA HIS A 295 23.34 -41.79 14.73
C HIS A 295 23.21 -40.38 15.27
N ASP A 296 22.16 -39.68 14.90
CA ASP A 296 21.99 -38.32 15.37
C ASP A 296 21.66 -38.29 16.87
N CYS A 297 20.90 -39.27 17.35
CA CYS A 297 20.54 -39.27 18.74
C CYS A 297 21.67 -39.74 19.67
N LYS A 298 22.47 -40.67 19.21
CA LYS A 298 23.69 -41.04 19.92
C LYS A 298 24.58 -39.80 20.01
N ASN A 299 24.72 -39.06 18.92
CA ASN A 299 25.49 -37.82 18.99
C ASN A 299 24.89 -36.78 19.96
N ILE A 300 23.62 -36.36 19.82
CA ILE A 300 23.09 -35.31 20.74
C ILE A 300 22.97 -35.79 22.20
N LEU A 301 22.78 -37.08 22.41
CA LEU A 301 22.68 -37.67 23.74
C LEU A 301 23.99 -37.48 24.49
N LEU A 302 25.07 -37.55 23.74
CA LEU A 302 26.40 -37.29 24.25
C LEU A 302 26.59 -35.85 24.70
N LEU A 303 26.05 -34.91 23.94
CA LEU A 303 26.07 -33.50 24.28
C LEU A 303 25.24 -33.28 25.56
N PHE A 304 24.06 -33.90 25.60
CA PHE A 304 23.17 -33.78 26.76
C PHE A 304 23.85 -34.31 28.02
N GLN A 305 24.51 -35.45 27.86
CA GLN A 305 25.21 -36.11 28.94
C GLN A 305 26.36 -35.26 29.42
N SER A 306 26.99 -34.57 28.47
CA SER A 306 28.09 -33.67 28.76
C SER A 306 27.66 -32.48 29.60
N VAL A 307 26.56 -31.83 29.21
CA VAL A 307 26.05 -30.64 29.87
C VAL A 307 25.67 -30.99 31.29
N SER A 308 25.03 -32.14 31.43
CA SER A 308 24.63 -32.67 32.74
C SER A 308 25.80 -32.84 33.73
N TYR A 309 26.91 -33.46 33.31
CA TYR A 309 28.11 -33.62 34.15
C TYR A 309 29.12 -32.48 34.09
N LEU A 310 28.82 -31.45 33.32
CA LEU A 310 29.74 -30.34 33.04
C LEU A 310 30.47 -29.79 34.27
N THR A 311 29.74 -29.72 35.36
CA THR A 311 30.20 -29.06 36.56
C THR A 311 31.20 -29.93 37.36
N THR A 312 31.23 -31.22 37.06
CA THR A 312 32.17 -32.13 37.72
C THR A 312 33.38 -32.36 36.82
N CYS A 313 33.84 -31.31 36.15
CA CYS A 313 35.01 -31.40 35.31
C CYS A 313 36.34 -31.32 36.10
N TYR A 314 36.26 -30.93 37.38
CA TYR A 314 37.43 -30.88 38.28
C TYR A 314 37.86 -32.27 38.73
N SER A 315 36.97 -33.24 38.65
CA SER A 315 37.23 -34.59 39.16
C SER A 315 37.62 -35.54 38.04
N LYS A 316 38.65 -36.37 38.26
CA LYS A 316 39.06 -37.36 37.27
C LYS A 316 38.24 -38.64 37.41
N SER A 317 36.92 -38.51 37.31
CA SER A 317 36.01 -39.67 37.40
C SER A 317 34.70 -39.36 36.69
N SER A 318 34.15 -38.19 36.96
CA SER A 318 32.97 -37.74 36.25
C SER A 318 33.29 -36.53 35.37
N ASN A 319 34.52 -36.41 34.89
CA ASN A 319 34.82 -35.34 33.92
C ASN A 319 34.44 -35.77 32.47
N PHE A 320 33.23 -36.30 32.35
CA PHE A 320 32.64 -36.79 31.11
C PHE A 320 32.68 -35.75 29.99
N SER A 321 32.31 -34.52 30.34
CA SER A 321 32.31 -33.41 29.42
C SER A 321 33.68 -33.19 28.71
N THR A 322 34.78 -33.36 29.43
CA THR A 322 36.12 -33.10 28.87
C THR A 322 36.45 -34.11 27.79
N LYS A 323 36.07 -35.37 28.03
CA LYS A 323 36.34 -36.44 27.05
C LYS A 323 35.44 -36.43 25.82
N PHE A 324 34.21 -35.96 25.95
CA PHE A 324 33.19 -36.20 24.94
C PHE A 324 32.71 -34.97 24.14
N LEU A 325 32.93 -33.76 24.65
CA LEU A 325 32.61 -32.57 23.88
C LEU A 325 33.46 -32.46 22.59
N PRO A 326 34.78 -32.78 22.67
CA PRO A 326 35.49 -32.77 21.39
C PRO A 326 34.98 -33.84 20.40
N LYS A 327 34.44 -34.95 20.90
CA LYS A 327 33.83 -35.97 20.04
C LYS A 327 32.54 -35.53 19.33
N VAL A 328 31.62 -34.90 20.05
CA VAL A 328 30.36 -34.43 19.47
C VAL A 328 30.64 -33.25 18.53
N LEU A 329 31.68 -32.49 18.82
CA LEU A 329 32.12 -31.43 17.93
C LEU A 329 32.59 -32.00 16.56
N LYS A 330 33.35 -33.10 16.60
CA LYS A 330 33.89 -33.76 15.43
C LYS A 330 32.79 -34.49 14.64
N THR A 331 31.97 -35.25 15.36
CA THR A 331 30.87 -35.99 14.76
C THR A 331 29.90 -35.07 13.98
N SER A 332 29.59 -33.93 14.58
CA SER A 332 28.64 -32.99 14.00
C SER A 332 29.18 -32.31 12.78
N GLN A 333 30.51 -32.16 12.70
CA GLN A 333 31.09 -31.55 11.52
C GLN A 333 31.20 -32.60 10.40
N GLU A 334 31.39 -33.85 10.78
CA GLU A 334 31.32 -34.97 9.84
C GLU A 334 29.90 -35.14 9.29
N LEU A 335 28.89 -35.21 10.17
CA LEU A 335 27.51 -35.30 9.70
C LEU A 335 27.10 -34.15 8.76
N LYS A 336 27.62 -32.96 9.03
CA LYS A 336 27.38 -31.80 8.19
C LYS A 336 28.02 -31.97 6.80
N GLU A 337 29.22 -32.52 6.76
CA GLU A 337 29.92 -32.62 5.48
C GLU A 337 29.40 -33.78 4.61
N THR A 338 29.04 -34.88 5.25
CA THR A 338 28.55 -36.05 4.56
C THR A 338 27.04 -36.02 4.25
N LEU A 339 26.37 -34.94 4.64
CA LEU A 339 24.95 -34.74 4.34
C LEU A 339 24.68 -34.83 2.81
N GLN A 340 23.80 -35.75 2.45
CA GLN A 340 23.59 -36.11 1.06
C GLN A 340 22.07 -36.33 0.78
N LYS A 341 21.22 -35.73 1.62
CA LYS A 341 19.75 -35.82 1.51
C LYS A 341 19.18 -35.24 0.19
N ARG A 342 18.22 -35.93 -0.40
CA ARG A 342 17.65 -35.48 -1.69
C ARG A 342 16.40 -34.68 -1.41
N THR A 343 16.59 -33.39 -1.17
CA THR A 343 15.51 -32.50 -0.82
C THR A 343 15.85 -31.14 -1.42
N SER A 344 15.19 -30.08 -0.97
CA SER A 344 15.49 -28.76 -1.53
C SER A 344 16.71 -28.14 -0.86
N LEU A 345 17.28 -27.13 -1.48
CA LEU A 345 18.46 -26.49 -0.93
C LEU A 345 18.21 -25.86 0.43
N VAL A 346 17.06 -25.20 0.61
CA VAL A 346 16.76 -24.59 1.89
C VAL A 346 16.66 -25.68 2.99
N HIS A 347 16.12 -26.86 2.65
CA HIS A 347 16.04 -27.96 3.57
C HIS A 347 17.42 -28.60 3.84
N VAL A 348 18.30 -28.64 2.81
CA VAL A 348 19.66 -29.09 3.05
C VAL A 348 20.40 -28.09 3.94
N GLN A 349 20.29 -26.78 3.70
CA GLN A 349 20.96 -25.85 4.62
C GLN A 349 20.35 -25.83 6.06
N SER A 350 19.04 -26.09 6.17
CA SER A 350 18.41 -26.18 7.48
C SER A 350 19.01 -27.28 8.39
N ILE A 351 19.35 -28.44 7.79
CA ILE A 351 19.94 -29.55 8.52
C ILE A 351 21.40 -29.21 8.86
N ARG A 352 22.10 -28.55 7.94
CA ARG A 352 23.44 -28.08 8.19
C ARG A 352 23.51 -27.04 9.34
N ASN A 353 22.48 -26.19 9.46
CA ASN A 353 22.41 -25.17 10.48
C ASN A 353 22.21 -25.75 11.91
N ILE A 354 21.59 -26.92 11.99
CA ILE A 354 21.44 -27.58 13.27
C ILE A 354 22.79 -28.12 13.69
N TYR A 355 23.58 -28.67 12.76
CA TYR A 355 24.91 -29.15 13.13
C TYR A 355 25.84 -27.97 13.48
N ASP A 356 25.65 -26.81 12.84
CA ASP A 356 26.39 -25.61 13.18
C ASP A 356 26.05 -25.10 14.60
N LYS A 357 24.82 -25.35 15.04
CA LYS A 357 24.34 -24.96 16.37
C LYS A 357 24.87 -25.91 17.44
N VAL A 358 24.91 -27.20 17.12
CA VAL A 358 25.48 -28.23 18.04
C VAL A 358 26.93 -27.91 18.36
N VAL A 359 27.69 -27.58 17.32
CA VAL A 359 29.09 -27.22 17.42
C VAL A 359 29.31 -25.93 18.21
N ASP A 360 28.51 -24.90 17.92
CA ASP A 360 28.53 -23.70 18.73
C ASP A 360 28.13 -23.90 20.22
N LEU A 361 27.23 -24.85 20.53
CA LEU A 361 26.91 -25.11 21.95
C LEU A 361 28.06 -25.87 22.58
N CYS A 362 28.62 -26.80 21.82
CA CYS A 362 29.81 -27.54 22.24
C CYS A 362 30.91 -26.59 22.65
N ARG A 363 31.20 -25.61 21.79
CA ARG A 363 32.24 -24.63 22.07
C ARG A 363 31.89 -23.77 23.31
N PHE A 364 30.60 -23.40 23.45
CA PHE A 364 30.10 -22.70 24.63
C PHE A 364 30.38 -23.43 25.96
N TYR A 365 30.07 -24.73 26.00
CA TYR A 365 30.25 -25.52 27.21
C TYR A 365 31.72 -25.87 27.50
N GLN A 366 32.51 -26.01 26.43
CA GLN A 366 33.96 -26.16 26.54
C GLN A 366 34.58 -24.94 27.20
N THR A 367 34.16 -23.73 26.78
CA THR A 367 34.61 -22.47 27.37
C THR A 367 34.17 -22.36 28.88
N TRP A 368 32.93 -22.75 29.16
CA TRP A 368 32.37 -22.73 30.48
C TRP A 368 33.19 -23.57 31.45
N GLU A 369 33.59 -24.75 30.97
CA GLU A 369 34.40 -25.70 31.71
C GLU A 369 35.81 -25.14 31.95
N SER A 370 36.40 -24.57 30.90
CA SER A 370 37.70 -23.90 30.98
C SER A 370 37.73 -22.74 31.99
N LEU A 371 36.64 -21.97 32.06
CA LEU A 371 36.55 -20.85 33.00
C LEU A 371 36.31 -21.33 34.43
N ILE A 372 35.78 -22.54 34.60
CA ILE A 372 35.63 -23.10 35.93
C ILE A 372 37.02 -23.48 36.48
N LEU A 373 37.87 -24.03 35.62
CA LEU A 373 39.18 -24.53 36.02
C LEU A 373 40.36 -23.53 35.93
N SER A 374 40.23 -22.44 35.16
CA SER A 374 41.29 -21.44 35.04
C SER A 374 40.76 -20.01 34.92
N GLU A 375 41.66 -19.02 35.02
CA GLU A 375 41.28 -17.63 34.92
C GLU A 375 40.91 -17.18 33.49
N ARG A 376 41.74 -17.58 32.53
CA ARG A 376 41.52 -17.26 31.12
C ARG A 376 41.32 -18.53 30.34
N VAL A 377 40.65 -18.42 29.22
CA VAL A 377 40.54 -19.59 28.36
C VAL A 377 41.65 -19.50 27.30
N GLU A 378 42.49 -20.53 27.24
CA GLU A 378 43.59 -20.58 26.26
C GLU A 378 43.07 -20.51 24.83
N GLY A 379 43.24 -19.35 24.21
CA GLY A 379 42.84 -19.20 22.83
C GLY A 379 41.70 -18.22 22.61
N GLY A 380 41.34 -17.50 23.66
CA GLY A 380 40.25 -16.54 23.60
C GLY A 380 38.90 -17.19 23.73
N ILE A 381 37.89 -16.36 24.00
CA ILE A 381 36.50 -16.83 23.95
C ILE A 381 36.00 -16.79 22.49
N PRO A 382 35.55 -17.96 21.99
CA PRO A 382 34.98 -18.14 20.64
C PRO A 382 33.69 -17.36 20.42
N ARG A 383 33.54 -16.82 19.21
CA ARG A 383 32.29 -16.17 18.84
C ARG A 383 31.28 -17.20 18.39
N LEU A 384 30.16 -17.27 19.09
CA LEU A 384 29.08 -18.19 18.73
C LEU A 384 27.95 -17.45 18.00
N GLN A 385 27.05 -18.22 17.40
CA GLN A 385 25.90 -17.61 16.71
C GLN A 385 24.82 -17.22 17.73
N TYR A 386 24.99 -17.71 18.95
CA TYR A 386 24.18 -17.30 20.10
C TYR A 386 24.72 -16.04 20.74
N SER A 387 24.23 -14.88 20.32
CA SER A 387 24.81 -13.61 20.74
C SER A 387 24.69 -13.30 22.26
N GLU A 388 23.64 -13.76 22.92
CA GLU A 388 23.49 -13.51 24.36
C GLU A 388 24.34 -14.49 25.15
N TYR A 389 24.58 -15.68 24.60
CA TYR A 389 25.54 -16.60 25.22
C TYR A 389 26.97 -16.02 25.11
N ASN A 390 27.25 -15.24 24.07
CA ASN A 390 28.51 -14.49 23.99
C ASN A 390 28.67 -13.50 25.14
N ILE A 391 27.63 -12.71 25.41
CA ILE A 391 27.65 -11.69 26.45
C ILE A 391 27.87 -12.33 27.84
N LEU A 392 27.19 -13.45 28.06
CA LEU A 392 27.34 -14.24 29.26
C LEU A 392 28.78 -14.73 29.45
N LEU A 393 29.41 -15.19 28.37
CA LEU A 393 30.81 -15.67 28.43
C LEU A 393 31.79 -14.51 28.64
N GLU A 394 31.51 -13.39 27.98
CA GLU A 394 32.25 -12.17 28.20
C GLU A 394 32.22 -11.71 29.68
N ALA A 395 31.04 -11.81 30.29
CA ALA A 395 30.78 -11.39 31.66
C ALA A 395 31.52 -12.24 32.71
N ILE A 396 31.43 -13.55 32.53
CA ILE A 396 32.04 -14.49 33.46
C ILE A 396 33.55 -14.34 33.44
N SER A 397 34.15 -14.37 32.26
CA SER A 397 35.60 -14.27 32.15
C SER A 397 36.12 -12.91 32.63
N SER A 398 35.33 -11.85 32.40
CA SER A 398 35.70 -10.51 32.89
C SER A 398 35.60 -10.41 34.42
N GLN A 399 34.69 -11.20 34.98
CA GLN A 399 34.41 -11.13 36.41
C GLN A 399 35.50 -11.78 37.22
N GLN A 400 36.07 -12.86 36.70
CA GLN A 400 37.12 -13.61 37.42
C GLN A 400 38.52 -13.24 36.96
N ALA A 401 38.67 -12.11 36.26
CA ALA A 401 39.99 -11.57 35.91
C ALA A 401 40.79 -11.11 37.13
N GLN A 402 42.11 -11.09 37.00
CA GLN A 402 43.00 -10.74 38.10
C GLN A 402 42.67 -9.36 38.66
N GLN A 403 42.49 -8.41 37.77
CA GLN A 403 42.07 -7.08 38.16
C GLN A 403 40.82 -6.74 37.36
N ALA A 404 39.68 -7.15 37.89
CA ALA A 404 38.42 -7.03 37.16
C ALA A 404 37.84 -5.62 37.19
N ASP A 405 37.16 -5.26 36.11
CA ASP A 405 36.41 -4.03 36.00
C ASP A 405 34.94 -4.32 36.28
N LEU A 406 34.49 -4.06 37.50
CA LEU A 406 33.15 -4.43 37.92
C LEU A 406 32.04 -3.54 37.36
N SER A 407 32.38 -2.34 36.93
CA SER A 407 31.40 -1.51 36.22
C SER A 407 31.08 -2.06 34.81
N HIS A 408 32.04 -2.75 34.20
CA HIS A 408 31.82 -3.41 32.90
C HIS A 408 31.05 -4.74 33.08
N VAL A 409 31.51 -5.55 34.03
CA VAL A 409 30.79 -6.77 34.43
C VAL A 409 29.30 -6.49 34.73
N GLY A 410 29.02 -5.37 35.40
CA GLY A 410 27.65 -4.96 35.69
C GLY A 410 26.78 -4.68 34.48
N ARG A 411 27.31 -3.88 33.57
CA ARG A 411 26.65 -3.57 32.30
C ARG A 411 26.34 -4.85 31.49
N LEU A 412 27.28 -5.81 31.46
CA LEU A 412 27.03 -7.10 30.79
C LEU A 412 25.89 -7.86 31.42
N TYR A 413 25.93 -8.05 32.74
CA TYR A 413 24.88 -8.78 33.44
C TYR A 413 23.52 -8.06 33.37
N SER A 414 23.52 -6.73 33.30
CA SER A 414 22.29 -5.95 33.14
C SER A 414 21.62 -6.12 31.77
N THR A 415 22.41 -6.09 30.70
CA THR A 415 21.91 -6.41 29.35
C THR A 415 21.14 -7.74 29.38
N LEU A 416 21.71 -8.74 30.06
CA LEU A 416 21.06 -10.04 30.17
C LEU A 416 19.78 -10.06 31.03
N THR A 417 19.61 -9.08 31.91
CA THR A 417 18.37 -9.06 32.71
C THR A 417 17.18 -8.65 31.86
N LYS A 418 17.48 -8.11 30.67
CA LYS A 418 16.49 -7.69 29.67
C LYS A 418 16.33 -8.70 28.52
N SER A 419 16.87 -9.90 28.70
CA SER A 419 16.84 -10.94 27.68
C SER A 419 15.47 -11.59 27.63
N LYS A 420 15.04 -12.02 26.43
CA LYS A 420 13.82 -12.78 26.27
C LYS A 420 13.99 -14.23 26.71
N ASP A 421 15.23 -14.62 26.97
CA ASP A 421 15.48 -15.94 27.52
C ASP A 421 15.27 -15.87 29.05
N PRO A 422 14.27 -16.60 29.57
CA PRO A 422 13.92 -16.47 31.00
C PRO A 422 15.01 -17.05 31.91
N GLU A 423 15.69 -18.09 31.43
CA GLU A 423 16.83 -18.67 32.12
C GLU A 423 18.01 -17.70 32.16
N LEU A 424 18.28 -17.02 31.06
CA LEU A 424 19.35 -16.03 30.99
C LEU A 424 19.06 -14.82 31.89
N ARG A 425 17.81 -14.37 31.90
CA ARG A 425 17.35 -13.31 32.77
C ARG A 425 17.70 -13.58 34.25
N LEU A 426 17.30 -14.76 34.70
CA LEU A 426 17.52 -15.25 36.05
C LEU A 426 19.00 -15.25 36.41
N ILE A 427 19.82 -15.70 35.45
CA ILE A 427 21.27 -15.78 35.65
C ILE A 427 21.80 -14.36 35.77
N GLY A 428 21.36 -13.49 34.88
CA GLY A 428 21.70 -12.08 34.99
C GLY A 428 21.31 -11.36 36.29
N ILE A 429 20.08 -11.58 36.76
CA ILE A 429 19.61 -10.96 37.99
C ILE A 429 20.34 -11.52 39.20
N ALA A 430 20.66 -12.82 39.15
CA ALA A 430 21.34 -13.46 40.27
C ALA A 430 22.72 -12.88 40.50
N HIS A 431 23.42 -12.57 39.41
CA HIS A 431 24.77 -12.02 39.45
C HIS A 431 24.81 -10.53 39.81
N LEU A 432 23.90 -9.75 39.22
CA LEU A 432 23.69 -8.35 39.60
C LEU A 432 23.49 -8.22 41.10
N TYR A 433 22.63 -9.07 41.66
CA TYR A 433 22.36 -9.12 43.10
C TYR A 433 23.64 -9.27 43.92
N THR A 434 24.50 -10.23 43.57
CA THR A 434 25.75 -10.45 44.27
C THR A 434 26.67 -9.21 44.16
N LEU A 435 26.62 -8.52 43.03
CA LEU A 435 27.40 -7.30 42.90
C LEU A 435 26.90 -6.21 43.85
N ILE A 436 25.56 -5.99 43.86
CA ILE A 436 24.92 -5.00 44.70
C ILE A 436 25.18 -5.29 46.21
N VAL A 437 25.03 -6.55 46.63
CA VAL A 437 25.28 -6.98 47.99
C VAL A 437 26.71 -6.65 48.40
N ALA A 438 27.66 -6.77 47.46
CA ALA A 438 29.05 -6.45 47.77
C ALA A 438 29.25 -4.93 47.87
N GLU A 439 28.41 -4.16 47.20
CA GLU A 439 28.48 -2.71 47.31
C GLU A 439 28.03 -2.30 48.71
N LEU A 440 26.90 -2.86 49.14
CA LEU A 440 26.29 -2.52 50.42
C LEU A 440 27.22 -2.92 51.54
N SER A 441 27.82 -4.11 51.45
CA SER A 441 28.72 -4.62 52.48
C SER A 441 29.97 -3.77 52.67
N SER A 442 30.45 -3.12 51.62
CA SER A 442 31.67 -2.33 51.71
C SER A 442 31.45 -0.80 51.69
N CYS A 443 30.18 -0.38 51.73
CA CYS A 443 29.86 1.03 51.78
C CYS A 443 30.55 1.78 52.93
N SER A 444 30.89 3.04 52.68
CA SER A 444 31.58 3.89 53.67
C SER A 444 30.93 5.26 53.79
N GLU A 445 29.72 5.39 53.28
CA GLU A 445 29.15 6.70 52.99
C GLU A 445 28.33 7.29 54.12
N GLY A 446 28.07 6.50 55.15
CA GLY A 446 27.28 6.97 56.27
C GLY A 446 25.82 6.60 56.14
N PRO A 447 25.00 6.96 57.14
CA PRO A 447 23.58 6.57 57.21
C PRO A 447 22.77 6.76 55.91
N GLU A 448 22.96 7.83 55.17
CA GLU A 448 22.10 8.08 54.00
C GLU A 448 22.54 7.27 52.78
N GLY A 449 23.85 7.03 52.65
CA GLY A 449 24.37 6.16 51.61
C GLY A 449 24.04 4.70 51.84
N ILE A 450 24.34 4.21 53.05
CA ILE A 450 24.05 2.84 53.46
C ILE A 450 22.58 2.54 53.23
N SER A 451 21.74 3.52 53.49
CA SER A 451 20.31 3.31 53.34
C SER A 451 19.86 3.17 51.89
N GLU A 452 20.37 4.00 50.97
CA GLU A 452 19.95 3.83 49.56
C GLU A 452 20.50 2.52 48.96
N LEU A 453 21.70 2.10 49.36
CA LEU A 453 22.26 0.83 48.88
C LEU A 453 21.49 -0.36 49.42
N THR A 454 21.01 -0.23 50.65
CA THR A 454 20.16 -1.23 51.30
C THR A 454 18.93 -1.41 50.48
N GLN A 455 18.34 -0.28 50.10
CA GLN A 455 17.13 -0.28 49.31
C GLN A 455 17.36 -0.85 47.90
N LYS A 456 18.54 -0.64 47.31
CA LYS A 456 18.88 -1.24 46.01
C LYS A 456 19.01 -2.75 46.12
N THR A 457 19.50 -3.20 47.26
CA THR A 457 19.77 -4.60 47.49
C THR A 457 18.46 -5.36 47.66
N THR A 458 17.52 -4.75 48.35
CA THR A 458 16.23 -5.40 48.59
C THR A 458 15.37 -5.41 47.32
N ASP A 459 15.53 -4.38 46.49
CA ASP A 459 14.93 -4.32 45.14
C ASP A 459 15.49 -5.41 44.27
N ALA A 460 16.82 -5.52 44.29
CA ALA A 460 17.52 -6.54 43.53
C ALA A 460 17.09 -7.93 43.97
N TRP A 461 16.99 -8.09 45.30
CA TRP A 461 16.65 -9.39 45.89
C TRP A 461 15.24 -9.79 45.50
N GLU A 462 14.36 -8.81 45.36
CA GLU A 462 12.97 -9.11 45.06
C GLU A 462 12.76 -9.42 43.61
N GLN A 463 13.49 -8.71 42.76
CA GLN A 463 13.48 -8.98 41.35
C GLN A 463 14.00 -10.39 41.13
N LEU A 464 15.05 -10.77 41.85
CA LEU A 464 15.59 -12.11 41.73
C LEU A 464 14.57 -13.17 42.18
N GLN A 465 13.84 -12.87 43.25
CA GLN A 465 12.93 -13.88 43.81
C GLN A 465 11.70 -14.08 42.96
N HIS A 466 11.13 -12.98 42.48
CA HIS A 466 9.98 -13.05 41.56
C HIS A 466 10.29 -13.84 40.27
N ALA A 467 11.41 -13.55 39.62
CA ALA A 467 11.88 -14.30 38.45
C ALA A 467 11.98 -15.80 38.72
N TYR A 468 12.54 -16.14 39.88
CA TYR A 468 12.80 -17.52 40.25
C TYR A 468 11.54 -18.32 40.60
N LEU A 469 10.67 -17.74 41.44
CA LEU A 469 9.44 -18.40 41.89
C LEU A 469 8.46 -18.69 40.74
N SER A 470 8.54 -17.91 39.67
CA SER A 470 7.66 -18.16 38.52
C SER A 470 8.30 -19.04 37.44
N SER A 471 9.38 -19.74 37.76
CA SER A 471 10.00 -20.65 36.81
C SER A 471 9.98 -22.11 37.26
N SER A 472 10.34 -23.00 36.34
CA SER A 472 10.48 -24.42 36.67
C SER A 472 11.60 -24.69 37.70
N LEU A 473 12.57 -23.77 37.76
CA LEU A 473 13.79 -23.99 38.54
C LEU A 473 13.53 -24.07 40.06
N VAL A 474 12.32 -23.72 40.49
CA VAL A 474 11.83 -23.99 41.83
C VAL A 474 11.97 -25.47 42.20
N GLN A 475 11.85 -26.37 41.23
CA GLN A 475 12.05 -27.79 41.47
C GLN A 475 13.48 -28.24 41.19
N ASN A 476 14.35 -27.27 40.96
CA ASN A 476 15.77 -27.54 40.78
C ASN A 476 16.51 -27.23 42.09
N ASN A 477 17.06 -28.26 42.70
CA ASN A 477 17.69 -28.13 44.02
C ASN A 477 19.02 -27.39 44.02
N VAL A 478 19.68 -27.30 42.88
CA VAL A 478 20.93 -26.56 42.81
C VAL A 478 20.56 -25.08 42.93
N TRP A 479 19.55 -24.69 42.18
CA TRP A 479 19.04 -23.33 42.26
C TRP A 479 18.36 -22.98 43.61
N LYS A 480 17.60 -23.92 44.16
CA LYS A 480 16.89 -23.71 45.42
C LYS A 480 17.87 -23.50 46.58
N CYS A 481 18.87 -24.36 46.65
CA CYS A 481 19.91 -24.21 47.64
C CYS A 481 20.66 -22.88 47.48
N SER A 482 20.93 -22.48 46.23
CA SER A 482 21.71 -21.26 46.01
C SER A 482 20.88 -19.98 46.18
N VAL A 483 19.55 -20.04 45.99
CA VAL A 483 18.71 -18.88 46.32
C VAL A 483 18.66 -18.67 47.85
N ALA A 484 18.67 -19.78 48.59
CA ALA A 484 18.71 -19.71 50.05
C ALA A 484 20.05 -19.18 50.55
N ILE A 485 21.14 -19.54 49.87
CA ILE A 485 22.49 -19.04 50.21
C ILE A 485 22.62 -17.54 49.92
N LEU A 486 22.19 -17.12 48.74
CA LEU A 486 22.23 -15.71 48.36
C LEU A 486 21.39 -14.84 49.30
N TRP A 487 20.37 -15.45 49.88
CA TRP A 487 19.51 -14.79 50.86
C TRP A 487 20.33 -14.49 52.12
N ALA A 488 21.01 -15.52 52.62
CA ALA A 488 21.80 -15.47 53.85
C ALA A 488 23.03 -14.55 53.81
N ILE A 489 23.69 -14.43 52.65
CA ILE A 489 24.95 -13.69 52.58
C ILE A 489 24.76 -12.18 52.72
N SER A 490 23.58 -11.70 52.35
CA SER A 490 23.22 -10.31 52.57
C SER A 490 22.64 -10.02 53.98
N ARG A 491 22.43 -11.04 54.81
CA ARG A 491 21.68 -10.82 56.06
C ARG A 491 22.38 -11.10 57.43
N PHE A 492 23.67 -11.44 57.42
CA PHE A 492 24.41 -11.72 58.65
C PHE A 492 25.85 -11.16 58.61
N GLU A 493 26.42 -10.86 59.79
CA GLU A 493 27.55 -9.95 59.86
C GLU A 493 28.96 -10.45 59.47
N PRO A 494 29.27 -11.76 59.63
CA PRO A 494 30.54 -12.02 58.96
C PRO A 494 30.45 -11.85 57.40
N PHE A 495 29.34 -12.29 56.78
CA PHE A 495 29.21 -12.30 55.31
C PHE A 495 29.09 -10.93 54.64
N SER A 496 28.24 -10.07 55.19
CA SER A 496 28.08 -8.68 54.78
C SER A 496 28.53 -7.76 55.91
N GLY A 497 28.99 -6.58 55.54
CA GLY A 497 29.36 -5.56 56.52
C GLY A 497 28.16 -4.74 56.97
N HIS A 498 27.14 -4.64 56.12
CA HIS A 498 25.90 -3.99 56.51
C HIS A 498 24.68 -4.84 56.22
N PRO A 499 24.36 -5.81 57.10
CA PRO A 499 23.29 -6.78 56.81
C PRO A 499 21.90 -6.16 56.81
N ILE A 500 21.03 -6.69 55.97
CA ILE A 500 19.66 -6.19 55.94
C ILE A 500 18.85 -6.87 57.04
N HIS A 501 18.01 -6.08 57.71
CA HIS A 501 17.10 -6.58 58.74
C HIS A 501 15.65 -6.29 58.36
N SER A 502 14.76 -7.26 58.55
CA SER A 502 13.36 -7.10 58.12
C SER A 502 12.32 -7.54 59.18
N SER A 503 11.06 -7.17 58.93
CA SER A 503 9.92 -7.64 59.72
C SER A 503 9.09 -8.59 58.86
N SER A 504 8.78 -9.80 59.36
CA SER A 504 9.08 -10.26 60.71
C SER A 504 10.49 -10.88 60.91
N ASN A 505 10.94 -11.87 60.11
CA ASN A 505 10.24 -12.39 58.93
C ASN A 505 9.89 -13.88 59.04
N ASP A 506 8.95 -14.30 58.20
CA ASP A 506 8.65 -15.69 57.97
C ASP A 506 9.54 -16.19 56.81
N GLN A 507 10.13 -15.23 56.10
CA GLN A 507 11.16 -15.48 55.10
C GLN A 507 12.39 -16.05 55.78
N GLN A 508 12.66 -15.57 56.99
CA GLN A 508 13.82 -16.01 57.75
C GLN A 508 13.74 -17.49 58.10
N THR A 509 12.57 -17.95 58.52
CA THR A 509 12.44 -19.35 58.90
C THR A 509 12.38 -20.28 57.65
N LEU A 510 11.88 -19.73 56.55
CA LEU A 510 11.85 -20.42 55.25
C LEU A 510 13.22 -20.87 54.76
N TYR A 511 14.11 -19.91 54.61
CA TYR A 511 15.42 -20.14 54.01
C TYR A 511 16.42 -20.78 54.98
N MET A 512 16.15 -20.64 56.27
CA MET A 512 16.99 -21.23 57.31
C MET A 512 16.68 -22.71 57.47
N GLN A 513 15.39 -23.06 57.39
CA GLN A 513 14.97 -24.45 57.28
C GLN A 513 15.67 -25.08 56.09
N GLN A 514 15.56 -24.41 54.93
CA GLN A 514 16.20 -24.85 53.69
C GLN A 514 17.71 -25.03 53.82
N LEU A 515 18.41 -24.02 54.32
CA LEU A 515 19.86 -24.08 54.48
C LEU A 515 20.27 -25.24 55.33
N ASN A 516 19.55 -25.45 56.44
CA ASN A 516 19.79 -26.58 57.34
C ASN A 516 19.49 -27.92 56.69
N GLU A 517 18.37 -27.98 55.98
CA GLU A 517 17.98 -29.18 55.27
C GLU A 517 19.08 -29.58 54.28
N PHE A 518 19.54 -28.63 53.45
CA PHE A 518 20.63 -28.92 52.52
C PHE A 518 21.98 -29.23 53.20
N PHE A 519 22.35 -28.43 54.21
CA PHE A 519 23.64 -28.62 54.88
C PHE A 519 23.78 -29.96 55.61
N THR A 520 22.71 -30.42 56.25
CA THR A 520 22.78 -31.69 56.98
C THR A 520 22.82 -32.89 56.03
N ASP A 521 22.00 -32.87 54.98
CA ASP A 521 21.91 -34.00 54.06
C ASP A 521 23.07 -34.11 53.09
N ASN A 522 23.78 -33.02 52.89
CA ASN A 522 24.89 -33.00 51.94
C ASN A 522 26.24 -32.95 52.63
N ALA A 523 26.22 -32.90 53.95
CA ALA A 523 27.46 -33.04 54.73
C ALA A 523 27.87 -34.51 54.75
N LEU A 524 26.94 -35.35 55.19
CA LEU A 524 27.18 -36.79 55.38
C LEU A 524 27.28 -37.54 54.05
N PHE A 536 18.71 -37.57 46.13
CA PHE A 536 18.20 -36.28 46.58
C PHE A 536 19.31 -35.32 46.98
N LYS A 537 20.52 -35.82 47.23
CA LYS A 537 21.60 -34.91 47.61
C LYS A 537 22.19 -34.23 46.37
N LEU A 538 22.48 -32.93 46.50
CA LEU A 538 22.91 -32.04 45.42
C LEU A 538 24.03 -32.48 44.47
N LYS A 539 23.97 -31.94 43.25
CA LYS A 539 24.77 -32.30 42.08
C LYS A 539 26.31 -32.47 42.18
N LYS A 540 26.92 -31.92 43.23
CA LYS A 540 28.40 -31.97 43.44
C LYS A 540 29.18 -30.92 42.66
N SER A 541 28.56 -29.77 42.47
CA SER A 541 29.24 -28.57 41.97
C SER A 541 30.05 -27.91 43.09
N LEU A 542 31.36 -27.82 42.91
CA LEU A 542 32.24 -27.29 43.92
C LEU A 542 31.81 -25.92 44.53
N LEU A 543 31.57 -24.90 43.71
CA LEU A 543 31.09 -23.62 44.23
C LEU A 543 29.83 -23.72 45.07
N LEU A 544 28.89 -24.60 44.70
CA LEU A 544 27.67 -24.77 45.49
C LEU A 544 27.94 -25.43 46.87
N HIS A 545 28.72 -26.50 46.92
CA HIS A 545 29.07 -27.10 48.23
C HIS A 545 30.04 -26.27 49.07
N PHE A 546 30.93 -25.53 48.42
CA PHE A 546 31.75 -24.54 49.11
C PHE A 546 30.87 -23.55 49.84
N LEU A 547 29.96 -22.90 49.11
CA LEU A 547 29.12 -21.89 49.76
C LEU A 547 28.17 -22.51 50.81
N LEU A 548 27.80 -23.76 50.62
CA LEU A 548 26.93 -24.42 51.58
C LEU A 548 27.68 -24.73 52.87
N ASN A 549 28.85 -25.33 52.72
CA ASN A 549 29.67 -25.70 53.86
C ASN A 549 30.19 -24.49 54.65
N TYR A 550 30.59 -23.45 53.95
CA TYR A 550 31.07 -22.24 54.61
C TYR A 550 29.93 -21.57 55.39
N LEU A 551 28.74 -21.46 54.79
CA LEU A 551 27.60 -20.89 55.53
C LEU A 551 27.23 -21.78 56.73
N GLY A 552 27.08 -23.08 56.48
CA GLY A 552 26.70 -24.04 57.50
C GLY A 552 27.70 -24.12 58.64
N GLY A 553 28.97 -24.19 58.29
CA GLY A 553 30.04 -24.25 59.27
C GLY A 553 30.11 -23.02 60.15
N THR A 554 29.69 -21.89 59.59
CA THR A 554 29.76 -20.62 60.30
C THR A 554 28.50 -20.39 61.14
N MET A 555 27.35 -20.81 60.62
CA MET A 555 26.07 -20.48 61.23
C MET A 555 25.47 -21.58 62.10
N LEU A 556 25.72 -22.84 61.72
CA LEU A 556 24.97 -23.96 62.28
C LEU A 556 25.78 -24.96 63.10
N VAL A 557 27.11 -24.90 63.01
CA VAL A 557 27.96 -25.84 63.75
C VAL A 557 28.52 -25.26 65.05
N SER A 558 28.37 -26.00 66.15
CA SER A 558 28.82 -25.56 67.49
C SER A 558 30.22 -26.05 67.84
N ASP A 559 30.45 -27.34 67.59
CA ASP A 559 31.72 -28.00 67.85
C ASP A 559 32.90 -27.34 67.13
N VAL A 560 34.02 -27.14 67.85
CA VAL A 560 35.19 -26.50 67.23
C VAL A 560 36.05 -27.43 66.36
N GLN A 561 36.08 -28.72 66.65
CA GLN A 561 36.86 -29.64 65.83
C GLN A 561 36.14 -29.95 64.51
N LYS A 562 34.82 -29.96 64.55
CA LYS A 562 34.02 -30.19 63.35
C LYS A 562 34.11 -28.96 62.45
N ARG A 563 34.08 -27.79 63.07
CA ARG A 563 34.30 -26.51 62.39
C ARG A 563 35.64 -26.53 61.66
N CYS A 564 36.65 -27.11 62.28
CA CYS A 564 37.96 -27.28 61.65
C CYS A 564 37.93 -28.25 60.46
N ASP A 565 37.09 -29.29 60.55
CA ASP A 565 36.93 -30.28 59.48
C ASP A 565 36.36 -29.61 58.25
N ILE A 566 35.39 -28.75 58.49
CA ILE A 566 34.66 -28.09 57.44
C ILE A 566 35.49 -26.96 56.81
N SER A 567 36.20 -26.18 57.62
CA SER A 567 37.02 -25.08 57.11
C SER A 567 38.25 -25.57 56.38
N SER A 568 38.66 -26.80 56.66
CA SER A 568 39.80 -27.40 56.00
C SER A 568 39.33 -27.96 54.66
N SER A 569 38.16 -28.58 54.70
CA SER A 569 37.51 -29.09 53.51
C SER A 569 37.22 -27.96 52.51
N CYS A 570 36.68 -26.84 53.01
CA CYS A 570 36.43 -25.70 52.14
C CYS A 570 37.70 -25.04 51.61
N PHE A 571 38.77 -25.03 52.42
CA PHE A 571 40.05 -24.47 52.01
C PHE A 571 40.69 -25.33 50.91
N GLN A 572 40.55 -26.65 50.98
CA GLN A 572 41.11 -27.52 49.95
C GLN A 572 40.30 -27.49 48.63
N MET A 573 39.00 -27.29 48.74
CA MET A 573 38.11 -27.18 47.58
C MET A 573 38.59 -26.10 46.60
N GLY A 574 39.06 -24.99 47.14
CA GLY A 574 39.51 -23.87 46.34
C GLY A 574 40.79 -24.13 45.58
N LYS A 575 41.39 -25.31 45.79
CA LYS A 575 42.55 -25.74 45.00
C LYS A 575 42.12 -26.69 43.83
N GLN A 576 40.92 -27.25 43.93
CA GLN A 576 40.43 -28.17 42.91
C GLN A 576 39.86 -27.51 41.63
N GLN A 577 39.55 -26.22 41.70
CA GLN A 577 39.11 -25.43 40.52
C GLN A 577 39.43 -23.95 40.79
N TYR A 578 39.24 -23.07 39.80
CA TYR A 578 39.72 -21.70 39.94
C TYR A 578 38.77 -20.81 40.75
N MET A 579 39.19 -20.47 41.96
CA MET A 579 38.45 -19.58 42.85
C MET A 579 39.36 -19.10 43.98
N PRO A 580 40.31 -18.22 43.63
CA PRO A 580 41.29 -17.76 44.62
C PRO A 580 40.68 -16.92 45.74
N GLY A 581 39.73 -16.07 45.40
CA GLY A 581 39.03 -15.26 46.36
C GLY A 581 38.26 -16.08 47.38
N MET A 582 37.61 -17.14 46.91
CA MET A 582 36.91 -18.03 47.82
C MET A 582 37.91 -18.82 48.66
N ARG A 583 39.00 -19.26 48.05
CA ARG A 583 39.98 -20.06 48.77
C ARG A 583 40.64 -19.22 49.83
N TYR A 584 40.85 -17.95 49.52
CA TYR A 584 41.41 -17.03 50.52
C TYR A 584 40.48 -16.93 51.77
N VAL A 585 39.21 -16.51 51.60
CA VAL A 585 38.29 -16.37 52.73
C VAL A 585 38.02 -17.69 53.50
N ALA A 586 38.08 -18.83 52.82
CA ALA A 586 38.04 -20.11 53.51
C ALA A 586 39.30 -20.31 54.35
N GLY A 587 40.43 -19.80 53.84
CA GLY A 587 41.70 -19.85 54.52
C GLY A 587 41.82 -19.00 55.79
N ILE A 588 41.25 -17.80 55.82
CA ILE A 588 41.35 -17.00 57.04
C ILE A 588 40.37 -17.56 58.07
N TRP A 589 39.27 -18.13 57.60
CA TRP A 589 38.33 -18.83 58.45
C TRP A 589 38.98 -20.02 59.11
N HIS A 590 39.76 -20.75 58.32
CA HIS A 590 40.42 -21.96 58.81
C HIS A 590 41.58 -21.60 59.74
N LEU A 591 42.27 -20.52 59.43
CA LEU A 591 43.37 -20.05 60.25
C LEU A 591 42.90 -19.68 61.68
N MET A 592 41.71 -19.10 61.81
CA MET A 592 41.14 -18.73 63.09
C MET A 592 40.55 -19.95 63.80
N ASN A 593 39.98 -20.86 63.04
CA ASN A 593 39.47 -22.10 63.61
C ASN A 593 40.61 -22.96 64.13
N SER A 594 41.72 -22.97 63.41
CA SER A 594 42.89 -23.75 63.80
C SER A 594 43.58 -23.13 65.00
N THR A 595 43.43 -21.82 65.18
CA THR A 595 43.99 -21.15 66.33
C THR A 595 43.18 -21.40 67.63
N VAL A 596 41.87 -21.21 67.57
CA VAL A 596 40.98 -21.51 68.70
C VAL A 596 41.04 -22.98 69.09
N ALA A 597 41.24 -23.85 68.11
CA ALA A 597 41.37 -25.27 68.40
C ALA A 597 42.78 -25.59 68.89
N MET A 598 43.62 -24.56 68.95
CA MET A 598 45.01 -24.72 69.38
C MET A 598 45.73 -25.83 68.63
N LYS A 599 45.49 -25.90 67.32
CA LYS A 599 46.17 -26.86 66.44
C LYS A 599 47.38 -26.16 65.84
N THR A 600 48.52 -26.27 66.51
CA THR A 600 49.65 -25.40 66.22
C THR A 600 50.42 -25.69 64.93
N LYS A 601 50.46 -26.95 64.51
CA LYS A 601 51.08 -27.31 63.24
C LYS A 601 50.26 -26.79 62.08
N GLU A 602 48.94 -26.93 62.20
CA GLU A 602 48.02 -26.59 61.13
C GLU A 602 47.95 -25.09 60.93
N VAL A 603 48.09 -24.35 62.04
CA VAL A 603 48.18 -22.90 61.98
C VAL A 603 49.40 -22.52 61.16
N ALA A 604 50.48 -23.28 61.34
CA ALA A 604 51.75 -23.01 60.65
C ALA A 604 51.62 -23.14 59.14
N ILE A 605 51.01 -24.23 58.68
CA ILE A 605 50.91 -24.49 57.24
C ILE A 605 49.80 -23.67 56.57
N THR A 606 48.71 -23.41 57.28
CA THR A 606 47.66 -22.56 56.73
C THR A 606 48.23 -21.17 56.48
N ARG A 607 49.00 -20.66 57.44
CA ARG A 607 49.57 -19.32 57.31
C ARG A 607 50.54 -19.32 56.14
N ALA A 608 51.29 -20.40 56.02
CA ALA A 608 52.24 -20.56 54.92
C ALA A 608 51.55 -20.54 53.54
N LYS A 609 50.51 -21.37 53.37
CA LYS A 609 49.68 -21.38 52.16
C LYS A 609 49.10 -19.99 51.86
N LEU A 610 48.44 -19.43 52.86
CA LEU A 610 47.83 -18.09 52.80
C LEU A 610 48.83 -17.05 52.31
N GLU A 611 50.09 -17.22 52.68
CA GLU A 611 51.11 -16.23 52.36
C GLU A 611 51.45 -16.24 50.89
N GLY A 612 51.43 -17.42 50.27
CA GLY A 612 51.65 -17.56 48.85
C GLY A 612 50.42 -17.26 48.03
N LEU A 613 49.27 -17.43 48.67
CA LEU A 613 47.97 -17.11 48.12
C LEU A 613 47.85 -15.61 47.87
N VAL A 614 48.18 -14.78 48.86
CA VAL A 614 48.06 -13.34 48.69
C VAL A 614 49.09 -12.82 47.69
N ASP A 615 50.21 -13.54 47.59
CA ASP A 615 51.24 -13.22 46.61
C ASP A 615 50.67 -13.30 45.21
N LYS A 616 50.13 -14.46 44.87
CA LYS A 616 49.56 -14.64 43.54
C LYS A 616 48.45 -13.65 43.24
N MET A 617 47.66 -13.28 44.24
CA MET A 617 46.50 -12.43 44.01
C MET A 617 46.86 -10.97 43.80
N LEU A 618 47.89 -10.54 44.51
CA LEU A 618 48.38 -9.15 44.42
C LEU A 618 49.47 -8.98 43.35
N ASN A 619 50.19 -10.06 43.06
CA ASN A 619 51.40 -10.04 42.23
C ASN A 619 52.49 -9.20 42.88
N THR B 3 48.69 -10.10 63.30
CA THR B 3 47.85 -9.93 62.12
C THR B 3 47.26 -11.26 61.60
N PHE B 4 47.07 -11.30 60.28
CA PHE B 4 46.70 -12.50 59.53
C PHE B 4 47.04 -12.18 58.08
N PRO B 5 47.55 -13.17 57.31
CA PRO B 5 48.02 -12.89 55.95
C PRO B 5 46.99 -12.24 55.02
N GLY B 6 47.31 -11.06 54.52
CA GLY B 6 46.48 -10.36 53.57
C GLY B 6 45.70 -9.24 54.21
N GLU B 7 45.69 -9.20 55.54
CA GLU B 7 45.15 -8.06 56.26
C GLU B 7 45.94 -6.84 55.81
N ASP B 8 45.23 -5.75 55.53
CA ASP B 8 45.71 -4.42 55.09
C ASP B 8 46.01 -4.36 53.59
N THR B 9 45.54 -5.37 52.87
CA THR B 9 45.58 -5.35 51.41
C THR B 9 44.17 -5.09 50.90
N ARG B 10 44.03 -4.99 49.58
CA ARG B 10 42.73 -4.74 48.94
C ARG B 10 41.83 -5.99 48.92
N ILE B 11 42.45 -7.17 49.07
CA ILE B 11 41.76 -8.44 48.93
C ILE B 11 40.47 -8.58 49.75
N PRO B 12 39.33 -8.85 49.07
CA PRO B 12 38.05 -9.04 49.77
C PRO B 12 38.12 -10.07 50.92
N LYS B 13 37.67 -9.68 52.12
CA LYS B 13 37.75 -10.54 53.30
C LYS B 13 36.41 -11.16 53.69
N ARG B 14 35.31 -10.54 53.30
CA ARG B 14 33.99 -11.14 53.51
C ARG B 14 33.49 -11.88 52.28
N ILE B 15 32.72 -12.95 52.49
CA ILE B 15 32.30 -13.80 51.39
C ILE B 15 31.36 -13.09 50.40
N SER B 16 30.64 -12.07 50.83
CA SER B 16 29.75 -11.39 49.92
C SER B 16 30.58 -10.49 49.02
N GLU B 17 31.62 -9.87 49.57
CA GLU B 17 32.55 -9.06 48.76
C GLU B 17 33.36 -9.92 47.81
N ALA B 18 33.75 -11.13 48.23
CA ALA B 18 34.49 -12.04 47.37
C ALA B 18 33.60 -12.65 46.27
N LEU B 19 32.30 -12.75 46.52
CA LEU B 19 31.37 -13.31 45.53
C LEU B 19 31.23 -12.42 44.31
N SER B 20 31.39 -11.11 44.50
CA SER B 20 31.31 -10.19 43.39
C SER B 20 32.45 -10.39 42.35
N HIS B 21 33.49 -11.14 42.74
CA HIS B 21 34.57 -11.56 41.83
C HIS B 21 34.51 -13.04 41.46
N GLN B 22 33.44 -13.71 41.85
CA GLN B 22 33.24 -15.13 41.58
C GLN B 22 31.96 -15.37 40.80
N PRO B 23 32.08 -15.70 39.49
CA PRO B 23 30.91 -16.03 38.67
C PRO B 23 30.17 -17.24 39.23
N LEU B 24 28.85 -17.20 39.23
CA LEU B 24 28.04 -18.33 39.69
C LEU B 24 28.09 -19.48 38.68
N ASN B 25 29.25 -20.10 38.59
CA ASN B 25 29.52 -21.06 37.53
C ASN B 25 28.89 -22.43 37.73
N HIS B 26 28.15 -22.63 38.81
CA HIS B 26 27.35 -23.86 38.93
C HIS B 26 25.92 -23.68 38.38
N LEU B 27 25.50 -22.44 38.15
CA LEU B 27 24.22 -22.19 37.48
C LEU B 27 24.42 -22.12 35.95
N VAL B 28 24.32 -23.29 35.30
CA VAL B 28 24.59 -23.44 33.86
C VAL B 28 23.35 -23.38 32.98
N PRO B 29 23.30 -22.42 32.03
CA PRO B 29 22.23 -22.33 31.00
C PRO B 29 22.04 -23.59 30.13
N LYS B 30 20.81 -24.07 30.05
CA LYS B 30 20.51 -25.32 29.36
C LYS B 30 19.38 -25.20 28.34
N ARG B 31 18.68 -24.07 28.36
CA ARG B 31 17.53 -23.79 27.48
C ARG B 31 17.74 -23.99 25.97
N GLU B 32 18.85 -23.52 25.43
CA GLU B 32 19.09 -23.62 23.98
C GLU B 32 19.31 -25.04 23.50
N LEU B 33 19.51 -25.95 24.45
CA LEU B 33 19.53 -27.39 24.23
C LEU B 33 18.21 -27.97 23.74
N SER B 34 17.11 -27.59 24.39
CA SER B 34 15.80 -28.13 24.07
C SER B 34 15.34 -27.58 22.73
N ARG B 35 15.72 -26.33 22.48
CA ARG B 35 15.35 -25.62 21.27
C ARG B 35 15.93 -26.21 20.00
N LEU B 36 17.05 -26.90 20.06
CA LEU B 36 17.58 -27.41 18.78
C LEU B 36 16.88 -28.71 18.38
N LEU B 37 16.09 -29.27 19.28
CA LEU B 37 15.28 -30.45 19.00
C LEU B 37 13.83 -30.12 18.76
N SER B 38 13.34 -29.06 19.39
CA SER B 38 11.91 -28.84 19.41
C SER B 38 11.33 -28.35 18.11
N LYS B 39 12.19 -28.20 17.12
CA LYS B 39 11.79 -27.59 15.87
C LYS B 39 11.62 -28.68 14.76
N PRO B 40 10.45 -29.38 14.73
CA PRO B 40 10.29 -30.33 13.63
C PRO B 40 10.43 -29.56 12.35
N VAL B 41 11.56 -29.72 11.67
CA VAL B 41 11.92 -28.97 10.44
C VAL B 41 10.76 -28.56 9.51
N GLN B 42 9.81 -29.46 9.34
CA GLN B 42 8.63 -29.17 8.57
C GLN B 42 7.43 -29.93 9.12
N ILE B 43 6.28 -29.24 9.17
CA ILE B 43 4.95 -29.84 9.38
C ILE B 43 4.10 -29.50 8.17
N SER B 44 3.28 -30.43 7.70
CA SER B 44 2.50 -30.18 6.49
C SER B 44 1.30 -31.10 6.34
N VAL B 45 0.22 -30.55 5.79
CA VAL B 45 -0.98 -31.32 5.53
C VAL B 45 -0.95 -31.69 4.06
N GLN B 46 -1.30 -32.92 3.75
CA GLN B 46 -1.30 -33.41 2.37
C GLN B 46 -2.54 -34.24 2.06
N LEU B 47 -3.15 -34.01 0.91
CA LEU B 47 -4.30 -34.79 0.50
C LEU B 47 -3.83 -36.13 -0.03
N GLU B 48 -4.39 -37.23 0.46
CA GLU B 48 -4.14 -38.51 -0.20
C GLU B 48 -5.13 -38.66 -1.36
N SER B 49 -4.64 -38.58 -2.59
CA SER B 49 -5.51 -38.74 -3.78
C SER B 49 -4.75 -39.18 -5.04
N GLU B 50 -5.46 -39.79 -5.97
CA GLU B 50 -4.87 -40.23 -7.25
C GLU B 50 -4.32 -39.09 -8.09
N ASP B 51 -3.21 -39.36 -8.78
CA ASP B 51 -2.65 -38.43 -9.76
C ASP B 51 -3.75 -38.01 -10.72
N ALA B 52 -4.07 -36.73 -10.75
CA ALA B 52 -5.13 -36.25 -11.65
C ALA B 52 -4.66 -36.06 -13.10
N PHE B 53 -3.36 -36.16 -13.34
CA PHE B 53 -2.80 -35.92 -14.67
C PHE B 53 -2.42 -37.22 -15.37
N GLU B 54 -3.10 -37.51 -16.49
CA GLU B 54 -2.85 -38.71 -17.27
C GLU B 54 -1.44 -38.77 -17.84
N GLU B 55 -0.93 -40.00 -17.96
CA GLU B 55 0.28 -40.25 -18.73
C GLU B 55 0.11 -39.77 -20.17
N VAL B 56 1.22 -39.32 -20.77
CA VAL B 56 1.28 -39.05 -22.20
C VAL B 56 1.75 -40.33 -22.91
N PRO B 57 1.54 -40.41 -24.25
CA PRO B 57 2.15 -41.51 -25.00
C PRO B 57 3.66 -41.52 -24.82
N GLU B 58 4.26 -42.69 -24.60
CA GLU B 58 5.70 -42.77 -24.39
C GLU B 58 6.51 -42.26 -25.58
N GLU B 59 5.96 -42.35 -26.79
CA GLU B 59 6.65 -41.89 -27.99
C GLU B 59 6.89 -40.39 -28.00
N LEU B 60 5.99 -39.65 -27.34
CA LEU B 60 6.06 -38.19 -27.32
C LEU B 60 7.25 -37.69 -26.48
N TRP B 61 7.67 -38.49 -25.50
CA TRP B 61 8.96 -38.28 -24.83
C TRP B 61 10.15 -38.22 -25.75
N GLN B 62 10.02 -38.70 -26.99
CA GLN B 62 11.10 -38.57 -27.97
C GLN B 62 11.03 -37.28 -28.79
N TYR B 63 10.07 -36.40 -28.50
CA TYR B 63 9.98 -35.12 -29.19
C TYR B 63 11.33 -34.39 -29.09
N PRO B 64 11.95 -34.09 -30.23
CA PRO B 64 13.35 -33.60 -30.24
C PRO B 64 13.52 -32.10 -30.06
N HIS B 65 12.45 -31.33 -30.09
CA HIS B 65 12.64 -29.89 -30.16
C HIS B 65 12.27 -29.17 -28.88
N PRO B 66 12.89 -27.99 -28.65
CA PRO B 66 12.55 -27.19 -27.46
C PRO B 66 11.09 -26.79 -27.45
N ILE B 67 10.44 -26.94 -26.31
CA ILE B 67 9.11 -26.40 -26.09
C ILE B 67 9.25 -25.18 -25.19
N ASP B 68 8.54 -24.11 -25.53
CA ASP B 68 8.62 -22.90 -24.74
C ASP B 68 7.69 -22.99 -23.52
N LEU B 69 8.24 -23.25 -22.34
CA LEU B 69 7.45 -23.04 -21.14
C LEU B 69 7.62 -21.54 -20.95
N ASP B 70 6.81 -20.91 -20.12
CA ASP B 70 6.76 -19.44 -20.09
C ASP B 70 6.61 -18.74 -21.45
N PRO B 71 5.43 -18.81 -22.08
CA PRO B 71 5.38 -17.90 -23.23
C PRO B 71 5.07 -16.43 -22.90
N LEU B 72 5.70 -15.82 -21.88
CA LEU B 72 5.62 -14.37 -21.54
C LEU B 72 6.35 -13.95 -20.21
N ARG B 73 5.96 -14.57 -19.09
CA ARG B 73 6.01 -13.93 -17.76
C ARG B 73 7.33 -13.55 -17.05
N LEU B 74 8.48 -14.11 -17.39
CA LEU B 74 9.66 -13.81 -16.56
C LEU B 74 10.37 -12.50 -16.93
N GLU B 75 9.61 -11.54 -17.46
CA GLU B 75 10.15 -10.19 -17.65
C GLU B 75 9.09 -9.10 -17.51
N GLN B 78 7.73 -10.04 -14.66
CA GLN B 78 8.09 -10.12 -13.26
C GLN B 78 9.01 -11.32 -12.99
N PRO B 79 10.34 -11.10 -12.99
CA PRO B 79 11.31 -12.16 -12.72
C PRO B 79 11.15 -12.69 -11.30
N LEU B 80 11.30 -14.00 -11.10
CA LEU B 80 11.20 -14.59 -9.78
C LEU B 80 12.43 -14.35 -8.92
N ARG B 81 12.22 -14.11 -7.64
CA ARG B 81 13.32 -14.00 -6.69
C ARG B 81 13.44 -15.29 -5.90
N PHE B 82 14.66 -15.80 -5.81
CA PHE B 82 14.87 -17.08 -5.15
C PHE B 82 15.56 -16.91 -3.81
N ARG B 83 15.38 -17.90 -2.95
CA ARG B 83 15.93 -17.85 -1.60
C ARG B 83 17.36 -18.34 -1.54
N ARG B 84 18.28 -17.41 -1.31
CA ARG B 84 19.66 -17.75 -1.03
C ARG B 84 19.76 -18.22 0.42
N PRO B 85 20.16 -19.48 0.65
CA PRO B 85 20.19 -20.06 2.00
C PRO B 85 21.15 -19.34 2.93
N ARG B 86 20.63 -18.82 4.04
CA ARG B 86 21.48 -18.19 5.06
C ARG B 86 22.40 -19.25 5.65
N GLY B 87 23.70 -18.95 5.69
CA GLY B 87 24.67 -19.83 6.30
C GLY B 87 25.35 -20.73 5.29
N ALA B 88 25.10 -20.48 4.02
CA ALA B 88 25.66 -21.27 2.95
C ALA B 88 27.11 -20.87 2.70
N ARG B 89 28.01 -21.85 2.78
CA ARG B 89 29.41 -21.64 2.43
C ARG B 89 29.50 -21.78 0.91
N LEU B 90 29.53 -20.64 0.25
CA LEU B 90 29.54 -20.65 -1.21
C LEU B 90 30.88 -20.21 -1.74
N ASP B 91 31.28 -20.89 -2.80
CA ASP B 91 32.60 -20.76 -3.38
C ASP B 91 32.41 -20.29 -4.84
N TYR B 92 33.48 -19.85 -5.49
CA TYR B 92 33.37 -19.47 -6.89
C TYR B 92 34.34 -20.28 -7.75
N ARG B 93 33.83 -21.32 -8.39
CA ARG B 93 34.58 -22.09 -9.37
C ARG B 93 33.65 -22.64 -10.47
N GLU B 94 34.09 -22.59 -11.74
CA GLU B 94 33.30 -23.10 -12.85
C GLU B 94 33.72 -24.51 -13.26
N ASP B 95 34.37 -25.21 -12.33
CA ASP B 95 34.92 -26.53 -12.57
C ASP B 95 33.83 -27.57 -12.83
N SER B 96 32.62 -27.27 -12.38
CA SER B 96 31.48 -28.19 -12.49
C SER B 96 30.89 -28.24 -13.91
N SER B 97 30.02 -29.20 -14.16
CA SER B 97 29.44 -29.35 -15.50
C SER B 97 28.32 -28.36 -15.81
N GLU B 98 28.04 -28.19 -17.09
CA GLU B 98 27.01 -27.28 -17.58
C GLU B 98 25.63 -27.82 -17.25
N ILE B 99 24.62 -26.96 -17.30
CA ILE B 99 23.29 -27.31 -16.81
C ILE B 99 22.59 -28.38 -17.66
N ALA B 100 22.81 -28.37 -18.96
CA ALA B 100 22.16 -29.36 -19.80
C ALA B 100 22.90 -30.70 -19.80
N ASP B 101 23.95 -30.80 -18.99
CA ASP B 101 24.70 -32.05 -18.79
C ASP B 101 24.44 -32.66 -17.40
N LEU B 102 23.60 -31.98 -16.63
CA LEU B 102 23.28 -32.40 -15.27
C LEU B 102 22.33 -33.60 -15.25
N PRO B 103 22.49 -34.51 -14.27
CA PRO B 103 21.48 -35.56 -14.12
C PRO B 103 20.35 -35.08 -13.21
N GLY B 104 19.14 -35.60 -13.29
CA GLY B 104 18.60 -36.41 -14.37
C GLY B 104 17.09 -36.31 -14.08
N MET B 105 16.19 -35.87 -14.96
CA MET B 105 16.29 -35.12 -16.21
C MET B 105 16.47 -36.01 -17.47
N GLY B 106 15.45 -36.00 -18.31
CA GLY B 106 15.40 -36.74 -19.55
C GLY B 106 15.77 -35.84 -20.70
N GLN B 107 15.75 -36.37 -21.89
CA GLN B 107 16.23 -35.62 -23.04
C GLN B 107 15.34 -34.48 -23.55
N LEU B 108 14.01 -34.60 -23.46
CA LEU B 108 13.14 -33.45 -23.74
C LEU B 108 13.37 -32.34 -22.72
N ALA B 109 13.53 -32.70 -21.43
CA ALA B 109 13.87 -31.74 -20.38
C ALA B 109 15.21 -31.03 -20.65
N ARG B 110 16.19 -31.72 -21.23
CA ARG B 110 17.46 -31.08 -21.57
C ARG B 110 17.31 -30.11 -22.74
N ALA B 111 16.52 -30.50 -23.72
CA ALA B 111 16.24 -29.66 -24.90
C ALA B 111 15.49 -28.38 -24.54
N CYS B 112 14.59 -28.47 -23.57
CA CYS B 112 13.80 -27.29 -23.21
C CYS B 112 14.67 -26.29 -22.43
N LEU B 113 15.82 -26.75 -21.94
CA LEU B 113 16.81 -25.88 -21.30
C LEU B 113 17.66 -25.11 -22.28
N SER B 114 17.69 -25.58 -23.53
CA SER B 114 18.54 -24.98 -24.57
C SER B 114 18.06 -23.58 -24.92
N GLY B 115 18.99 -22.62 -24.94
CA GLY B 115 18.63 -21.24 -25.18
C GLY B 115 18.39 -20.40 -23.94
N THR B 116 17.73 -20.96 -22.92
CA THR B 116 17.48 -20.21 -21.69
C THR B 116 18.81 -19.91 -21.00
N GLN B 117 18.92 -18.76 -20.36
CA GLN B 117 20.14 -18.43 -19.59
C GLN B 117 19.95 -18.74 -18.11
N LEU B 118 21.01 -18.70 -17.31
CA LEU B 118 20.90 -19.04 -15.89
C LEU B 118 20.24 -17.91 -15.09
N VAL B 119 19.71 -18.27 -13.92
CA VAL B 119 19.25 -17.30 -12.95
C VAL B 119 20.43 -16.46 -12.49
N ASP B 120 20.27 -15.14 -12.55
CA ASP B 120 21.31 -14.21 -12.14
C ASP B 120 21.48 -14.28 -10.63
N SER B 121 22.72 -14.11 -10.17
CA SER B 121 22.99 -14.16 -8.75
C SER B 121 22.24 -13.06 -7.97
N ALA B 122 21.94 -11.97 -8.65
CA ALA B 122 21.16 -10.85 -8.14
C ALA B 122 19.73 -11.22 -7.82
N ALA B 123 19.20 -12.20 -8.54
CA ALA B 123 17.85 -12.71 -8.31
C ALA B 123 17.81 -13.79 -7.27
N ILE B 124 18.98 -14.12 -6.72
CA ILE B 124 19.01 -15.10 -5.64
C ILE B 124 19.45 -14.45 -4.31
N VAL B 125 18.49 -14.13 -3.46
CA VAL B 125 18.76 -13.26 -2.30
C VAL B 125 18.30 -13.85 -0.98
N GLU B 126 18.98 -13.47 0.09
CA GLU B 126 18.56 -13.86 1.42
C GLU B 126 17.24 -13.21 1.80
N SER B 127 17.02 -11.98 1.31
CA SER B 127 15.90 -11.19 1.78
C SER B 127 15.58 -10.01 0.88
N ILE B 128 14.42 -9.43 1.11
CA ILE B 128 13.95 -8.25 0.40
C ILE B 128 13.76 -7.10 1.41
N GLU B 129 13.26 -5.95 0.98
CA GLU B 129 12.93 -4.89 1.94
C GLU B 129 11.41 -4.70 2.04
N SER B 130 10.65 -5.33 1.14
CA SER B 130 9.20 -5.28 1.18
C SER B 130 8.66 -6.45 2.01
N MET C 1 -38.13 38.36 -79.76
CA MET C 1 -38.66 37.35 -78.83
C MET C 1 -38.41 37.71 -77.36
N VAL C 2 -39.50 37.99 -76.62
CA VAL C 2 -39.44 38.49 -75.24
C VAL C 2 -38.66 37.63 -74.25
N MET C 3 -38.80 36.31 -74.35
CA MET C 3 -38.11 35.42 -73.43
C MET C 3 -36.59 35.53 -73.64
N ALA C 4 -36.14 35.60 -74.88
CA ALA C 4 -34.72 35.75 -75.14
C ALA C 4 -34.24 37.16 -74.79
N VAL C 5 -35.07 38.17 -75.07
CA VAL C 5 -34.70 39.56 -74.76
C VAL C 5 -34.60 39.75 -73.24
N ASN C 6 -35.52 39.16 -72.47
CA ASN C 6 -35.40 39.22 -70.98
C ASN C 6 -34.18 38.45 -70.47
N LEU C 7 -33.94 37.27 -71.01
CA LEU C 7 -32.81 36.47 -70.58
C LEU C 7 -31.49 37.25 -70.67
N HIS C 8 -31.22 37.92 -71.78
CA HIS C 8 -29.97 38.67 -71.84
C HIS C 8 -29.97 40.00 -71.07
N LYS C 9 -31.13 40.65 -71.02
CA LYS C 9 -31.28 41.91 -70.29
C LYS C 9 -31.20 41.77 -68.75
N HIS C 10 -31.93 40.82 -68.16
CA HIS C 10 -31.95 40.64 -66.70
C HIS C 10 -31.17 39.44 -66.22
N GLN C 11 -30.16 39.05 -66.99
CA GLN C 11 -29.26 37.96 -66.68
C GLN C 11 -28.60 38.09 -65.30
N LYS C 12 -28.10 39.29 -65.02
CA LYS C 12 -27.41 39.61 -63.80
C LYS C 12 -28.35 39.45 -62.59
N ASN C 13 -29.51 40.08 -62.68
CA ASN C 13 -30.50 40.02 -61.60
C ASN C 13 -31.08 38.63 -61.43
N LEU C 14 -31.27 37.90 -62.54
CA LEU C 14 -31.84 36.55 -62.48
C LEU C 14 -30.93 35.55 -61.73
N VAL C 15 -29.61 35.67 -61.94
CA VAL C 15 -28.66 34.73 -61.37
C VAL C 15 -28.38 35.08 -59.90
N TYR C 16 -28.45 36.37 -59.57
CA TYR C 16 -28.40 36.78 -58.16
C TYR C 16 -29.55 36.15 -57.40
N ARG C 17 -30.73 36.15 -58.00
CA ARG C 17 -31.92 35.64 -57.36
C ARG C 17 -31.95 34.10 -57.31
N LEU C 18 -31.41 33.44 -58.33
CA LEU C 18 -31.30 31.97 -58.35
C LEU C 18 -30.41 31.49 -57.22
N SER C 19 -29.33 32.22 -56.99
CA SER C 19 -28.38 31.93 -55.92
C SER C 19 -29.04 31.82 -54.56
N GLN C 20 -29.93 32.76 -54.26
CA GLN C 20 -30.66 32.79 -53.00
C GLN C 20 -31.53 31.54 -52.82
N GLN C 21 -32.20 31.10 -53.89
CA GLN C 21 -33.04 29.91 -53.84
C GLN C 21 -32.22 28.66 -53.55
N TYR C 22 -30.98 28.60 -54.04
CA TYR C 22 -30.16 27.42 -53.80
C TYR C 22 -29.74 27.40 -52.33
N LEU C 23 -29.53 28.59 -51.79
CA LEU C 23 -29.13 28.76 -50.40
C LEU C 23 -30.29 28.39 -49.47
N ALA C 24 -31.49 28.86 -49.81
CA ALA C 24 -32.70 28.45 -49.11
C ALA C 24 -32.80 26.94 -49.07
N ALA C 25 -32.64 26.32 -50.24
CA ALA C 25 -32.79 24.88 -50.38
C ALA C 25 -31.75 24.12 -49.58
N ALA C 26 -30.54 24.67 -49.47
CA ALA C 26 -29.50 24.08 -48.62
C ALA C 26 -29.88 24.17 -47.15
N ARG C 27 -30.37 25.35 -46.75
CA ARG C 27 -30.84 25.61 -45.39
C ARG C 27 -31.92 24.60 -44.99
N ASP C 28 -32.87 24.36 -45.88
CA ASP C 28 -33.93 23.37 -45.64
C ASP C 28 -33.39 21.96 -45.46
N LEU C 29 -32.30 21.63 -46.13
CA LEU C 29 -31.83 20.24 -46.17
C LEU C 29 -30.92 19.90 -45.01
N ALA C 30 -30.28 20.92 -44.44
CA ALA C 30 -29.17 20.75 -43.50
C ALA C 30 -29.48 19.85 -42.29
N ALA C 31 -30.62 20.07 -41.65
CA ALA C 31 -30.97 19.37 -40.42
C ALA C 31 -31.37 17.91 -40.66
N ASP C 32 -31.56 17.54 -41.92
CA ASP C 32 -31.95 16.17 -42.26
C ASP C 32 -30.76 15.38 -42.83
N VAL C 33 -29.62 16.04 -42.95
CA VAL C 33 -28.44 15.41 -43.51
C VAL C 33 -27.90 14.34 -42.57
N ARG C 34 -27.91 13.11 -43.05
CA ARG C 34 -27.47 11.97 -42.24
C ARG C 34 -26.53 11.06 -43.02
N SER C 35 -26.77 10.96 -44.32
CA SER C 35 -26.02 10.07 -45.19
C SER C 35 -25.05 10.84 -46.09
N GLU C 36 -24.03 10.14 -46.60
CA GLU C 36 -23.01 10.75 -47.45
C GLU C 36 -23.59 11.33 -48.74
N LYS C 37 -24.63 10.68 -49.25
CA LYS C 37 -25.39 11.18 -50.37
C LYS C 37 -25.93 12.58 -50.07
N GLN C 38 -26.55 12.73 -48.90
CA GLN C 38 -27.15 14.00 -48.52
C GLN C 38 -26.11 15.08 -48.18
N LEU C 39 -24.92 14.67 -47.77
CA LEU C 39 -23.84 15.62 -47.52
C LEU C 39 -23.34 16.19 -48.85
N GLN C 40 -23.21 15.31 -49.84
CA GLN C 40 -22.83 15.71 -51.21
C GLN C 40 -23.90 16.60 -51.83
N GLN C 41 -25.16 16.20 -51.67
CA GLN C 41 -26.29 16.99 -52.16
C GLN C 41 -26.29 18.39 -51.55
N TYR C 42 -26.08 18.47 -50.23
CA TYR C 42 -26.03 19.73 -49.51
C TYR C 42 -25.00 20.70 -50.07
N TYR C 43 -23.79 20.24 -50.31
CA TYR C 43 -22.72 21.11 -50.79
C TYR C 43 -22.74 21.29 -52.30
N THR C 44 -23.63 20.57 -52.98
CA THR C 44 -23.87 20.79 -54.40
C THR C 44 -24.81 21.97 -54.52
N LEU C 45 -25.76 22.07 -53.61
CA LEU C 45 -26.64 23.22 -53.56
C LEU C 45 -25.88 24.51 -53.21
N VAL C 46 -24.94 24.47 -52.26
CA VAL C 46 -24.22 25.71 -51.91
C VAL C 46 -23.14 26.02 -52.94
N ARG C 47 -22.64 25.00 -53.65
CA ARG C 47 -21.71 25.23 -54.76
C ARG C 47 -22.41 26.00 -55.87
N GLN C 48 -23.66 25.60 -56.10
CA GLN C 48 -24.50 26.22 -57.08
C GLN C 48 -24.75 27.68 -56.72
N CYS C 49 -24.84 27.93 -55.42
CA CYS C 49 -25.04 29.29 -54.90
C CYS C 49 -23.81 30.16 -55.11
N VAL C 50 -22.66 29.61 -54.73
CA VAL C 50 -21.37 30.29 -54.92
C VAL C 50 -21.11 30.62 -56.41
N HIS C 51 -21.34 29.64 -57.30
CA HIS C 51 -21.22 29.88 -58.74
C HIS C 51 -22.07 31.07 -59.16
N GLY C 52 -23.32 31.07 -58.73
CA GLY C 52 -24.24 32.14 -59.03
C GLY C 52 -23.80 33.52 -58.58
N LEU C 53 -23.27 33.61 -57.36
CA LEU C 53 -22.79 34.87 -56.82
C LEU C 53 -21.51 35.31 -57.51
N ARG C 54 -20.67 34.35 -57.82
CA ARG C 54 -19.42 34.61 -58.51
C ARG C 54 -19.68 35.13 -59.94
N TYR C 55 -20.72 34.58 -60.55
CA TYR C 55 -21.19 34.97 -61.88
C TYR C 55 -21.55 36.45 -61.88
N VAL C 56 -22.28 36.89 -60.86
CA VAL C 56 -22.64 38.31 -60.72
C VAL C 56 -21.41 39.19 -60.47
N LYS C 57 -20.56 38.78 -59.53
CA LYS C 57 -19.38 39.58 -59.15
C LYS C 57 -18.29 39.63 -60.23
N ASP C 58 -18.02 38.52 -60.91
CA ASP C 58 -16.92 38.47 -61.89
C ASP C 58 -17.34 38.97 -63.26
N GLY C 59 -18.62 38.86 -63.58
CA GLY C 59 -19.06 39.09 -64.94
C GLY C 59 -19.72 40.41 -65.30
N PHE C 60 -19.79 41.35 -64.37
CA PHE C 60 -20.54 42.59 -64.54
C PHE C 60 -19.95 43.76 -63.79
N GLN C 61 -19.90 44.91 -64.44
CA GLN C 61 -19.57 46.14 -63.76
C GLN C 61 -20.75 46.57 -62.88
N LEU C 62 -20.63 46.35 -61.56
CA LEU C 62 -21.70 46.63 -60.60
C LEU C 62 -21.60 48.04 -60.05
N THR C 63 -22.75 48.61 -59.73
CA THR C 63 -22.76 49.81 -58.90
C THR C 63 -22.11 49.51 -57.54
N VAL C 64 -21.80 50.54 -56.77
CA VAL C 64 -21.06 50.31 -55.52
C VAL C 64 -21.98 49.62 -54.50
N GLU C 65 -23.26 49.99 -54.54
CA GLU C 65 -24.28 49.32 -53.75
C GLU C 65 -24.31 47.83 -54.06
N GLU C 66 -24.56 47.51 -55.34
CA GLU C 66 -24.58 46.11 -55.78
C GLU C 66 -23.31 45.33 -55.37
N ASP C 67 -22.15 45.97 -55.41
CA ASP C 67 -20.90 45.33 -55.06
C ASP C 67 -20.80 44.99 -53.56
N ILE C 68 -21.27 45.90 -52.72
CA ILE C 68 -21.28 45.69 -51.28
C ILE C 68 -22.13 44.48 -50.95
N GLN C 69 -23.35 44.48 -51.47
CA GLN C 69 -24.34 43.46 -51.15
C GLN C 69 -23.90 42.07 -51.58
N VAL C 70 -23.38 41.96 -52.80
CA VAL C 70 -22.94 40.66 -53.32
C VAL C 70 -21.58 40.23 -52.77
N THR C 71 -20.62 41.14 -52.64
CA THR C 71 -19.31 40.80 -52.10
C THR C 71 -19.34 40.30 -50.64
N LEU C 72 -20.14 40.94 -49.79
CA LEU C 72 -20.18 40.52 -48.37
C LEU C 72 -20.86 39.16 -48.23
N GLN C 73 -21.93 38.93 -49.00
CA GLN C 73 -22.65 37.66 -48.95
C GLN C 73 -21.79 36.52 -49.50
N LEU C 74 -21.03 36.80 -50.55
CA LEU C 74 -20.12 35.83 -51.14
C LEU C 74 -19.08 35.43 -50.10
N ALA C 75 -18.56 36.42 -49.38
CA ALA C 75 -17.49 36.22 -48.42
C ALA C 75 -17.99 35.44 -47.20
N ARG C 76 -19.18 35.80 -46.73
CA ARG C 76 -19.85 35.07 -45.65
C ARG C 76 -20.05 33.59 -46.00
N VAL C 77 -20.59 33.28 -47.19
CA VAL C 77 -20.83 31.89 -47.55
C VAL C 77 -19.51 31.11 -47.69
N LEU C 78 -18.53 31.70 -48.36
CA LEU C 78 -17.21 31.10 -48.48
C LEU C 78 -16.51 30.83 -47.14
N LEU C 79 -16.61 31.78 -46.21
CA LEU C 79 -15.90 31.65 -44.93
C LEU C 79 -16.57 30.60 -44.02
N GLU C 80 -17.89 30.63 -43.98
CA GLU C 80 -18.70 29.71 -43.20
C GLU C 80 -18.69 28.26 -43.73
N GLU C 81 -18.88 28.07 -45.04
CA GLU C 81 -19.10 26.72 -45.56
C GLU C 81 -17.96 26.11 -46.40
N THR C 82 -16.92 26.88 -46.70
CA THR C 82 -15.83 26.32 -47.51
C THR C 82 -14.48 26.58 -46.86
N HIS C 83 -13.44 25.93 -47.36
CA HIS C 83 -12.06 26.15 -46.92
C HIS C 83 -11.35 27.23 -47.74
N GLU C 84 -12.11 28.07 -48.43
CA GLU C 84 -11.51 29.06 -49.30
C GLU C 84 -11.46 30.41 -48.63
N VAL C 85 -10.65 30.50 -47.58
CA VAL C 85 -10.55 31.73 -46.82
C VAL C 85 -9.72 32.73 -47.64
N GLU C 86 -8.73 32.23 -48.38
CA GLU C 86 -7.91 33.08 -49.25
C GLU C 86 -8.78 33.81 -50.29
N LEU C 87 -9.65 33.05 -50.95
CA LEU C 87 -10.54 33.59 -51.98
C LEU C 87 -11.47 34.65 -51.41
N ALA C 88 -11.94 34.41 -50.19
CA ALA C 88 -12.82 35.34 -49.50
C ALA C 88 -12.08 36.61 -49.12
N GLU C 89 -10.78 36.49 -48.87
CA GLU C 89 -9.96 37.64 -48.53
C GLU C 89 -9.72 38.49 -49.77
N GLN C 90 -9.44 37.83 -50.89
CA GLN C 90 -9.28 38.49 -52.18
C GLN C 90 -10.50 39.30 -52.57
N TYR C 91 -11.68 38.72 -52.39
CA TYR C 91 -12.92 39.43 -52.71
C TYR C 91 -13.16 40.60 -51.76
N LEU C 92 -12.86 40.40 -50.48
CA LEU C 92 -13.01 41.47 -49.49
C LEU C 92 -11.97 42.57 -49.74
N GLY C 93 -10.78 42.14 -50.13
CA GLY C 93 -9.72 43.06 -50.50
C GLY C 93 -10.13 44.01 -51.61
N SER C 94 -10.82 43.46 -52.60
CA SER C 94 -11.27 44.24 -53.74
C SER C 94 -12.27 45.30 -53.33
N LEU C 95 -13.20 44.93 -52.46
CA LEU C 95 -14.22 45.86 -52.05
C LEU C 95 -13.65 46.97 -51.17
N ARG C 96 -12.68 46.59 -50.35
CA ARG C 96 -11.92 47.52 -49.51
C ARG C 96 -11.29 48.61 -50.35
N THR C 97 -10.63 48.19 -51.43
CA THR C 97 -10.00 49.11 -52.37
C THR C 97 -10.99 50.04 -53.09
N ARG C 98 -12.13 49.52 -53.54
CA ARG C 98 -13.11 50.38 -54.20
C ARG C 98 -13.75 51.31 -53.17
N LEU C 99 -13.72 50.93 -51.90
CA LEU C 99 -14.41 51.69 -50.89
C LEU C 99 -13.54 52.76 -50.22
N ARG C 100 -12.22 52.69 -50.43
CA ARG C 100 -11.32 53.55 -49.65
C ARG C 100 -11.42 55.02 -50.06
N THR C 101 -11.49 55.26 -51.37
CA THR C 101 -11.67 56.62 -51.87
C THR C 101 -13.13 57.05 -51.79
N THR C 102 -14.01 56.08 -51.57
CA THR C 102 -15.46 56.29 -51.47
C THR C 102 -15.88 56.88 -50.11
N PRO C 103 -16.99 57.65 -50.08
CA PRO C 103 -17.46 58.23 -48.81
C PRO C 103 -18.12 57.22 -47.87
N LEU C 104 -18.69 56.15 -48.43
CA LEU C 104 -19.49 55.19 -47.67
C LEU C 104 -18.70 54.48 -46.57
N THR C 105 -18.85 54.99 -45.34
CA THR C 105 -18.10 54.52 -44.18
C THR C 105 -18.65 53.23 -43.58
N ASP C 106 -19.97 53.20 -43.38
CA ASP C 106 -20.68 51.99 -42.92
C ASP C 106 -20.20 50.73 -43.66
N ALA C 107 -20.23 50.79 -44.98
CA ALA C 107 -19.81 49.66 -45.81
C ALA C 107 -18.32 49.43 -45.68
N ARG C 108 -17.55 50.52 -45.71
CA ARG C 108 -16.10 50.44 -45.52
C ARG C 108 -15.71 49.79 -44.18
N HIS C 109 -16.40 50.13 -43.09
CA HIS C 109 -16.12 49.50 -41.78
C HIS C 109 -16.50 48.02 -41.72
N ALA C 110 -17.71 47.72 -42.18
CA ALA C 110 -18.22 46.34 -42.26
C ALA C 110 -17.24 45.41 -42.97
N VAL C 111 -16.47 45.94 -43.90
CA VAL C 111 -15.52 45.08 -44.60
C VAL C 111 -14.30 44.90 -43.72
N GLU C 112 -13.92 45.97 -43.04
CA GLU C 112 -12.77 45.92 -42.14
C GLU C 112 -13.06 44.93 -41.00
N PHE C 113 -14.30 44.93 -40.52
CA PHE C 113 -14.78 44.02 -39.50
C PHE C 113 -14.69 42.53 -39.93
N GLN C 114 -15.08 42.23 -41.17
CA GLN C 114 -14.99 40.85 -41.67
C GLN C 114 -13.53 40.40 -41.81
N LEU C 115 -12.62 41.33 -42.05
CA LEU C 115 -11.20 41.01 -42.13
C LEU C 115 -10.54 40.90 -40.75
N LEU C 116 -11.11 41.61 -39.77
CA LEU C 116 -10.56 41.65 -38.42
C LEU C 116 -11.19 40.62 -37.49
N TYR C 117 -12.45 40.26 -37.74
CA TYR C 117 -13.15 39.25 -36.94
C TYR C 117 -13.38 37.92 -37.69
N ASP C 118 -14.27 37.94 -38.68
CA ASP C 118 -14.73 36.71 -39.35
C ASP C 118 -13.63 35.92 -40.06
N VAL C 119 -12.69 36.62 -40.68
CA VAL C 119 -11.62 35.95 -41.44
C VAL C 119 -10.59 35.23 -40.54
N PRO C 120 -10.05 35.90 -39.49
CA PRO C 120 -9.19 35.13 -38.58
C PRO C 120 -9.94 34.00 -37.85
N LEU C 121 -11.21 34.20 -37.50
CA LEU C 121 -12.00 33.14 -36.89
C LEU C 121 -12.06 31.88 -37.75
N ALA C 122 -12.25 32.07 -39.06
CA ALA C 122 -12.38 30.97 -40.01
C ALA C 122 -11.05 30.28 -40.26
N LYS C 123 -9.95 30.96 -39.96
CA LYS C 123 -8.62 30.37 -40.09
C LYS C 123 -8.31 29.33 -39.00
N GLU C 124 -9.11 29.33 -37.93
CA GLU C 124 -8.98 28.37 -36.83
C GLU C 124 -7.55 28.27 -36.30
N ASP C 125 -6.96 29.41 -36.03
CA ASP C 125 -5.57 29.51 -35.58
C ASP C 125 -5.46 30.65 -34.58
N ARG C 126 -4.99 30.35 -33.36
CA ARG C 126 -4.85 31.37 -32.33
C ARG C 126 -3.85 32.44 -32.75
N ALA C 127 -2.81 32.03 -33.47
CA ALA C 127 -1.74 32.94 -33.89
C ALA C 127 -2.26 34.02 -34.84
N GLU C 128 -3.24 33.66 -35.66
CA GLU C 128 -3.85 34.60 -36.59
C GLU C 128 -4.68 35.64 -35.85
N LEU C 129 -5.29 35.22 -34.74
CA LEU C 129 -6.10 36.13 -33.92
C LEU C 129 -5.25 37.17 -33.19
N ARG C 130 -3.98 36.86 -32.99
CA ARG C 130 -3.10 37.77 -32.24
C ARG C 130 -2.57 38.92 -33.09
N GLN C 131 -2.26 38.66 -34.36
CA GLN C 131 -1.81 39.72 -35.26
C GLN C 131 -2.92 40.73 -35.54
N VAL C 132 -4.15 40.34 -35.20
CA VAL C 132 -5.32 41.19 -35.38
C VAL C 132 -5.28 42.43 -34.50
N VAL C 133 -4.76 42.24 -33.29
CA VAL C 133 -4.71 43.30 -32.29
C VAL C 133 -3.95 44.54 -32.80
N ARG C 134 -2.96 44.33 -33.66
CA ARG C 134 -2.20 45.44 -34.21
C ARG C 134 -3.05 46.30 -35.14
N HIS C 135 -3.86 45.66 -35.99
CA HIS C 135 -4.72 46.38 -36.94
C HIS C 135 -5.91 47.05 -36.29
N THR C 136 -6.27 46.56 -35.11
CA THR C 136 -7.36 47.15 -34.33
C THR C 136 -6.91 48.45 -33.66
N THR C 137 -5.71 48.41 -33.09
CA THR C 137 -5.13 49.59 -32.42
C THR C 137 -5.06 50.80 -33.35
N GLY C 138 -4.55 50.59 -34.56
CA GLY C 138 -4.45 51.66 -35.53
C GLY C 138 -5.80 52.18 -36.00
N LEU C 139 -6.84 51.39 -35.81
CA LEU C 139 -8.17 51.71 -36.33
C LEU C 139 -8.99 52.46 -35.28
N LEU C 140 -8.71 52.20 -34.02
CA LEU C 140 -9.34 52.93 -32.92
C LEU C 140 -8.85 54.38 -32.91
N GLU C 141 -7.61 54.56 -33.39
CA GLU C 141 -7.05 55.88 -33.65
C GLU C 141 -7.35 56.27 -35.10
N GLU C 142 -8.15 57.31 -35.32
CA GLU C 142 -8.72 58.12 -34.25
C GLU C 142 -10.24 58.27 -34.40
N LEU C 143 -10.94 57.13 -34.42
CA LEU C 143 -12.40 57.14 -34.34
C LEU C 143 -12.84 57.67 -32.99
N ALA C 144 -13.95 58.38 -32.97
CA ALA C 144 -14.47 58.97 -31.74
C ALA C 144 -15.00 57.92 -30.79
N ASP C 145 -14.95 58.20 -29.49
CA ASP C 145 -15.45 57.29 -28.46
C ASP C 145 -16.98 57.17 -28.50
N SER C 146 -17.64 58.11 -29.17
CA SER C 146 -19.09 58.05 -29.27
C SER C 146 -19.51 57.30 -30.53
N ASP C 147 -18.54 56.89 -31.33
CA ASP C 147 -18.78 56.23 -32.61
C ASP C 147 -18.88 54.70 -32.44
N ALA C 148 -20.01 54.13 -32.86
CA ALA C 148 -20.32 52.72 -32.61
C ALA C 148 -19.31 51.73 -33.18
N TRP C 149 -18.64 52.05 -34.28
CA TRP C 149 -17.71 51.08 -34.84
C TRP C 149 -16.44 50.97 -34.00
N ALA C 150 -16.13 52.03 -33.26
CA ALA C 150 -15.00 52.02 -32.33
C ALA C 150 -15.19 50.97 -31.23
N TRP C 151 -16.45 50.75 -30.83
CA TRP C 151 -16.82 49.72 -29.86
C TRP C 151 -16.55 48.32 -30.43
N LEU C 152 -17.09 48.08 -31.63
CA LEU C 152 -16.99 46.80 -32.32
C LEU C 152 -15.54 46.43 -32.62
N PHE C 153 -14.73 47.40 -33.01
CA PHE C 153 -13.32 47.14 -33.30
C PHE C 153 -12.53 46.88 -32.02
N ARG C 154 -13.00 47.44 -30.91
CA ARG C 154 -12.36 47.18 -29.63
C ARG C 154 -12.66 45.75 -29.19
N TYR C 155 -13.88 45.29 -29.48
CA TYR C 155 -14.26 43.91 -29.20
C TYR C 155 -13.43 42.92 -30.02
N CYS C 156 -13.10 43.29 -31.25
CA CYS C 156 -12.19 42.51 -32.07
C CYS C 156 -10.82 42.44 -31.38
N ARG C 157 -10.48 43.49 -30.65
CA ARG C 157 -9.18 43.56 -29.98
C ARG C 157 -9.08 42.57 -28.83
N ILE C 158 -10.12 42.47 -28.01
CA ILE C 158 -10.07 41.59 -26.85
C ILE C 158 -10.16 40.11 -27.25
N ILE C 159 -10.97 39.78 -28.24
CA ILE C 159 -11.04 38.40 -28.73
C ILE C 159 -9.66 37.94 -29.19
N GLY C 160 -8.88 38.89 -29.71
CA GLY C 160 -7.52 38.63 -30.17
C GLY C 160 -6.52 38.61 -29.02
N LEU C 161 -6.77 39.46 -28.03
CA LEU C 161 -6.01 39.44 -26.78
C LEU C 161 -6.19 38.09 -26.08
N GLU C 162 -7.45 37.66 -25.95
CA GLU C 162 -7.78 36.40 -25.26
C GLU C 162 -6.89 35.24 -25.70
N ALA C 163 -7.05 34.77 -26.93
CA ALA C 163 -6.30 33.60 -27.40
C ALA C 163 -4.79 33.86 -27.40
N GLY C 165 -1.51 32.36 -23.98
CA GLY C 165 -2.88 32.14 -23.57
C GLY C 165 -3.14 32.60 -22.15
N ALA C 166 -2.24 32.26 -21.24
CA ALA C 166 -2.38 32.59 -19.83
C ALA C 166 -1.79 33.97 -19.49
N ARG C 167 -0.66 34.29 -20.11
CA ARG C 167 -0.03 35.60 -19.93
C ARG C 167 -0.93 36.71 -20.46
N SER C 168 -1.57 36.43 -21.60
CA SER C 168 -2.42 37.40 -22.28
C SER C 168 -3.69 37.70 -21.50
N ASN C 169 -4.01 36.88 -20.52
CA ASN C 169 -5.29 36.98 -19.82
C ASN C 169 -5.33 38.19 -18.90
N SER C 170 -4.16 38.66 -18.48
CA SER C 170 -4.06 39.82 -17.61
C SER C 170 -4.45 41.11 -18.33
N ALA C 171 -4.24 41.14 -19.64
CA ALA C 171 -4.45 42.36 -20.39
C ALA C 171 -5.92 42.57 -20.75
N VAL C 172 -6.64 41.48 -20.89
CA VAL C 172 -7.99 41.49 -21.45
C VAL C 172 -8.99 42.29 -20.59
N LEU C 173 -8.84 42.17 -19.28
CA LEU C 173 -9.81 42.70 -18.34
C LEU C 173 -9.88 44.23 -18.38
N GLN C 174 -8.74 44.86 -18.62
CA GLN C 174 -8.67 46.31 -18.67
C GLN C 174 -9.47 46.87 -19.85
N GLU C 175 -9.39 46.19 -20.98
CA GLU C 175 -10.04 46.65 -22.20
C GLU C 175 -11.53 46.36 -22.19
N TYR C 176 -11.90 45.26 -21.52
CA TYR C 176 -13.31 44.94 -21.29
C TYR C 176 -13.97 46.04 -20.46
N LEU C 177 -13.26 46.52 -19.45
CA LEU C 177 -13.77 47.57 -18.57
C LEU C 177 -13.86 48.89 -19.30
N LYS C 178 -12.93 49.12 -20.22
CA LYS C 178 -12.93 50.32 -21.04
C LYS C 178 -14.12 50.31 -21.98
N LEU C 179 -14.38 49.14 -22.57
CA LEU C 179 -15.46 48.94 -23.52
C LEU C 179 -16.82 49.10 -22.84
N LEU C 180 -16.91 48.57 -21.62
CA LEU C 180 -18.13 48.62 -20.83
C LEU C 180 -18.46 50.05 -20.42
N GLN C 181 -17.42 50.86 -20.30
CA GLN C 181 -17.58 52.27 -19.95
C GLN C 181 -18.12 53.06 -21.13
N LEU C 182 -17.58 52.80 -22.32
CA LEU C 182 -17.97 53.53 -23.54
C LEU C 182 -19.37 53.17 -24.01
N VAL C 183 -19.76 51.93 -23.78
CA VAL C 183 -21.01 51.40 -24.33
C VAL C 183 -22.17 51.54 -23.36
N SER C 184 -21.88 51.92 -22.12
CA SER C 184 -22.92 52.14 -21.12
C SER C 184 -23.79 53.33 -21.50
N ALA C 185 -23.45 53.95 -22.63
CA ALA C 185 -23.96 55.26 -23.03
C ALA C 185 -25.44 55.30 -23.44
N GLY C 186 -25.92 54.52 -24.42
CA GLY C 186 -25.24 53.41 -25.07
C GLY C 186 -26.35 52.40 -25.29
N PRO C 187 -26.31 51.67 -26.41
CA PRO C 187 -27.41 50.72 -26.57
C PRO C 187 -27.35 49.66 -25.47
N VAL C 188 -28.45 49.55 -24.72
CA VAL C 188 -28.52 48.71 -23.53
C VAL C 188 -28.24 47.23 -23.83
N GLY C 189 -28.61 46.79 -25.04
CA GLY C 189 -28.44 45.41 -25.45
C GLY C 189 -26.99 45.08 -25.72
N LEU C 190 -26.28 46.03 -26.33
CA LEU C 190 -24.87 45.86 -26.64
C LEU C 190 -24.04 45.79 -25.36
N HIS C 191 -24.43 46.60 -24.38
CA HIS C 191 -23.82 46.62 -23.04
C HIS C 191 -23.98 45.28 -22.36
N ALA C 192 -25.21 44.76 -22.37
CA ALA C 192 -25.51 43.45 -21.80
C ALA C 192 -24.59 42.39 -22.36
N PHE C 193 -24.45 42.36 -23.68
CA PHE C 193 -23.65 41.34 -24.35
C PHE C 193 -22.17 41.43 -23.95
N VAL C 194 -21.66 42.65 -23.85
CA VAL C 194 -20.26 42.86 -23.50
C VAL C 194 -20.00 42.48 -22.03
N LEU C 195 -20.97 42.76 -21.18
CA LEU C 195 -20.93 42.41 -19.77
C LEU C 195 -20.88 40.89 -19.58
N CYS C 196 -21.82 40.20 -20.23
CA CYS C 196 -21.87 38.73 -20.17
C CYS C 196 -20.61 38.10 -20.73
N SER C 197 -20.01 38.73 -21.74
CA SER C 197 -18.77 38.22 -22.31
C SER C 197 -17.65 38.36 -21.30
N CYS C 198 -17.69 39.45 -20.53
CA CYS C 198 -16.67 39.75 -19.53
C CYS C 198 -16.68 38.71 -18.41
N VAL C 199 -17.87 38.44 -17.86
CA VAL C 199 -18.04 37.50 -16.75
C VAL C 199 -17.72 36.07 -17.17
N ALA C 200 -18.05 35.73 -18.42
CA ALA C 200 -17.76 34.41 -18.94
C ALA C 200 -16.26 34.20 -19.12
N PHE C 201 -15.56 35.28 -19.48
CA PHE C 201 -14.10 35.24 -19.67
C PHE C 201 -13.39 35.04 -18.34
N ILE C 202 -13.92 35.67 -17.29
CA ILE C 202 -13.41 35.51 -15.94
C ILE C 202 -13.66 34.08 -15.45
N LEU C 203 -14.89 33.61 -15.61
CA LEU C 203 -15.27 32.24 -15.30
C LEU C 203 -14.35 31.21 -15.96
N ASP C 204 -13.97 31.48 -17.19
CA ASP C 204 -13.17 30.57 -17.99
C ASP C 204 -11.72 30.52 -17.49
N ARG C 205 -11.22 31.68 -17.04
CA ARG C 205 -9.84 31.82 -16.57
C ARG C 205 -9.71 31.59 -15.06
N VAL C 206 -10.85 31.26 -14.44
CA VAL C 206 -11.02 31.12 -12.99
C VAL C 206 -10.26 32.18 -12.17
N VAL C 207 -10.60 33.44 -12.43
CA VAL C 207 -10.08 34.58 -11.67
C VAL C 207 -11.25 35.39 -11.10
N LEU C 209 -13.78 37.67 -9.72
CA LEU C 209 -14.86 38.53 -10.21
C LEU C 209 -15.16 39.67 -9.25
N ASP C 210 -14.81 40.88 -9.65
CA ASP C 210 -15.06 42.08 -8.83
C ASP C 210 -16.52 42.19 -8.43
N ARG C 211 -16.77 42.79 -7.27
CA ARG C 211 -18.13 42.90 -6.73
C ARG C 211 -19.01 43.77 -7.61
N SER C 212 -18.45 44.85 -8.14
CA SER C 212 -19.19 45.79 -8.97
C SER C 212 -19.71 45.14 -10.26
N LEU C 213 -18.90 44.26 -10.86
CA LEU C 213 -19.28 43.57 -12.10
C LEU C 213 -20.44 42.59 -11.90
N LEU C 214 -20.53 42.03 -10.69
CA LEU C 214 -21.60 41.10 -10.35
C LEU C 214 -22.88 41.86 -10.06
N THR C 215 -22.71 43.06 -9.50
CA THR C 215 -23.82 43.96 -9.27
C THR C 215 -24.39 44.38 -10.61
N GLN C 216 -23.52 44.80 -11.51
CA GLN C 216 -23.94 45.17 -12.85
C GLN C 216 -24.68 44.02 -13.53
N LEU C 217 -24.16 42.80 -13.37
CA LEU C 217 -24.70 41.61 -14.03
C LEU C 217 -26.12 41.24 -13.58
N ARG C 218 -26.38 41.47 -12.30
CA ARG C 218 -27.65 41.13 -11.68
C ARG C 218 -28.71 42.16 -12.04
N ALA C 219 -28.22 43.36 -12.34
CA ALA C 219 -29.06 44.46 -12.75
C ALA C 219 -29.63 44.22 -14.15
N LEU C 220 -29.00 43.31 -14.89
CA LEU C 220 -29.43 43.02 -16.26
C LEU C 220 -30.82 42.39 -16.32
N ARG C 221 -31.26 41.69 -15.28
CA ARG C 221 -32.57 41.05 -15.34
C ARG C 221 -33.66 41.88 -14.66
N LYS C 222 -33.31 43.12 -14.32
CA LYS C 222 -34.23 44.04 -13.65
C LYS C 222 -35.53 44.23 -14.44
N ALA C 223 -36.55 44.77 -13.79
CA ALA C 223 -37.90 44.89 -14.36
C ALA C 223 -37.97 45.66 -15.68
N GLY C 224 -38.35 44.96 -16.75
CA GLY C 224 -38.56 45.59 -18.05
C GLY C 224 -37.30 45.76 -18.89
N THR C 225 -37.26 45.03 -20.01
CA THR C 225 -36.13 44.97 -20.97
C THR C 225 -34.84 45.74 -20.63
N GLN C 230 -33.02 36.84 -24.02
CA GLN C 230 -31.97 35.84 -24.20
C GLN C 230 -30.70 36.25 -23.52
N LEU C 231 -30.47 37.56 -23.45
CA LEU C 231 -29.28 38.06 -22.79
C LEU C 231 -29.52 38.18 -21.30
N GLN C 232 -30.79 38.36 -20.93
CA GLN C 232 -31.18 38.37 -19.53
C GLN C 232 -30.96 36.98 -18.94
N MET C 233 -31.29 35.98 -19.75
CA MET C 233 -31.14 34.58 -19.39
C MET C 233 -29.70 34.19 -19.24
N TRP C 234 -28.88 34.63 -20.18
CA TRP C 234 -27.44 34.35 -20.15
C TRP C 234 -26.81 34.98 -18.90
N SER C 235 -27.36 36.11 -18.46
CA SER C 235 -26.83 36.80 -17.28
C SER C 235 -27.18 36.03 -16.00
N LEU C 236 -28.37 35.42 -16.01
CA LEU C 236 -28.88 34.63 -14.92
C LEU C 236 -28.10 33.31 -14.80
N LEU C 237 -27.83 32.69 -15.95
CA LEU C 237 -27.00 31.48 -16.02
C LEU C 237 -25.56 31.71 -15.51
N LEU C 238 -24.98 32.85 -15.88
CA LEU C 238 -23.58 33.16 -15.53
C LEU C 238 -23.46 33.48 -14.05
N ASP C 239 -24.54 34.00 -13.48
CA ASP C 239 -24.63 34.28 -12.06
C ASP C 239 -24.60 32.96 -11.30
N LEU C 240 -25.44 32.03 -11.76
CA LEU C 240 -25.51 30.69 -11.20
C LEU C 240 -24.14 30.03 -11.18
N LEU C 241 -23.42 30.14 -12.29
CA LEU C 241 -22.11 29.54 -12.44
C LEU C 241 -21.03 30.17 -11.57
N VAL C 242 -21.21 31.43 -11.18
CA VAL C 242 -20.28 32.08 -10.27
C VAL C 242 -20.49 31.52 -8.86
N ALA C 243 -21.75 31.28 -8.51
CA ALA C 243 -22.11 30.72 -7.21
C ALA C 243 -21.58 29.30 -7.10
N ILE C 244 -21.75 28.54 -8.18
CA ILE C 244 -21.36 27.14 -8.21
C ILE C 244 -19.83 27.00 -8.22
N GLN C 245 -19.13 27.89 -8.90
CA GLN C 245 -17.66 27.85 -8.90
C GLN C 245 -17.08 28.15 -7.51
N LEU C 246 -17.84 28.88 -6.70
CA LEU C 246 -17.42 29.23 -5.35
C LEU C 246 -18.09 28.32 -4.31
N ASP C 247 -18.67 27.23 -4.80
CA ASP C 247 -19.36 26.25 -3.97
C ASP C 247 -20.35 26.90 -3.02
N GLU C 248 -21.12 27.84 -3.53
CA GLU C 248 -22.02 28.58 -2.67
C GLU C 248 -23.44 28.04 -2.78
N ASN C 249 -24.31 28.54 -1.90
CA ASN C 249 -25.69 28.07 -1.86
C ASN C 249 -26.45 28.73 -3.00
N ILE C 250 -27.18 27.94 -3.77
CA ILE C 250 -27.86 28.47 -4.95
C ILE C 250 -29.38 28.46 -4.80
N MET C 251 -29.85 28.41 -3.56
CA MET C 251 -31.28 28.46 -3.24
C MET C 251 -31.98 29.67 -3.84
N ASP C 252 -31.45 30.85 -3.55
CA ASP C 252 -32.06 32.11 -4.00
C ASP C 252 -32.08 32.24 -5.51
N LEU C 253 -30.96 31.90 -6.13
CA LEU C 253 -30.82 31.94 -7.58
C LEU C 253 -31.79 31.01 -8.29
N LEU C 254 -32.12 29.89 -7.66
CA LEU C 254 -33.09 28.96 -8.20
C LEU C 254 -34.49 29.55 -8.17
N THR C 255 -34.73 30.44 -7.22
CA THR C 255 -36.02 31.13 -7.14
C THR C 255 -36.10 32.23 -8.22
N ASP C 256 -34.96 32.88 -8.48
CA ASP C 256 -34.86 33.89 -9.52
C ASP C 256 -35.17 33.29 -10.90
N PHE C 257 -34.77 32.04 -11.09
CA PHE C 257 -35.13 31.29 -12.31
C PHE C 257 -36.62 30.98 -12.33
N LYS C 258 -37.16 30.66 -11.17
CA LYS C 258 -38.58 30.37 -11.05
C LYS C 258 -39.40 31.60 -11.38
N ASP C 259 -38.89 32.76 -10.96
CA ASP C 259 -39.53 34.04 -11.29
C ASP C 259 -39.45 34.32 -12.78
N PHE C 260 -38.25 34.18 -13.32
CA PHE C 260 -37.95 34.48 -14.72
C PHE C 260 -38.73 33.59 -15.69
N PHE C 261 -38.84 32.30 -15.36
CA PHE C 261 -39.54 31.36 -16.22
C PHE C 261 -41.05 31.59 -16.24
N SER C 262 -41.56 32.21 -15.17
CA SER C 262 -42.98 32.46 -15.05
C SER C 262 -43.37 33.85 -15.56
N THR C 263 -42.55 34.83 -15.23
CA THR C 263 -42.83 36.23 -15.60
C THR C 263 -42.79 36.44 -17.11
N HIS C 264 -41.86 35.77 -17.78
CA HIS C 264 -41.71 35.91 -19.22
C HIS C 264 -42.06 34.60 -19.91
N LYS C 265 -43.12 33.96 -19.40
CA LYS C 265 -43.58 32.64 -19.86
C LYS C 265 -43.68 32.48 -21.37
N ASP C 266 -44.61 33.20 -21.98
CA ASP C 266 -44.90 33.06 -23.40
C ASP C 266 -43.70 33.37 -24.27
N ALA C 267 -42.94 34.37 -23.83
CA ALA C 267 -41.80 34.88 -24.58
C ALA C 267 -40.81 33.78 -24.95
N LEU C 268 -40.01 33.34 -23.98
CA LEU C 268 -38.87 32.46 -24.30
C LEU C 268 -39.27 31.10 -24.87
N LYS C 269 -40.54 30.73 -24.74
CA LYS C 269 -40.98 29.44 -25.23
C LYS C 269 -41.00 29.39 -26.75
N ASP C 270 -41.49 30.45 -27.38
CA ASP C 270 -41.46 30.55 -28.83
C ASP C 270 -40.78 31.83 -29.30
N ASP C 272 -36.89 32.24 -32.38
CA ASP C 272 -36.08 33.22 -31.66
C ASP C 272 -34.77 32.62 -31.17
N ASP C 273 -33.79 32.54 -32.04
CA ASP C 273 -32.49 32.01 -31.67
C ASP C 273 -31.40 33.03 -31.98
N THR C 274 -31.83 34.20 -32.44
CA THR C 274 -30.91 35.26 -32.81
C THR C 274 -31.36 36.60 -32.24
N VAL C 275 -30.40 37.37 -31.74
CA VAL C 275 -30.68 38.67 -31.15
C VAL C 275 -30.13 39.78 -32.01
N VAL C 276 -30.98 40.70 -32.46
CA VAL C 276 -30.51 41.77 -33.33
C VAL C 276 -30.46 43.12 -32.63
N LEU C 277 -29.24 43.61 -32.46
CA LEU C 277 -28.97 44.87 -31.79
C LEU C 277 -28.67 45.95 -32.79
N SER C 278 -29.43 47.05 -32.74
CA SER C 278 -29.17 48.20 -33.59
C SER C 278 -28.15 49.12 -32.93
N ILE C 279 -26.89 49.03 -33.35
CA ILE C 279 -25.82 49.85 -32.78
C ILE C 279 -25.77 51.28 -33.32
N LYS C 280 -26.12 51.45 -34.60
CA LYS C 280 -26.29 52.76 -35.20
C LYS C 280 -27.37 52.65 -36.25
N GLU C 281 -27.54 53.69 -37.06
CA GLU C 281 -28.52 53.65 -38.13
C GLU C 281 -27.95 52.91 -39.32
N GLY C 282 -28.71 51.93 -39.80
CA GLY C 282 -28.32 51.16 -40.96
C GLY C 282 -27.19 50.19 -40.69
N VAL C 283 -27.05 49.79 -39.42
CA VAL C 283 -26.10 48.73 -39.07
C VAL C 283 -26.55 48.04 -37.77
N ASN C 284 -26.54 46.72 -37.81
CA ASN C 284 -26.96 45.88 -36.70
C ASN C 284 -25.89 44.91 -36.31
N VAL C 285 -25.90 44.47 -35.06
CA VAL C 285 -25.12 43.30 -34.70
C VAL C 285 -26.09 42.17 -34.42
N ARG C 286 -25.80 41.00 -34.97
CA ARG C 286 -26.63 39.80 -34.81
C ARG C 286 -25.95 38.76 -33.93
N LEU C 287 -26.64 38.34 -32.86
CA LEU C 287 -26.12 37.32 -31.96
C LEU C 287 -26.88 35.98 -32.07
N PHE C 288 -26.19 34.94 -32.56
CA PHE C 288 -26.78 33.59 -32.67
C PHE C 288 -26.68 32.85 -31.33
N VAL C 289 -27.83 32.66 -30.70
CA VAL C 289 -27.90 32.10 -29.35
C VAL C 289 -29.00 31.01 -29.24
N PRO C 290 -28.75 29.85 -29.86
CA PRO C 290 -29.76 28.78 -29.96
C PRO C 290 -29.94 27.99 -28.67
N LEU C 291 -29.23 28.37 -27.60
CA LEU C 291 -29.32 27.68 -26.32
C LEU C 291 -30.19 28.44 -25.33
N PHE C 292 -30.40 29.73 -25.57
CA PHE C 292 -31.16 30.56 -24.65
C PHE C 292 -32.64 30.55 -25.00
N ASN C 293 -33.31 29.48 -24.60
CA ASN C 293 -34.74 29.32 -24.76
C ASN C 293 -35.27 28.47 -23.61
N TYR C 294 -36.58 28.41 -23.43
CA TYR C 294 -37.18 27.74 -22.27
C TYR C 294 -36.67 26.31 -22.08
N HIS C 295 -36.84 25.48 -23.11
CA HIS C 295 -36.50 24.05 -22.98
C HIS C 295 -35.02 23.75 -22.80
N ASP C 296 -34.16 24.52 -23.46
CA ASP C 296 -32.73 24.25 -23.34
C ASP C 296 -32.19 24.71 -22.00
N CYS C 297 -32.79 25.75 -21.44
CA CYS C 297 -32.33 26.28 -20.17
C CYS C 297 -32.85 25.47 -19.00
N LYS C 298 -34.09 24.98 -19.12
CA LYS C 298 -34.64 24.07 -18.12
C LYS C 298 -33.71 22.85 -18.03
N ASN C 299 -33.24 22.40 -19.18
CA ASN C 299 -32.35 21.25 -19.25
C ASN C 299 -30.98 21.49 -18.62
N ILE C 300 -30.31 22.60 -18.95
CA ILE C 300 -28.96 22.83 -18.44
C ILE C 300 -28.97 23.36 -17.00
N LEU C 301 -30.10 23.93 -16.59
CA LEU C 301 -30.27 24.36 -15.21
C LEU C 301 -30.23 23.13 -14.30
N LEU C 302 -30.83 22.05 -14.80
CA LEU C 302 -30.90 20.77 -14.10
C LEU C 302 -29.51 20.14 -13.96
N LEU C 303 -28.70 20.32 -14.99
CA LEU C 303 -27.32 19.87 -14.97
C LEU C 303 -26.58 20.71 -13.94
N PHE C 304 -26.79 22.02 -13.97
CA PHE C 304 -26.09 22.92 -13.05
C PHE C 304 -26.48 22.63 -11.59
N GLN C 305 -27.75 22.30 -11.39
CA GLN C 305 -28.30 22.00 -10.08
C GLN C 305 -27.68 20.72 -9.52
N SER C 306 -27.53 19.74 -10.41
CA SER C 306 -26.96 18.45 -10.06
C SER C 306 -25.50 18.56 -9.65
N VAL C 307 -24.73 19.40 -10.35
CA VAL C 307 -23.31 19.57 -10.02
C VAL C 307 -23.17 20.28 -8.70
N SER C 308 -24.12 21.15 -8.41
CA SER C 308 -24.09 21.93 -7.18
C SER C 308 -24.26 21.02 -5.98
N TYR C 309 -25.17 20.06 -6.11
CA TYR C 309 -25.52 19.14 -5.03
C TYR C 309 -25.07 17.72 -5.32
N LEU C 310 -23.94 17.61 -6.03
CA LEU C 310 -23.33 16.33 -6.38
C LEU C 310 -22.80 15.67 -5.13
N THR C 311 -22.19 16.49 -4.30
CA THR C 311 -21.40 16.03 -3.16
C THR C 311 -22.31 15.51 -2.03
N THR C 312 -23.58 15.86 -2.11
CA THR C 312 -24.56 15.40 -1.14
C THR C 312 -25.40 14.26 -1.71
N CYS C 313 -24.76 13.28 -2.33
CA CYS C 313 -25.49 12.19 -2.96
C CYS C 313 -25.83 11.07 -1.99
N TYR C 314 -25.36 11.22 -0.75
CA TYR C 314 -25.56 10.21 0.28
C TYR C 314 -26.93 10.33 0.94
N SER C 315 -27.25 11.55 1.36
CA SER C 315 -28.51 11.84 2.03
C SER C 315 -29.70 11.60 1.09
N LYS C 316 -30.75 10.96 1.58
CA LYS C 316 -31.92 10.69 0.75
C LYS C 316 -32.82 11.92 0.70
N SER C 317 -32.20 13.10 0.70
CA SER C 317 -32.93 14.36 0.65
C SER C 317 -32.21 15.35 -0.25
N SER C 318 -30.88 15.30 -0.20
CA SER C 318 -30.05 16.16 -1.03
C SER C 318 -29.38 15.39 -2.16
N ASN C 319 -29.90 14.23 -2.52
CA ASN C 319 -29.32 13.48 -3.63
C ASN C 319 -29.88 13.97 -4.98
N PHE C 320 -29.75 15.29 -5.19
CA PHE C 320 -30.15 15.97 -6.43
C PHE C 320 -29.68 15.19 -7.66
N SER C 321 -28.38 14.94 -7.72
CA SER C 321 -27.71 14.46 -8.91
C SER C 321 -27.97 13.01 -9.29
N THR C 322 -28.64 12.25 -8.44
CA THR C 322 -28.91 10.86 -8.77
C THR C 322 -30.18 10.75 -9.59
N LYS C 323 -31.18 11.55 -9.25
CA LYS C 323 -32.48 11.45 -9.91
C LYS C 323 -32.53 12.20 -11.24
N PHE C 324 -31.66 13.20 -11.39
CA PHE C 324 -31.82 14.16 -12.48
C PHE C 324 -30.77 14.07 -13.59
N LEU C 325 -29.59 13.54 -13.28
CA LEU C 325 -28.57 13.32 -14.30
C LEU C 325 -28.99 12.33 -15.41
N PRO C 326 -29.71 11.25 -15.06
CA PRO C 326 -30.22 10.45 -16.18
C PRO C 326 -31.31 11.18 -16.97
N LYS C 327 -31.93 12.19 -16.39
CA LYS C 327 -32.98 12.92 -17.09
C LYS C 327 -32.37 13.85 -18.14
N VAL C 328 -31.35 14.61 -17.75
CA VAL C 328 -30.70 15.54 -18.67
C VAL C 328 -29.90 14.81 -19.73
N LEU C 329 -29.56 13.56 -19.47
CA LEU C 329 -28.84 12.74 -20.45
C LEU C 329 -29.82 12.30 -21.53
N LYS C 330 -31.07 12.09 -21.14
CA LYS C 330 -32.12 11.66 -22.07
C LYS C 330 -32.62 12.84 -22.87
N THR C 331 -32.85 13.95 -22.20
CA THR C 331 -33.36 15.17 -22.85
C THR C 331 -32.40 15.69 -23.91
N SER C 332 -31.10 15.66 -23.61
CA SER C 332 -30.10 16.19 -24.51
C SER C 332 -29.97 15.36 -25.79
N GLN C 333 -30.19 14.05 -25.68
CA GLN C 333 -30.13 13.18 -26.85
C GLN C 333 -31.43 13.26 -27.65
N GLU C 334 -32.52 13.61 -26.99
CA GLU C 334 -33.78 13.88 -27.67
C GLU C 334 -33.69 15.17 -28.46
N LEU C 335 -33.20 16.22 -27.82
CA LEU C 335 -33.05 17.53 -28.45
C LEU C 335 -32.12 17.47 -29.65
N LYS C 336 -31.12 16.58 -29.59
CA LYS C 336 -30.14 16.43 -30.65
C LYS C 336 -30.73 15.76 -31.89
N GLU C 337 -31.61 14.80 -31.67
CA GLU C 337 -32.28 14.10 -32.76
C GLU C 337 -33.43 14.90 -33.36
N THR C 338 -34.10 15.70 -32.53
CA THR C 338 -35.25 16.47 -33.00
C THR C 338 -34.84 17.85 -33.50
N LEU C 339 -33.54 18.11 -33.50
CA LEU C 339 -32.99 19.36 -34.02
C LEU C 339 -33.44 19.59 -35.46
N GLN C 340 -34.18 20.66 -35.70
CA GLN C 340 -34.75 20.91 -37.02
C GLN C 340 -34.58 22.35 -37.50
N LYS C 341 -33.45 22.95 -37.17
CA LYS C 341 -33.16 24.36 -37.47
C LYS C 341 -32.75 24.60 -38.92
N ARG C 342 -33.23 25.69 -39.53
CA ARG C 342 -32.89 26.01 -40.93
C ARG C 342 -31.75 27.01 -41.03
N THR C 343 -30.54 26.48 -40.88
CA THR C 343 -29.30 27.23 -40.91
C THR C 343 -28.31 26.33 -41.64
N SER C 344 -27.04 26.70 -41.66
CA SER C 344 -26.07 25.91 -42.42
C SER C 344 -25.70 24.61 -41.74
N LEU C 345 -25.06 23.71 -42.48
CA LEU C 345 -24.66 22.43 -41.94
C LEU C 345 -23.70 22.59 -40.74
N VAL C 346 -22.69 23.42 -40.88
CA VAL C 346 -21.73 23.61 -39.79
C VAL C 346 -22.39 24.12 -38.51
N HIS C 347 -23.42 24.94 -38.66
CA HIS C 347 -24.13 25.47 -37.49
C HIS C 347 -25.08 24.44 -36.91
N VAL C 348 -25.60 23.56 -37.75
CA VAL C 348 -26.48 22.52 -37.25
C VAL C 348 -25.66 21.54 -36.42
N GLN C 349 -24.46 21.20 -36.90
CA GLN C 349 -23.59 20.28 -36.19
C GLN C 349 -23.00 20.89 -34.91
N SER C 350 -22.90 22.22 -34.89
CA SER C 350 -22.35 22.91 -33.72
C SER C 350 -23.32 22.85 -32.54
N ILE C 351 -24.61 22.96 -32.84
CA ILE C 351 -25.65 22.78 -31.83
C ILE C 351 -25.69 21.33 -31.32
N ARG C 352 -25.53 20.37 -32.23
CA ARG C 352 -25.50 18.96 -31.85
C ARG C 352 -24.29 18.70 -30.97
N ASN C 353 -23.17 19.36 -31.27
CA ASN C 353 -21.94 19.14 -30.52
C ASN C 353 -22.04 19.66 -29.08
N ILE C 354 -22.99 20.57 -28.84
CA ILE C 354 -23.18 21.09 -27.50
C ILE C 354 -23.93 20.05 -26.70
N TYR C 355 -24.92 19.43 -27.33
CA TYR C 355 -25.70 18.36 -26.72
C TYR C 355 -24.83 17.13 -26.42
N ASP C 356 -23.83 16.87 -27.27
CA ASP C 356 -22.89 15.78 -27.06
C ASP C 356 -21.98 16.04 -25.85
N LYS C 357 -21.70 17.31 -25.58
CA LYS C 357 -20.84 17.69 -24.48
C LYS C 357 -21.59 17.64 -23.14
N VAL C 358 -22.86 18.02 -23.18
CA VAL C 358 -23.72 17.92 -22.01
C VAL C 358 -23.76 16.45 -21.58
N VAL C 359 -23.96 15.56 -22.54
CA VAL C 359 -24.04 14.12 -22.28
C VAL C 359 -22.73 13.54 -21.71
N ASP C 360 -21.60 14.03 -22.20
CA ASP C 360 -20.31 13.56 -21.71
C ASP C 360 -19.99 14.13 -20.33
N LEU C 361 -20.57 15.30 -20.02
CA LEU C 361 -20.42 15.89 -18.70
C LEU C 361 -21.32 15.17 -17.71
N CYS C 362 -22.55 14.87 -18.14
CA CYS C 362 -23.46 14.06 -17.36
C CYS C 362 -22.79 12.76 -16.94
N ARG C 363 -22.18 12.07 -17.89
CA ARG C 363 -21.54 10.79 -17.60
C ARG C 363 -20.32 10.96 -16.70
N PHE C 364 -19.70 12.13 -16.77
CA PHE C 364 -18.56 12.43 -15.90
C PHE C 364 -19.00 12.55 -14.44
N TYR C 365 -20.07 13.31 -14.22
CA TYR C 365 -20.56 13.54 -12.87
C TYR C 365 -21.30 12.33 -12.31
N GLN C 366 -21.87 11.51 -13.19
CA GLN C 366 -22.47 10.26 -12.74
C GLN C 366 -21.41 9.36 -12.14
N THR C 367 -20.26 9.32 -12.79
CA THR C 367 -19.13 8.52 -12.31
C THR C 367 -18.53 9.09 -11.04
N TRP C 368 -18.57 10.41 -10.89
CA TRP C 368 -17.96 11.08 -9.73
C TRP C 368 -18.75 10.74 -8.47
N GLU C 369 -20.06 10.70 -8.63
CA GLU C 369 -20.99 10.33 -7.58
C GLU C 369 -20.87 8.85 -7.22
N SER C 370 -20.65 8.00 -8.22
CA SER C 370 -20.48 6.57 -8.01
C SER C 370 -19.21 6.26 -7.23
N LEU C 371 -18.14 6.98 -7.54
CA LEU C 371 -16.86 6.79 -6.86
C LEU C 371 -16.83 7.36 -5.44
N ILE C 372 -17.76 8.25 -5.16
CA ILE C 372 -17.92 8.78 -3.81
C ILE C 372 -18.56 7.70 -2.95
N LEU C 373 -19.54 7.03 -3.54
CA LEU C 373 -20.33 6.03 -2.85
C LEU C 373 -19.72 4.62 -2.85
N SER C 374 -18.96 4.27 -3.87
CA SER C 374 -18.40 2.91 -3.97
C SER C 374 -16.91 2.88 -4.31
N GLU C 375 -16.32 1.69 -4.26
CA GLU C 375 -14.91 1.53 -4.60
C GLU C 375 -14.74 1.56 -6.12
N ARG C 376 -15.61 0.83 -6.81
CA ARG C 376 -15.55 0.76 -8.26
C ARG C 376 -16.84 1.25 -8.85
N VAL C 377 -16.79 1.70 -10.10
CA VAL C 377 -18.03 2.07 -10.77
C VAL C 377 -18.52 0.90 -11.59
N GLU C 378 -19.77 0.53 -11.36
CA GLU C 378 -20.42 -0.54 -12.12
C GLU C 378 -20.43 -0.23 -13.61
N GLY C 379 -19.61 -0.96 -14.36
CA GLY C 379 -19.57 -0.80 -15.81
C GLY C 379 -18.36 -0.07 -16.35
N GLY C 380 -17.36 0.13 -15.50
CA GLY C 380 -16.14 0.79 -15.89
C GLY C 380 -16.31 2.30 -16.00
N ILE C 381 -15.19 3.00 -16.14
CA ILE C 381 -15.21 4.44 -16.34
C ILE C 381 -15.36 4.76 -17.84
N PRO C 382 -16.40 5.52 -18.21
CA PRO C 382 -16.71 5.84 -19.61
C PRO C 382 -15.72 6.80 -20.27
N ARG C 383 -15.50 6.63 -21.58
CA ARG C 383 -14.58 7.49 -22.34
C ARG C 383 -15.29 8.74 -22.85
N LEU C 384 -14.87 9.88 -22.33
CA LEU C 384 -15.48 11.16 -22.64
C LEU C 384 -14.67 11.89 -23.70
N GLN C 385 -15.24 12.97 -24.23
CA GLN C 385 -14.51 13.76 -25.22
C GLN C 385 -13.56 14.73 -24.53
N TYR C 386 -13.69 14.83 -23.21
CA TYR C 386 -12.77 15.61 -22.39
C TYR C 386 -11.62 14.74 -21.90
N SER C 387 -10.49 14.77 -22.60
CA SER C 387 -9.41 13.81 -22.33
C SER C 387 -8.74 13.96 -20.95
N GLU C 388 -8.76 15.17 -20.39
CA GLU C 388 -8.10 15.40 -19.11
C GLU C 388 -9.02 15.04 -17.93
N TYR C 389 -10.33 15.19 -18.11
CA TYR C 389 -11.32 14.62 -17.20
C TYR C 389 -11.28 13.09 -17.19
N ASN C 390 -10.88 12.48 -18.30
CA ASN C 390 -10.65 11.04 -18.36
C ASN C 390 -9.51 10.64 -17.44
N ILE C 391 -8.43 11.41 -17.48
CA ILE C 391 -7.25 11.12 -16.67
C ILE C 391 -7.56 11.33 -15.19
N LEU C 392 -8.39 12.33 -14.91
CA LEU C 392 -8.82 12.62 -13.55
C LEU C 392 -9.65 11.48 -12.98
N LEU C 393 -10.60 10.98 -13.78
CA LEU C 393 -11.45 9.87 -13.36
C LEU C 393 -10.65 8.59 -13.23
N GLU C 394 -9.61 8.47 -14.04
CA GLU C 394 -8.74 7.31 -13.97
C GLU C 394 -7.92 7.34 -12.68
N ALA C 395 -7.53 8.53 -12.27
CA ALA C 395 -6.66 8.72 -11.11
C ALA C 395 -7.39 8.49 -9.79
N ILE C 396 -8.64 8.96 -9.75
CA ILE C 396 -9.46 8.85 -8.56
C ILE C 396 -9.82 7.40 -8.28
N SER C 397 -10.37 6.70 -9.27
CA SER C 397 -10.74 5.31 -9.09
C SER C 397 -9.53 4.45 -8.73
N SER C 398 -8.38 4.76 -9.32
CA SER C 398 -7.16 4.01 -9.02
C SER C 398 -6.67 4.24 -7.60
N GLN C 399 -6.96 5.42 -7.07
CA GLN C 399 -6.46 5.83 -5.76
C GLN C 399 -7.22 5.13 -4.64
N GLN C 400 -8.52 4.96 -4.81
CA GLN C 400 -9.34 4.32 -3.79
C GLN C 400 -9.54 2.81 -4.00
N ALA C 401 -8.75 2.22 -4.91
CA ALA C 401 -8.75 0.77 -5.13
C ALA C 401 -8.22 0.02 -3.92
N GLN C 402 -8.68 -1.22 -3.73
CA GLN C 402 -8.33 -2.05 -2.58
C GLN C 402 -6.82 -2.16 -2.36
N GLN C 403 -6.10 -2.57 -3.40
CA GLN C 403 -4.65 -2.54 -3.39
C GLN C 403 -4.18 -1.57 -4.47
N ALA C 404 -3.96 -0.32 -4.07
CA ALA C 404 -3.70 0.74 -5.02
C ALA C 404 -2.22 0.82 -5.40
N ASP C 405 -1.98 1.13 -6.65
CA ASP C 405 -0.63 1.38 -7.13
C ASP C 405 -0.40 2.88 -7.10
N LEU C 406 0.35 3.35 -6.11
CA LEU C 406 0.49 4.79 -5.88
C LEU C 406 1.52 5.47 -6.78
N SER C 407 2.35 4.66 -7.46
CA SER C 407 3.27 5.18 -8.46
C SER C 407 2.53 5.54 -9.76
N HIS C 408 1.52 4.74 -10.07
CA HIS C 408 0.64 4.99 -11.21
C HIS C 408 -0.25 6.21 -10.94
N VAL C 409 -0.83 6.25 -9.75
CA VAL C 409 -1.70 7.36 -9.32
C VAL C 409 -0.93 8.69 -9.31
N GLY C 410 0.36 8.61 -9.02
CA GLY C 410 1.21 9.79 -8.96
C GLY C 410 1.47 10.33 -10.35
N ARG C 411 1.77 9.44 -11.28
CA ARG C 411 2.02 9.83 -12.67
C ARG C 411 0.78 10.50 -13.29
N LEU C 412 -0.40 9.98 -12.95
CA LEU C 412 -1.66 10.55 -13.47
C LEU C 412 -1.91 11.94 -12.93
N TYR C 413 -1.63 12.15 -11.64
CA TYR C 413 -1.83 13.45 -11.01
C TYR C 413 -0.79 14.48 -11.45
N SER C 414 0.38 13.97 -11.84
CA SER C 414 1.48 14.79 -12.38
C SER C 414 1.13 15.35 -13.75
N THR C 415 0.62 14.47 -14.62
CA THR C 415 0.15 14.89 -15.94
C THR C 415 -0.82 16.05 -15.83
N LEU C 416 -1.64 16.03 -14.78
CA LEU C 416 -2.65 17.06 -14.57
C LEU C 416 -2.05 18.36 -14.04
N THR C 417 -0.84 18.30 -13.51
CA THR C 417 -0.15 19.50 -13.03
C THR C 417 0.39 20.30 -14.21
N LYS C 418 0.38 19.69 -15.39
CA LYS C 418 0.85 20.35 -16.61
C LYS C 418 -0.32 20.83 -17.46
N SER C 419 -1.52 20.81 -16.91
CA SER C 419 -2.73 21.11 -17.66
C SER C 419 -2.96 22.61 -17.87
N LYS C 420 -3.53 22.96 -19.02
CA LYS C 420 -3.85 24.34 -19.34
C LYS C 420 -5.08 24.81 -18.55
N ASP C 421 -5.80 23.85 -17.98
CA ASP C 421 -6.90 24.18 -17.09
C ASP C 421 -6.29 24.55 -15.75
N PRO C 422 -6.66 25.73 -15.20
CA PRO C 422 -6.06 26.09 -13.91
C PRO C 422 -6.71 25.30 -12.78
N GLU C 423 -8.01 25.05 -12.90
CA GLU C 423 -8.76 24.29 -11.92
C GLU C 423 -8.26 22.84 -11.80
N LEU C 424 -7.86 22.25 -12.92
CA LEU C 424 -7.32 20.89 -12.92
C LEU C 424 -5.84 20.88 -12.60
N ARG C 425 -5.26 22.05 -12.42
CA ARG C 425 -3.85 22.11 -12.08
C ARG C 425 -3.71 22.14 -10.56
N LEU C 426 -4.68 22.78 -9.91
CA LEU C 426 -4.78 22.82 -8.46
C LEU C 426 -4.87 21.43 -7.90
N ILE C 427 -5.90 20.74 -8.37
CA ILE C 427 -6.21 19.37 -7.99
C ILE C 427 -5.02 18.44 -8.20
N GLY C 428 -4.32 18.61 -9.31
CA GLY C 428 -3.13 17.82 -9.60
C GLY C 428 -2.02 17.97 -8.58
N ILE C 429 -1.78 19.20 -8.15
CA ILE C 429 -0.72 19.47 -7.16
C ILE C 429 -1.17 19.09 -5.72
N ALA C 430 -2.42 19.43 -5.40
CA ALA C 430 -3.01 19.11 -4.10
C ALA C 430 -2.98 17.62 -3.79
N HIS C 431 -3.49 16.81 -4.72
CA HIS C 431 -3.46 15.36 -4.59
C HIS C 431 -2.03 14.84 -4.58
N LEU C 432 -1.13 15.52 -5.27
CA LEU C 432 0.24 15.05 -5.41
C LEU C 432 0.99 15.35 -4.14
N TYR C 433 0.57 16.43 -3.49
CA TYR C 433 1.09 16.86 -2.18
C TYR C 433 0.78 15.84 -1.07
N THR C 434 -0.49 15.46 -0.98
CA THR C 434 -0.94 14.45 -0.01
C THR C 434 -0.14 13.15 -0.12
N LEU C 435 0.24 12.79 -1.35
CA LEU C 435 1.08 11.63 -1.57
C LEU C 435 2.47 11.85 -1.02
N ILE C 436 2.99 13.06 -1.19
CA ILE C 436 4.35 13.35 -0.74
C ILE C 436 4.38 13.43 0.78
N VAL C 437 3.32 13.98 1.35
CA VAL C 437 3.21 14.08 2.80
C VAL C 437 3.24 12.68 3.41
N ALA C 438 2.50 11.77 2.79
CA ALA C 438 2.45 10.39 3.27
C ALA C 438 3.82 9.73 3.20
N GLU C 439 4.62 10.13 2.21
CA GLU C 439 5.95 9.56 2.06
C GLU C 439 6.86 10.03 3.19
N LEU C 440 6.79 11.31 3.50
CA LEU C 440 7.60 11.90 4.57
C LEU C 440 7.23 11.29 5.91
N SER C 441 5.93 11.10 6.10
CA SER C 441 5.36 10.56 7.34
C SER C 441 5.90 9.17 7.67
N SER C 442 6.23 8.38 6.65
CA SER C 442 6.90 7.11 6.86
C SER C 442 8.40 7.30 6.68
N CYS C 443 9.19 6.34 7.13
CA CYS C 443 10.64 6.50 7.01
C CYS C 443 11.11 6.25 5.59
N GLY C 446 16.43 7.66 7.61
CA GLY C 446 17.48 8.32 8.38
C GLY C 446 17.46 9.83 8.19
N PRO C 447 18.31 10.55 8.93
CA PRO C 447 18.43 12.01 8.89
C PRO C 447 18.53 12.61 7.49
N GLU C 448 19.36 12.04 6.63
CA GLU C 448 19.56 12.62 5.30
C GLU C 448 18.37 12.35 4.38
N GLY C 449 17.71 11.22 4.59
CA GLY C 449 16.54 10.87 3.80
C GLY C 449 15.31 11.64 4.22
N ILE C 450 15.12 11.75 5.53
CA ILE C 450 14.00 12.51 6.08
C ILE C 450 14.09 13.98 5.68
N SER C 451 15.32 14.47 5.54
CA SER C 451 15.55 15.87 5.22
C SER C 451 15.16 16.21 3.78
N GLU C 452 15.47 15.32 2.84
CA GLU C 452 15.19 15.57 1.43
C GLU C 452 13.70 15.41 1.12
N LEU C 453 13.03 14.50 1.83
CA LEU C 453 11.58 14.33 1.69
C LEU C 453 10.87 15.52 2.31
N THR C 454 11.48 16.08 3.35
CA THR C 454 10.98 17.29 3.99
C THR C 454 10.99 18.43 2.98
N GLN C 455 12.08 18.55 2.25
CA GLN C 455 12.25 19.62 1.27
C GLN C 455 11.27 19.48 0.11
N LYS C 456 10.98 18.24 -0.28
CA LYS C 456 10.03 17.96 -1.36
C LYS C 456 8.60 18.30 -0.93
N THR C 457 8.31 18.08 0.34
CA THR C 457 6.98 18.36 0.88
C THR C 457 6.75 19.87 0.96
N THR C 458 7.81 20.60 1.27
CA THR C 458 7.74 22.05 1.33
C THR C 458 7.64 22.64 -0.08
N ASP C 459 8.40 22.06 -1.01
CA ASP C 459 8.34 22.46 -2.41
C ASP C 459 6.92 22.33 -2.94
N ALA C 460 6.33 21.16 -2.72
CA ALA C 460 5.00 20.86 -3.22
C ALA C 460 3.96 21.77 -2.59
N TRP C 461 4.15 22.13 -1.33
CA TRP C 461 3.22 23.01 -0.65
C TRP C 461 3.36 24.43 -1.23
N GLU C 462 4.60 24.81 -1.51
CA GLU C 462 4.86 26.14 -2.04
C GLU C 462 4.44 26.22 -3.50
N GLN C 463 4.41 25.08 -4.17
CA GLN C 463 3.92 25.03 -5.54
C GLN C 463 2.40 24.88 -5.54
N LEU C 464 1.84 24.63 -4.37
CA LEU C 464 0.39 24.59 -4.18
C LEU C 464 -0.09 25.98 -3.78
N GLN C 465 0.75 26.65 -2.99
CA GLN C 465 0.47 27.99 -2.50
C GLN C 465 0.36 28.98 -3.64
N HIS C 466 1.36 29.00 -4.52
CA HIS C 466 1.38 29.99 -5.60
C HIS C 466 0.39 29.67 -6.70
N ALA C 467 -0.02 28.40 -6.79
CA ALA C 467 -1.06 27.98 -7.73
C ALA C 467 -2.42 28.36 -7.15
N TYR C 468 -2.52 28.37 -5.83
CA TYR C 468 -3.76 28.76 -5.16
C TYR C 468 -3.83 30.27 -5.03
N LEU C 469 -2.68 30.92 -5.16
CA LEU C 469 -2.61 32.39 -5.18
C LEU C 469 -3.30 32.90 -6.42
N SER C 470 -2.96 32.30 -7.55
CA SER C 470 -3.60 32.61 -8.83
C SER C 470 -4.90 31.83 -8.98
N SER C 471 -5.91 32.15 -8.20
CA SER C 471 -7.18 31.42 -8.28
C SER C 471 -8.37 32.26 -7.81
N SER C 472 -9.51 31.98 -8.42
CA SER C 472 -10.76 32.60 -8.01
C SER C 472 -11.35 31.86 -6.84
N LEU C 473 -10.75 30.72 -6.53
CA LEU C 473 -11.26 29.82 -5.51
C LEU C 473 -10.82 30.25 -4.11
N VAL C 474 -10.10 31.37 -4.07
CA VAL C 474 -9.79 32.05 -2.81
C VAL C 474 -11.10 32.46 -2.11
N GLN C 475 -12.13 32.75 -2.89
CA GLN C 475 -13.45 33.07 -2.32
C GLN C 475 -14.30 31.83 -2.11
N ASN C 476 -13.75 30.67 -2.47
CA ASN C 476 -14.42 29.39 -2.25
C ASN C 476 -14.01 28.84 -0.88
N ASN C 477 -14.97 28.68 0.03
CA ASN C 477 -14.67 28.27 1.40
C ASN C 477 -14.33 26.80 1.54
N VAL C 478 -14.84 25.98 0.63
CA VAL C 478 -14.52 24.56 0.61
C VAL C 478 -13.04 24.36 0.32
N TRP C 479 -12.53 25.19 -0.59
CA TRP C 479 -11.14 25.14 -0.98
C TRP C 479 -10.26 25.84 0.08
N LYS C 480 -10.79 26.91 0.63
CA LYS C 480 -10.09 27.71 1.63
C LYS C 480 -9.82 26.88 2.89
N CYS C 481 -10.84 26.13 3.29
CA CYS C 481 -10.75 25.28 4.46
C CYS C 481 -9.74 24.16 4.25
N SER C 482 -9.86 23.47 3.13
CA SER C 482 -9.05 22.29 2.85
C SER C 482 -7.59 22.63 2.58
N VAL C 483 -7.32 23.85 2.12
CA VAL C 483 -5.94 24.27 1.92
C VAL C 483 -5.28 24.49 3.27
N ALA C 484 -6.05 24.98 4.25
CA ALA C 484 -5.52 25.16 5.59
C ALA C 484 -5.21 23.81 6.19
N ILE C 485 -6.18 22.90 6.08
CA ILE C 485 -6.08 21.54 6.57
C ILE C 485 -4.84 20.80 6.08
N LEU C 486 -4.52 20.96 4.81
CA LEU C 486 -3.36 20.31 4.18
C LEU C 486 -2.03 20.85 4.68
N TRP C 487 -2.07 22.04 5.25
CA TRP C 487 -0.87 22.67 5.75
C TRP C 487 -0.46 22.01 7.08
N ALA C 488 -1.45 21.77 7.93
CA ALA C 488 -1.22 21.26 9.27
C ALA C 488 -0.85 19.79 9.31
N ILE C 489 -1.43 19.00 8.40
CA ILE C 489 -1.21 17.56 8.43
C ILE C 489 0.20 17.17 7.97
N SER C 490 1.08 18.16 7.88
CA SER C 490 2.48 17.91 7.54
C SER C 490 3.42 18.45 8.63
N ARG C 491 2.91 19.34 9.48
CA ARG C 491 3.75 20.01 10.47
C ARG C 491 3.41 19.65 11.92
N PHE C 492 2.75 18.50 12.12
CA PHE C 492 2.32 18.06 13.46
C PHE C 492 2.36 16.54 13.60
N GLU C 493 2.59 16.08 14.83
CA GLU C 493 2.92 14.68 15.13
C GLU C 493 1.79 13.64 15.12
N PRO C 494 0.56 13.98 15.58
CA PRO C 494 -0.45 12.93 15.46
C PRO C 494 -0.79 12.60 14.00
N PHE C 495 -0.50 13.54 13.10
CA PHE C 495 -0.85 13.39 11.71
C PHE C 495 0.32 12.94 10.85
N SER C 496 1.48 13.56 11.03
CA SER C 496 2.64 13.22 10.22
C SER C 496 3.79 12.74 11.09
N GLY C 497 4.28 11.55 10.78
CA GLY C 497 5.36 10.94 11.52
C GLY C 497 6.62 11.77 11.63
N HIS C 498 6.85 12.64 10.65
CA HIS C 498 8.01 13.52 10.72
C HIS C 498 7.61 14.99 10.47
N ASP C 506 3.72 33.73 12.64
CA ASP C 506 3.62 34.41 11.36
C ASP C 506 2.97 33.54 10.29
N GLN C 507 3.73 32.58 9.78
CA GLN C 507 3.23 31.68 8.76
C GLN C 507 2.16 30.75 9.31
N GLN C 508 2.32 30.39 10.59
CA GLN C 508 1.41 29.43 11.22
C GLN C 508 0.12 30.10 11.66
N THR C 509 0.25 31.31 12.18
CA THR C 509 -0.87 32.06 12.71
C THR C 509 -1.99 32.26 11.69
N LEU C 510 -1.62 32.34 10.42
CA LEU C 510 -2.57 32.58 9.34
C LEU C 510 -3.59 31.46 9.23
N TYR C 511 -3.11 30.24 8.99
CA TYR C 511 -3.98 29.09 8.75
C TYR C 511 -4.55 28.50 10.02
N MET C 512 -3.93 28.85 11.15
CA MET C 512 -4.45 28.46 12.46
C MET C 512 -5.71 29.25 12.79
N GLN C 513 -5.67 30.54 12.49
CA GLN C 513 -6.86 31.38 12.62
C GLN C 513 -7.96 30.84 11.72
N GLN C 514 -7.60 30.50 10.48
CA GLN C 514 -8.54 29.91 9.53
C GLN C 514 -9.15 28.63 10.08
N LEU C 515 -8.28 27.71 10.49
CA LEU C 515 -8.72 26.39 10.94
C LEU C 515 -9.69 26.51 12.12
N ASN C 516 -9.36 27.40 13.05
CA ASN C 516 -10.20 27.64 14.22
C ASN C 516 -11.54 28.27 13.84
N GLU C 517 -11.48 29.25 12.94
CA GLU C 517 -12.68 29.92 12.43
C GLU C 517 -13.64 28.93 11.79
N PHE C 518 -13.10 28.04 10.96
CA PHE C 518 -13.93 27.05 10.26
C PHE C 518 -14.47 25.99 11.22
N PHE C 519 -13.61 25.50 12.11
CA PHE C 519 -14.00 24.45 13.04
C PHE C 519 -15.09 24.89 14.00
N THR C 520 -14.94 26.09 14.55
CA THR C 520 -15.89 26.57 15.53
C THR C 520 -17.26 26.80 14.89
N ASP C 521 -17.26 27.42 13.72
CA ASP C 521 -18.52 27.77 13.06
C ASP C 521 -19.23 26.57 12.45
N ASN C 522 -18.48 25.53 12.12
CA ASN C 522 -19.07 24.37 11.48
C ASN C 522 -19.27 23.19 12.44
N ALA C 523 -18.88 23.37 13.70
CA ALA C 523 -19.16 22.37 14.71
C ALA C 523 -20.61 22.52 15.18
N LEU C 524 -20.96 23.75 15.55
CA LEU C 524 -22.30 24.08 16.05
C LEU C 524 -23.29 24.20 14.89
N VAL C 525 -22.87 24.90 13.84
CA VAL C 525 -23.70 25.09 12.66
C VAL C 525 -23.17 24.29 11.46
N SER C 541 -18.67 18.10 1.06
CA SER C 541 -19.32 17.93 2.36
C SER C 541 -18.55 16.98 3.27
N LEU C 542 -18.65 15.68 3.00
CA LEU C 542 -18.25 14.67 3.97
C LEU C 542 -16.74 14.53 4.16
N LEU C 543 -15.97 14.32 3.10
CA LEU C 543 -14.52 14.22 3.24
C LEU C 543 -13.94 15.55 3.71
N LEU C 544 -14.77 16.61 3.71
CA LEU C 544 -14.38 17.95 4.12
C LEU C 544 -14.60 18.19 5.63
N HIS C 545 -15.82 17.91 6.10
CA HIS C 545 -16.20 18.10 7.50
C HIS C 545 -15.39 17.19 8.42
N PHE C 546 -15.37 15.91 8.06
CA PHE C 546 -14.50 14.91 8.64
C PHE C 546 -13.10 15.44 8.93
N LEU C 547 -12.35 15.75 7.88
CA LEU C 547 -10.96 16.23 8.00
C LEU C 547 -10.78 17.48 8.87
N LEU C 548 -11.81 18.33 8.87
CA LEU C 548 -11.81 19.54 9.68
C LEU C 548 -11.98 19.19 11.16
N ASN C 549 -13.03 18.43 11.44
CA ASN C 549 -13.31 17.96 12.79
C ASN C 549 -12.13 17.23 13.42
N TYR C 550 -11.39 16.50 12.59
CA TYR C 550 -10.24 15.75 13.07
C TYR C 550 -9.07 16.65 13.51
N LEU C 551 -8.84 17.76 12.84
CA LEU C 551 -7.77 18.66 13.27
C LEU C 551 -8.20 19.50 14.50
N GLY C 552 -9.50 19.58 14.72
CA GLY C 552 -10.07 20.38 15.79
C GLY C 552 -10.04 19.69 17.14
N GLY C 553 -10.54 18.46 17.16
CA GLY C 553 -10.51 17.65 18.36
C GLY C 553 -9.09 17.38 18.83
N THR C 554 -8.12 17.46 17.94
CA THR C 554 -6.76 17.06 18.26
C THR C 554 -5.82 18.25 18.57
N MET C 555 -6.11 19.41 18.00
CA MET C 555 -5.26 20.60 18.20
C MET C 555 -5.95 21.68 19.03
N LEU C 556 -7.28 21.65 19.06
CA LEU C 556 -8.04 22.79 19.59
C LEU C 556 -9.00 22.47 20.73
N VAL C 557 -9.43 21.22 20.87
CA VAL C 557 -10.36 20.84 21.94
C VAL C 557 -9.65 20.26 23.19
N SER C 558 -9.96 20.80 24.37
CA SER C 558 -9.39 20.35 25.65
C SER C 558 -10.32 19.38 26.40
N ASP C 559 -11.61 19.67 26.37
CA ASP C 559 -12.64 18.85 27.02
C ASP C 559 -12.73 17.44 26.42
N VAL C 560 -12.71 16.43 27.28
CA VAL C 560 -12.80 15.05 26.81
C VAL C 560 -14.23 14.53 26.66
N GLN C 561 -15.17 15.19 27.32
CA GLN C 561 -16.54 14.71 27.31
C GLN C 561 -17.15 15.03 25.97
N LYS C 562 -16.64 16.08 25.34
CA LYS C 562 -17.12 16.55 24.02
C LYS C 562 -16.22 16.06 22.88
N ARG C 563 -14.96 15.77 23.21
CA ARG C 563 -14.01 15.19 22.27
C ARG C 563 -14.54 13.85 21.76
N CYS C 564 -15.30 13.14 22.60
CA CYS C 564 -15.91 11.87 22.22
C CYS C 564 -17.02 12.04 21.20
N ASP C 565 -17.67 13.20 21.21
CA ASP C 565 -18.77 13.47 20.27
C ASP C 565 -18.27 13.71 18.83
N ILE C 566 -17.16 14.43 18.71
CA ILE C 566 -16.52 14.64 17.40
C ILE C 566 -16.14 13.32 16.74
N SER C 567 -15.27 12.56 17.40
CA SER C 567 -14.75 11.29 16.89
C SER C 567 -15.84 10.25 16.65
N SER C 568 -16.97 10.36 17.35
CA SER C 568 -18.07 9.43 17.14
C SER C 568 -18.79 9.79 15.86
N SER C 569 -18.91 11.09 15.62
CA SER C 569 -19.53 11.61 14.42
C SER C 569 -18.67 11.32 13.18
N CYS C 570 -17.37 11.58 13.30
CA CYS C 570 -16.41 11.25 12.25
C CYS C 570 -16.51 9.76 11.87
N PHE C 571 -16.61 8.89 12.89
CA PHE C 571 -16.64 7.44 12.69
C PHE C 571 -17.90 6.96 11.98
N GLN C 572 -19.01 7.66 12.19
CA GLN C 572 -20.25 7.31 11.51
C GLN C 572 -20.31 7.89 10.10
N MET C 573 -19.58 8.97 9.86
CA MET C 573 -19.52 9.59 8.53
C MET C 573 -18.98 8.58 7.52
N GLY C 574 -17.94 7.85 7.92
CA GLY C 574 -17.27 6.89 7.07
C GLY C 574 -18.13 5.70 6.67
N LYS C 575 -19.37 5.66 7.15
CA LYS C 575 -20.30 4.59 6.81
C LYS C 575 -21.31 5.12 5.80
N GLN C 576 -21.32 6.44 5.64
CA GLN C 576 -22.29 7.10 4.77
C GLN C 576 -21.85 7.17 3.31
N GLN C 577 -20.54 7.16 3.10
CA GLN C 577 -19.98 7.04 1.75
C GLN C 577 -18.68 6.25 1.84
N TYR C 578 -18.15 5.84 0.69
CA TYR C 578 -16.99 4.98 0.66
C TYR C 578 -15.72 5.71 1.04
N MET C 579 -15.25 5.47 2.26
CA MET C 579 -13.93 5.91 2.70
C MET C 579 -13.49 5.07 3.92
N PRO C 580 -13.07 3.83 3.68
CA PRO C 580 -12.70 2.93 4.78
C PRO C 580 -11.43 3.34 5.51
N GLY C 581 -10.46 3.89 4.78
CA GLY C 581 -9.22 4.34 5.38
C GLY C 581 -9.49 5.46 6.38
N MET C 582 -10.39 6.35 6.01
CA MET C 582 -10.81 7.43 6.88
C MET C 582 -11.58 6.89 8.07
N ARG C 583 -12.61 6.07 7.83
CA ARG C 583 -13.40 5.50 8.92
C ARG C 583 -12.52 4.78 9.94
N TYR C 584 -11.50 4.08 9.46
CA TYR C 584 -10.57 3.41 10.34
C TYR C 584 -9.88 4.40 11.27
N VAL C 585 -9.29 5.48 10.73
CA VAL C 585 -8.52 6.37 11.60
C VAL C 585 -9.42 7.25 12.48
N ALA C 586 -10.70 7.29 12.14
CA ALA C 586 -11.66 7.93 13.03
C ALA C 586 -12.00 6.99 14.20
N GLY C 587 -12.22 5.72 13.88
CA GLY C 587 -12.55 4.70 14.86
C GLY C 587 -11.52 4.48 15.94
N ILE C 588 -10.24 4.46 15.58
CA ILE C 588 -9.21 4.24 16.57
C ILE C 588 -8.92 5.51 17.40
N TRP C 589 -9.31 6.68 16.90
CA TRP C 589 -9.26 7.90 17.70
C TRP C 589 -10.45 7.92 18.66
N HIS C 590 -11.54 7.32 18.22
CA HIS C 590 -12.75 7.20 19.02
C HIS C 590 -12.56 6.23 20.16
N LEU C 591 -11.80 5.17 19.91
CA LEU C 591 -11.56 4.14 20.91
C LEU C 591 -10.83 4.75 22.08
N MET C 592 -9.73 5.45 21.79
CA MET C 592 -8.91 6.07 22.82
C MET C 592 -9.68 7.12 23.64
N ASN C 593 -10.53 7.90 22.97
CA ASN C 593 -11.33 8.91 23.64
C ASN C 593 -12.36 8.28 24.57
N SER C 594 -12.96 7.18 24.12
CA SER C 594 -13.96 6.47 24.92
C SER C 594 -13.31 5.70 26.09
N THR C 595 -12.07 5.26 25.89
CA THR C 595 -11.30 4.64 26.96
C THR C 595 -10.97 5.66 28.06
N VAL C 596 -10.53 6.85 27.65
CA VAL C 596 -10.22 7.91 28.59
C VAL C 596 -11.47 8.40 29.33
N ALA C 597 -12.56 8.56 28.59
CA ALA C 597 -13.83 8.97 29.18
C ALA C 597 -14.47 7.84 29.99
N MET C 598 -13.94 6.63 29.83
CA MET C 598 -14.36 5.44 30.59
C MET C 598 -15.79 5.04 30.25
N LYS C 599 -16.15 5.17 28.99
CA LYS C 599 -17.46 4.73 28.53
C LYS C 599 -17.33 3.31 27.96
N THR C 600 -17.35 2.33 28.87
CA THR C 600 -16.92 0.95 28.56
C THR C 600 -17.75 0.15 27.55
N LYS C 601 -19.05 0.34 27.51
CA LYS C 601 -19.85 -0.40 26.55
C LYS C 601 -19.53 0.05 25.13
N GLU C 602 -19.24 1.34 25.00
CA GLU C 602 -18.84 1.93 23.73
C GLU C 602 -17.49 1.40 23.28
N VAL C 603 -16.57 1.24 24.21
CA VAL C 603 -15.23 0.73 23.88
C VAL C 603 -15.35 -0.70 23.33
N ALA C 604 -16.39 -1.41 23.74
CA ALA C 604 -16.63 -2.76 23.27
C ALA C 604 -17.09 -2.81 21.82
N ILE C 605 -18.04 -1.96 21.46
CA ILE C 605 -18.62 -2.02 20.13
C ILE C 605 -17.74 -1.33 19.07
N THR C 606 -17.04 -0.27 19.49
CA THR C 606 -16.04 0.37 18.65
C THR C 606 -15.00 -0.65 18.18
N ARG C 607 -14.50 -1.44 19.13
CA ARG C 607 -13.51 -2.48 18.86
C ARG C 607 -14.08 -3.54 17.92
N ALA C 608 -15.36 -3.85 18.08
CA ALA C 608 -16.04 -4.85 17.24
C ALA C 608 -16.20 -4.39 15.78
N LYS C 609 -16.58 -3.14 15.58
CA LYS C 609 -16.68 -2.56 14.25
C LYS C 609 -15.30 -2.52 13.60
N LEU C 610 -14.39 -1.82 14.27
CA LEU C 610 -12.96 -1.79 13.93
C LEU C 610 -12.37 -3.13 13.50
N GLU C 611 -12.90 -4.22 14.06
CA GLU C 611 -12.36 -5.57 13.81
C GLU C 611 -12.85 -6.11 12.46
N GLY C 612 -14.12 -5.89 12.16
CA GLY C 612 -14.65 -6.20 10.85
C GLY C 612 -14.12 -5.27 9.78
N LEU C 613 -13.73 -4.07 10.19
CA LEU C 613 -13.17 -3.04 9.31
C LEU C 613 -11.79 -3.44 8.78
N VAL C 614 -10.90 -3.85 9.68
CA VAL C 614 -9.58 -4.30 9.25
C VAL C 614 -9.68 -5.58 8.41
N ASP C 615 -10.74 -6.34 8.65
CA ASP C 615 -10.99 -7.58 7.91
C ASP C 615 -11.23 -7.29 6.45
N LYS C 616 -12.18 -6.39 6.18
CA LYS C 616 -12.55 -6.02 4.82
C LYS C 616 -11.40 -5.36 4.07
N MET C 617 -10.66 -4.50 4.77
CA MET C 617 -9.54 -3.78 4.16
C MET C 617 -8.38 -4.69 3.76
N LEU C 618 -8.04 -5.63 4.64
CA LEU C 618 -6.91 -6.55 4.43
C LEU C 618 -7.26 -7.79 3.60
N ASN C 619 -8.55 -8.17 3.63
CA ASN C 619 -9.06 -9.44 3.09
C ASN C 619 -8.52 -10.64 3.85
N THR D 3 -3.85 -3.72 23.24
CA THR D 3 -3.55 -3.26 21.89
C THR D 3 -4.64 -2.31 21.38
N PHE D 4 -4.85 -2.34 20.08
CA PHE D 4 -5.99 -1.70 19.42
C PHE D 4 -6.13 -2.37 18.08
N PRO D 5 -7.37 -2.63 17.65
CA PRO D 5 -7.61 -3.40 16.42
C PRO D 5 -6.86 -2.80 15.23
N GLY D 6 -6.04 -3.62 14.56
CA GLY D 6 -5.32 -3.18 13.39
C GLY D 6 -3.85 -2.91 13.62
N GLU D 7 -3.47 -2.77 14.89
CA GLU D 7 -2.08 -2.64 15.27
C GLU D 7 -1.35 -3.86 14.76
N ASP D 8 -0.16 -3.63 14.19
CA ASP D 8 0.74 -4.65 13.62
C ASP D 8 0.49 -4.91 12.13
N THR D 9 -0.52 -4.27 11.59
CA THR D 9 -0.82 -4.43 10.18
C THR D 9 -0.24 -3.28 9.38
N ARG D 10 -0.51 -3.32 8.08
CA ARG D 10 0.06 -2.38 7.12
C ARG D 10 -0.82 -1.15 7.01
N ILE D 11 -2.09 -1.31 7.40
CA ILE D 11 -3.09 -0.24 7.37
C ILE D 11 -2.58 1.06 7.98
N PRO D 12 -2.65 2.16 7.19
CA PRO D 12 -2.23 3.49 7.62
C PRO D 12 -2.95 3.94 8.90
N LYS D 13 -2.19 4.38 9.90
CA LYS D 13 -2.79 4.78 11.18
C LYS D 13 -2.86 6.29 11.39
N ARG D 14 -2.04 7.04 10.67
CA ARG D 14 -2.10 8.50 10.73
C ARG D 14 -2.97 9.01 9.61
N ILE D 15 -3.62 10.16 9.82
CA ILE D 15 -4.57 10.69 8.83
C ILE D 15 -3.90 11.20 7.56
N SER D 16 -2.63 11.58 7.65
CA SER D 16 -1.90 11.99 6.46
C SER D 16 -1.57 10.77 5.61
N GLU D 17 -1.18 9.69 6.26
CA GLU D 17 -0.86 8.46 5.56
C GLU D 17 -2.11 7.82 4.97
N ALA D 18 -3.27 8.10 5.55
CA ALA D 18 -4.52 7.52 5.07
C ALA D 18 -5.04 8.32 3.89
N LEU D 19 -4.64 9.58 3.82
CA LEU D 19 -5.15 10.49 2.80
C LEU D 19 -4.56 10.19 1.43
N SER D 20 -3.40 9.56 1.41
CA SER D 20 -2.76 9.18 0.15
C SER D 20 -3.53 8.08 -0.57
N HIS D 21 -4.46 7.45 0.14
CA HIS D 21 -5.37 6.47 -0.42
C HIS D 21 -6.80 6.99 -0.46
N GLN D 22 -6.96 8.30 -0.24
CA GLN D 22 -8.29 8.91 -0.28
C GLN D 22 -8.32 10.08 -1.23
N PRO D 23 -9.07 9.94 -2.34
CA PRO D 23 -9.25 11.04 -3.29
C PRO D 23 -10.01 12.18 -2.65
N LEU D 24 -9.54 13.41 -2.86
CA LEU D 24 -10.24 14.58 -2.34
C LEU D 24 -11.53 14.81 -3.13
N ASN D 25 -12.51 13.93 -2.95
CA ASN D 25 -13.72 13.95 -3.78
C ASN D 25 -14.73 15.03 -3.45
N HIS D 26 -14.33 16.02 -2.66
CA HIS D 26 -15.24 17.13 -2.34
C HIS D 26 -14.83 18.32 -3.21
N LEU D 27 -13.59 18.29 -3.70
CA LEU D 27 -13.09 19.27 -4.67
C LEU D 27 -13.49 18.88 -6.10
N VAL D 28 -14.69 19.30 -6.49
CA VAL D 28 -15.29 18.92 -7.78
C VAL D 28 -15.01 19.95 -8.90
N PRO D 29 -14.50 19.48 -10.07
CA PRO D 29 -14.21 20.40 -11.17
C PRO D 29 -15.47 20.95 -11.85
N LYS D 30 -15.48 22.25 -12.09
CA LYS D 30 -16.69 22.93 -12.56
C LYS D 30 -16.47 23.83 -13.80
N ARG D 31 -15.22 23.92 -14.25
CA ARG D 31 -14.82 24.93 -15.25
C ARG D 31 -15.44 24.74 -16.63
N GLU D 32 -15.52 23.48 -17.07
CA GLU D 32 -16.09 23.13 -18.36
C GLU D 32 -17.61 23.27 -18.41
N LEU D 33 -18.19 23.68 -17.29
CA LEU D 33 -19.62 23.93 -17.22
C LEU D 33 -19.93 25.28 -17.85
N SER D 34 -19.08 26.27 -17.57
CA SER D 34 -19.25 27.61 -18.11
C SER D 34 -18.94 27.63 -19.60
N ARG D 35 -17.95 26.84 -19.99
CA ARG D 35 -17.45 26.81 -21.35
C ARG D 35 -18.49 26.36 -22.35
N LEU D 36 -19.49 25.62 -21.91
CA LEU D 36 -20.51 25.18 -22.86
C LEU D 36 -21.63 26.19 -23.01
N LEU D 37 -21.57 27.28 -22.24
CA LEU D 37 -22.51 28.37 -22.43
C LEU D 37 -21.88 29.57 -23.15
N SER D 38 -20.58 29.75 -22.94
CA SER D 38 -19.88 30.92 -23.45
C SER D 38 -19.82 30.99 -24.98
N LYS D 39 -20.14 29.88 -25.64
CA LYS D 39 -20.07 29.80 -27.11
C LYS D 39 -21.09 30.70 -27.81
N ILE D 43 -22.31 36.10 -33.30
CA ILE D 43 -22.03 37.50 -33.57
C ILE D 43 -21.67 37.80 -35.02
N SER D 44 -22.42 38.73 -35.63
CA SER D 44 -22.14 39.19 -36.99
C SER D 44 -22.72 40.58 -37.23
N VAL D 45 -22.06 41.36 -38.08
CA VAL D 45 -22.55 42.69 -38.45
C VAL D 45 -23.29 42.69 -39.78
N GLN D 46 -24.49 43.22 -39.78
CA GLN D 46 -25.25 43.32 -41.01
C GLN D 46 -25.65 44.76 -41.30
N LEU D 47 -25.52 45.15 -42.58
CA LEU D 47 -26.00 46.44 -43.06
C LEU D 47 -27.50 46.35 -43.35
N GLU D 48 -28.26 47.34 -42.91
CA GLU D 48 -29.65 47.40 -43.27
C GLU D 48 -29.80 48.39 -44.43
N SER D 49 -30.06 47.88 -45.64
CA SER D 49 -29.91 48.69 -46.85
C SER D 49 -31.07 48.68 -47.85
N GLU D 50 -31.98 47.72 -47.74
CA GLU D 50 -33.15 47.60 -48.63
C GLU D 50 -32.80 47.19 -50.06
N ASP D 51 -32.14 46.03 -50.18
CA ASP D 51 -31.69 45.44 -51.43
C ASP D 51 -30.87 46.42 -52.28
N ALA D 52 -30.55 45.98 -53.50
CA ALA D 52 -29.80 46.76 -54.49
C ALA D 52 -29.94 46.15 -55.90
N PHE D 53 -30.50 44.94 -55.99
CA PHE D 53 -30.72 44.27 -57.26
C PHE D 53 -32.21 44.27 -57.61
N GLU D 54 -32.57 44.87 -58.73
CA GLU D 54 -33.98 44.95 -59.15
C GLU D 54 -34.57 43.57 -59.42
N GLU D 55 -35.89 43.47 -59.30
CA GLU D 55 -36.59 42.23 -59.62
C GLU D 55 -36.55 42.01 -61.11
N VAL D 56 -36.64 40.76 -61.51
CA VAL D 56 -36.74 40.40 -62.92
C VAL D 56 -38.22 40.21 -63.27
N PRO D 57 -38.57 40.29 -64.57
CA PRO D 57 -39.97 40.02 -64.94
C PRO D 57 -40.37 38.63 -64.47
N GLU D 58 -41.60 38.47 -63.97
CA GLU D 58 -42.02 37.20 -63.40
C GLU D 58 -42.11 36.11 -64.48
N GLU D 59 -42.19 36.55 -65.72
CA GLU D 59 -42.33 35.67 -66.89
C GLU D 59 -41.04 34.93 -67.18
N LEU D 60 -39.94 35.61 -66.87
CA LEU D 60 -38.62 35.07 -67.10
C LEU D 60 -38.36 33.88 -66.16
N TRP D 61 -39.10 33.80 -65.05
CA TRP D 61 -39.00 32.63 -64.16
C TRP D 61 -39.50 31.36 -64.85
N GLN D 62 -40.17 31.50 -65.99
CA GLN D 62 -40.64 30.37 -66.76
C GLN D 62 -39.66 29.92 -67.85
N TYR D 63 -38.49 30.55 -67.91
CA TYR D 63 -37.46 30.12 -68.83
C TYR D 63 -37.16 28.62 -68.65
N PRO D 64 -37.44 27.82 -69.68
CA PRO D 64 -37.40 26.35 -69.58
C PRO D 64 -36.04 25.68 -69.81
N HIS D 65 -34.97 26.43 -70.02
CA HIS D 65 -33.71 25.78 -70.37
C HIS D 65 -32.62 26.07 -69.32
N PRO D 66 -31.63 25.16 -69.18
CA PRO D 66 -30.54 25.37 -68.22
C PRO D 66 -29.71 26.60 -68.55
N ILE D 67 -29.39 27.41 -67.54
CA ILE D 67 -28.42 28.49 -67.70
C ILE D 67 -27.09 28.06 -67.11
N ASP D 68 -26.01 28.46 -67.77
CA ASP D 68 -24.69 28.10 -67.32
C ASP D 68 -24.16 29.13 -66.32
N LEU D 69 -24.19 28.76 -65.03
CA LEU D 69 -23.49 29.54 -64.02
C LEU D 69 -22.12 28.94 -64.09
N ASP D 70 -21.10 29.72 -63.73
CA ASP D 70 -19.71 29.29 -63.96
C ASP D 70 -19.44 28.89 -65.41
N PRO D 71 -19.19 29.88 -66.29
CA PRO D 71 -18.70 29.51 -67.62
C PRO D 71 -17.18 29.39 -67.68
N LEU D 72 -16.55 28.78 -66.65
CA LEU D 72 -15.13 28.36 -66.63
C LEU D 72 -14.62 27.70 -65.30
N ARG D 73 -14.77 28.40 -64.17
CA ARG D 73 -13.84 28.32 -63.02
C ARG D 73 -13.70 27.04 -62.16
N LEU D 74 -14.55 26.03 -62.33
CA LEU D 74 -14.52 24.92 -61.38
C LEU D 74 -13.41 23.87 -61.61
N GLU D 75 -12.60 24.07 -62.64
CA GLU D 75 -11.41 23.25 -62.85
C GLU D 75 -10.31 24.02 -63.60
N GLN D 78 -9.57 25.81 -60.43
CA GLN D 78 -9.46 25.14 -59.13
C GLN D 78 -10.82 24.97 -58.45
N PRO D 79 -11.19 23.71 -58.17
CA PRO D 79 -12.49 23.38 -57.57
C PRO D 79 -12.58 23.80 -56.10
N LEU D 80 -13.82 24.00 -55.64
CA LEU D 80 -14.08 24.43 -54.28
C LEU D 80 -14.04 23.27 -53.32
N ARG D 81 -13.35 23.46 -52.19
CA ARG D 81 -13.29 22.48 -51.10
C ARG D 81 -14.28 22.89 -50.02
N PHE D 82 -15.12 21.95 -49.58
CA PHE D 82 -16.15 22.28 -48.59
C PHE D 82 -15.82 21.71 -47.21
N ARG D 83 -16.51 22.23 -46.18
CA ARG D 83 -16.27 21.83 -44.79
C ARG D 83 -17.10 20.61 -44.38
N ARG D 84 -16.43 19.49 -44.17
CA ARG D 84 -17.06 18.31 -43.57
C ARG D 84 -17.12 18.49 -42.05
N PRO D 85 -18.34 18.54 -41.49
CA PRO D 85 -18.52 18.82 -40.06
C PRO D 85 -17.94 17.73 -39.15
N ARG D 86 -17.04 18.11 -38.26
CA ARG D 86 -16.46 17.19 -37.29
C ARG D 86 -17.52 16.70 -36.30
N GLY D 87 -17.62 15.37 -36.18
CA GLY D 87 -18.54 14.77 -35.23
C GLY D 87 -19.89 14.42 -35.82
N ALA D 88 -19.95 14.28 -37.13
CA ALA D 88 -21.22 14.05 -37.83
C ALA D 88 -21.47 12.56 -38.11
N ARG D 89 -22.71 12.25 -38.46
CA ARG D 89 -23.14 10.86 -38.69
C ARG D 89 -23.11 10.47 -40.18
N LEU D 90 -22.88 9.18 -40.45
CA LEU D 90 -22.83 8.65 -41.81
C LEU D 90 -23.57 7.30 -41.89
N ASP D 91 -24.64 7.24 -42.70
CA ASP D 91 -25.47 6.04 -42.79
C ASP D 91 -25.40 5.32 -44.13
N TYR D 92 -25.15 6.08 -45.19
CA TYR D 92 -25.11 5.55 -46.56
C TYR D 92 -26.39 4.82 -46.93
N ARG D 93 -27.53 5.51 -46.86
CA ARG D 93 -28.82 4.87 -47.10
C ARG D 93 -29.28 4.92 -48.54
N GLU D 94 -29.14 6.09 -49.16
CA GLU D 94 -29.65 6.39 -50.52
C GLU D 94 -31.18 6.42 -50.55
N ASP D 95 -31.80 6.27 -49.39
CA ASP D 95 -33.26 6.23 -49.29
C ASP D 95 -33.87 7.59 -49.60
N SER D 96 -33.07 8.64 -49.49
CA SER D 96 -33.52 10.01 -49.67
C SER D 96 -33.74 10.35 -51.14
N SER D 97 -34.45 11.45 -51.39
CA SER D 97 -34.80 11.85 -52.75
C SER D 97 -33.63 12.51 -53.48
N GLU D 98 -33.75 12.57 -54.81
CA GLU D 98 -32.73 13.14 -55.68
C GLU D 98 -32.71 14.66 -55.58
N ILE D 99 -31.59 15.26 -55.98
CA ILE D 99 -31.36 16.69 -55.75
C ILE D 99 -32.33 17.59 -56.53
N ALA D 100 -32.75 17.17 -57.73
CA ALA D 100 -33.69 17.97 -58.50
C ALA D 100 -35.13 17.77 -58.03
N ASP D 101 -35.31 16.91 -57.03
CA ASP D 101 -36.64 16.68 -56.44
C ASP D 101 -36.75 17.34 -55.06
N LEU D 102 -35.67 17.96 -54.62
CA LEU D 102 -35.63 18.63 -53.32
C LEU D 102 -36.37 19.96 -53.31
N PRO D 103 -37.00 20.30 -52.18
CA PRO D 103 -37.55 21.65 -52.04
C PRO D 103 -36.46 22.58 -51.49
N GLY D 104 -36.50 23.86 -51.80
CA GLY D 104 -37.41 24.44 -52.77
C GLY D 104 -36.98 25.91 -52.87
N MET D 105 -36.48 26.47 -54.00
CA MET D 105 -36.03 25.91 -55.30
C MET D 105 -37.15 25.84 -56.37
N GLY D 106 -37.06 26.74 -57.34
CA GLY D 106 -38.02 26.82 -58.43
C GLY D 106 -37.62 26.00 -59.63
N GLN D 107 -38.43 26.04 -60.68
CA GLN D 107 -38.22 25.18 -61.85
C GLN D 107 -36.94 25.50 -62.62
N LEU D 108 -36.63 26.77 -62.79
CA LEU D 108 -35.39 27.17 -63.41
C LEU D 108 -34.16 26.74 -62.58
N ALA D 109 -34.25 26.87 -61.26
CA ALA D 109 -33.18 26.37 -60.38
C ALA D 109 -32.99 24.86 -60.56
N ARG D 110 -34.11 24.16 -60.71
CA ARG D 110 -34.10 22.73 -60.96
C ARG D 110 -33.45 22.41 -62.27
N ALA D 111 -33.75 23.21 -63.30
CA ALA D 111 -33.19 23.00 -64.65
C ALA D 111 -31.68 23.24 -64.72
N CYS D 112 -31.18 24.23 -63.99
CA CYS D 112 -29.75 24.56 -64.06
C CYS D 112 -28.92 23.51 -63.34
N LEU D 113 -29.60 22.64 -62.60
CA LEU D 113 -28.95 21.55 -61.88
C LEU D 113 -28.77 20.31 -62.77
N SER D 114 -29.62 20.20 -63.79
CA SER D 114 -29.77 18.99 -64.59
C SER D 114 -28.47 18.26 -64.97
N GLY D 115 -27.63 18.91 -65.76
CA GLY D 115 -26.43 18.28 -66.31
C GLY D 115 -25.24 18.21 -65.36
N THR D 116 -25.31 18.97 -64.28
CA THR D 116 -24.22 18.98 -63.31
C THR D 116 -24.24 17.73 -62.43
N GLN D 117 -23.05 17.23 -62.11
CA GLN D 117 -22.93 16.09 -61.20
C GLN D 117 -22.62 16.57 -59.78
N LEU D 118 -22.84 15.71 -58.79
CA LEU D 118 -22.68 16.08 -57.38
C LEU D 118 -21.23 16.43 -57.03
N VAL D 119 -21.07 17.10 -55.91
CA VAL D 119 -19.75 17.39 -55.36
C VAL D 119 -19.16 16.10 -54.82
N ASP D 120 -17.94 15.79 -55.24
CA ASP D 120 -17.29 14.55 -54.83
C ASP D 120 -17.04 14.57 -53.32
N SER D 121 -17.12 13.39 -52.71
CA SER D 121 -16.85 13.26 -51.29
C SER D 121 -15.43 13.70 -50.97
N ALA D 122 -14.54 13.56 -51.94
CA ALA D 122 -13.16 13.98 -51.77
C ALA D 122 -13.02 15.49 -51.62
N ALA D 123 -14.03 16.24 -52.00
CA ALA D 123 -13.94 17.70 -52.02
C ALA D 123 -14.62 18.31 -50.78
N ILE D 124 -15.31 17.45 -50.04
CA ILE D 124 -15.85 17.79 -48.74
C ILE D 124 -14.96 17.16 -47.66
N VAL D 125 -14.11 17.98 -47.06
CA VAL D 125 -13.07 17.47 -46.17
C VAL D 125 -13.03 18.23 -44.84
N GLU D 126 -12.51 17.57 -43.80
CA GLU D 126 -12.44 18.16 -42.47
C GLU D 126 -11.36 19.24 -42.35
N SER D 127 -10.24 19.06 -43.04
CA SER D 127 -9.20 20.09 -43.00
C SER D 127 -8.27 20.10 -44.22
N ILE D 128 -7.35 21.08 -44.21
CA ILE D 128 -6.46 21.37 -45.32
C ILE D 128 -7.25 21.55 -46.61
#